data_2RHD
# 
_entry.id   2RHD 
# 
_audit_conform.dict_name       mmcif_pdbx.dic 
_audit_conform.dict_version    5.377 
_audit_conform.dict_location   http://mmcif.pdb.org/dictionaries/ascii/mmcif_pdbx.dic 
# 
loop_
_database_2.database_id 
_database_2.database_code 
_database_2.pdbx_database_accession 
_database_2.pdbx_DOI 
PDB   2RHD         pdb_00002rhd 10.2210/pdb2rhd/pdb 
RCSB  RCSB044861   ?            ?                   
WWPDB D_1000044861 ?            ?                   
# 
_pdbx_database_status.status_code                     REL 
_pdbx_database_status.entry_id                        2RHD 
_pdbx_database_status.recvd_initial_deposition_date   2007-10-09 
_pdbx_database_status.deposit_site                    RCSB 
_pdbx_database_status.process_site                    RCSB 
_pdbx_database_status.status_code_sf                  REL 
_pdbx_database_status.status_code_mr                  ? 
_pdbx_database_status.SG_entry                        Y 
_pdbx_database_status.pdb_format_compatible           Y 
_pdbx_database_status.status_code_cs                  ? 
_pdbx_database_status.status_code_nmr_data            ? 
_pdbx_database_status.methods_development_category    ? 
# 
loop_
_audit_author.name 
_audit_author.pdbx_ordinal 
'Dong, A.'                             1  
'Xu, X.'                               2  
'Lew, J.'                              3  
'Lin, Y.H.'                            4  
'Khuu, C.'                             5  
'Sun, X.'                              6  
'Qiu, W.'                              7  
'Kozieradzki, I.'                      8  
'Arrowsmith, C.H.'                     9  
'Edwards, A.M.'                        10 
'Weigelt, J.'                          11 
'Sundstrom, M.'                        12 
'Bochkarev, A.'                        13 
'Hui, R.'                              14 
'Sukumar, D.'                          15 
'Structural Genomics Consortium (SGC)' 16 
# 
_citation.id                        primary 
_citation.title                     'Crystal structure of Cryptosporidium parvum small GTPase RAB1A.' 
_citation.journal_abbrev            'To be Published' 
_citation.journal_volume            ? 
_citation.page_first                ? 
_citation.page_last                 ? 
_citation.year                      ? 
_citation.journal_id_ASTM           ? 
_citation.country                   ? 
_citation.journal_id_ISSN           ? 
_citation.journal_id_CSD            0353 
_citation.book_publisher            ? 
_citation.pdbx_database_id_PubMed   ? 
_citation.pdbx_database_id_DOI      ? 
# 
loop_
_citation_author.citation_id 
_citation_author.name 
_citation_author.ordinal 
_citation_author.identifier_ORCID 
primary 'Dong, A.'         1  ? 
primary 'Xu, X.'           2  ? 
primary 'Lew, J.'          3  ? 
primary 'Lin, Y.H.'        4  ? 
primary 'Khuu, C.'         5  ? 
primary 'Sun, X.'          6  ? 
primary 'Qiu, W.'          7  ? 
primary 'Kozieradzki, I.'  8  ? 
primary 'Arrowsmith, C.H.' 9  ? 
primary 'Edwards, A.M.'    10 ? 
primary 'Weigelt, J.'      11 ? 
primary 'Sundstrom, M.'    12 ? 
primary 'Bochkarev, A.'    13 ? 
primary 'Hui, R.'          14 ? 
primary 'Sukumar, D.'      15 ? 
# 
_cell.entry_id           2RHD 
_cell.length_a           107.385 
_cell.length_b           107.385 
_cell.length_c           45.226 
_cell.angle_alpha        90.00 
_cell.angle_beta         90.00 
_cell.angle_gamma        120.00 
_cell.Z_PDB              6 
_cell.pdbx_unique_axis   ? 
_cell.length_a_esd       ? 
_cell.length_b_esd       ? 
_cell.length_c_esd       ? 
_cell.angle_alpha_esd    ? 
_cell.angle_beta_esd     ? 
_cell.angle_gamma_esd    ? 
# 
_symmetry.entry_id                         2RHD 
_symmetry.space_group_name_H-M             'P 3 2 1' 
_symmetry.pdbx_full_space_group_name_H-M   ? 
_symmetry.cell_setting                     ? 
_symmetry.Int_Tables_number                150 
_symmetry.space_group_name_Hall            ? 
# 
loop_
_entity.id 
_entity.type 
_entity.src_method 
_entity.pdbx_description 
_entity.formula_weight 
_entity.pdbx_number_of_molecules 
_entity.pdbx_ec 
_entity.pdbx_mutation 
_entity.pdbx_fragment 
_entity.details 
1 polymer     man 'Small GTP binding protein rab1a' 19990.604 1   ? ? 'Residues 1-174' ? 
2 non-polymer syn 'MAGNESIUM ION'                   24.305    3   ? ? ?                ? 
3 non-polymer syn "GUANOSINE-5'-DIPHOSPHATE"        443.201   1   ? ? ?                ? 
4 water       nat water                             18.015    182 ? ? ?                ? 
# 
_entity_poly.entity_id                      1 
_entity_poly.type                           'polypeptide(L)' 
_entity_poly.nstd_linkage                   no 
_entity_poly.nstd_monomer                   no 
_entity_poly.pdbx_seq_one_letter_code       
;GMNPEYDYLFKLLLIGDSGVGKSCLLLRFADDTYTDSYISTIGVDFKIRTISLENKTVKLQIWDTAGQERFRTITSSYYR
GAHGIIIVYDVTDRDSFDNVKQWIQEIDRYAMENVNKLLVGNKCDLVSKRVVTSDEGRELADSHGIKFIETSAKNAYNVE
QAFHTMAGEIKKRVQ
;
_entity_poly.pdbx_seq_one_letter_code_can   
;GMNPEYDYLFKLLLIGDSGVGKSCLLLRFADDTYTDSYISTIGVDFKIRTISLENKTVKLQIWDTAGQERFRTITSSYYR
GAHGIIIVYDVTDRDSFDNVKQWIQEIDRYAMENVNKLLVGNKCDLVSKRVVTSDEGRELADSHGIKFIETSAKNAYNVE
QAFHTMAGEIKKRVQ
;
_entity_poly.pdbx_strand_id                 A 
_entity_poly.pdbx_target_identifier         ? 
# 
loop_
_entity_poly_seq.entity_id 
_entity_poly_seq.num 
_entity_poly_seq.mon_id 
_entity_poly_seq.hetero 
1 1   GLY n 
1 2   MET n 
1 3   ASN n 
1 4   PRO n 
1 5   GLU n 
1 6   TYR n 
1 7   ASP n 
1 8   TYR n 
1 9   LEU n 
1 10  PHE n 
1 11  LYS n 
1 12  LEU n 
1 13  LEU n 
1 14  LEU n 
1 15  ILE n 
1 16  GLY n 
1 17  ASP n 
1 18  SER n 
1 19  GLY n 
1 20  VAL n 
1 21  GLY n 
1 22  LYS n 
1 23  SER n 
1 24  CYS n 
1 25  LEU n 
1 26  LEU n 
1 27  LEU n 
1 28  ARG n 
1 29  PHE n 
1 30  ALA n 
1 31  ASP n 
1 32  ASP n 
1 33  THR n 
1 34  TYR n 
1 35  THR n 
1 36  ASP n 
1 37  SER n 
1 38  TYR n 
1 39  ILE n 
1 40  SER n 
1 41  THR n 
1 42  ILE n 
1 43  GLY n 
1 44  VAL n 
1 45  ASP n 
1 46  PHE n 
1 47  LYS n 
1 48  ILE n 
1 49  ARG n 
1 50  THR n 
1 51  ILE n 
1 52  SER n 
1 53  LEU n 
1 54  GLU n 
1 55  ASN n 
1 56  LYS n 
1 57  THR n 
1 58  VAL n 
1 59  LYS n 
1 60  LEU n 
1 61  GLN n 
1 62  ILE n 
1 63  TRP n 
1 64  ASP n 
1 65  THR n 
1 66  ALA n 
1 67  GLY n 
1 68  GLN n 
1 69  GLU n 
1 70  ARG n 
1 71  PHE n 
1 72  ARG n 
1 73  THR n 
1 74  ILE n 
1 75  THR n 
1 76  SER n 
1 77  SER n 
1 78  TYR n 
1 79  TYR n 
1 80  ARG n 
1 81  GLY n 
1 82  ALA n 
1 83  HIS n 
1 84  GLY n 
1 85  ILE n 
1 86  ILE n 
1 87  ILE n 
1 88  VAL n 
1 89  TYR n 
1 90  ASP n 
1 91  VAL n 
1 92  THR n 
1 93  ASP n 
1 94  ARG n 
1 95  ASP n 
1 96  SER n 
1 97  PHE n 
1 98  ASP n 
1 99  ASN n 
1 100 VAL n 
1 101 LYS n 
1 102 GLN n 
1 103 TRP n 
1 104 ILE n 
1 105 GLN n 
1 106 GLU n 
1 107 ILE n 
1 108 ASP n 
1 109 ARG n 
1 110 TYR n 
1 111 ALA n 
1 112 MET n 
1 113 GLU n 
1 114 ASN n 
1 115 VAL n 
1 116 ASN n 
1 117 LYS n 
1 118 LEU n 
1 119 LEU n 
1 120 VAL n 
1 121 GLY n 
1 122 ASN n 
1 123 LYS n 
1 124 CYS n 
1 125 ASP n 
1 126 LEU n 
1 127 VAL n 
1 128 SER n 
1 129 LYS n 
1 130 ARG n 
1 131 VAL n 
1 132 VAL n 
1 133 THR n 
1 134 SER n 
1 135 ASP n 
1 136 GLU n 
1 137 GLY n 
1 138 ARG n 
1 139 GLU n 
1 140 LEU n 
1 141 ALA n 
1 142 ASP n 
1 143 SER n 
1 144 HIS n 
1 145 GLY n 
1 146 ILE n 
1 147 LYS n 
1 148 PHE n 
1 149 ILE n 
1 150 GLU n 
1 151 THR n 
1 152 SER n 
1 153 ALA n 
1 154 LYS n 
1 155 ASN n 
1 156 ALA n 
1 157 TYR n 
1 158 ASN n 
1 159 VAL n 
1 160 GLU n 
1 161 GLN n 
1 162 ALA n 
1 163 PHE n 
1 164 HIS n 
1 165 THR n 
1 166 MET n 
1 167 ALA n 
1 168 GLY n 
1 169 GLU n 
1 170 ILE n 
1 171 LYS n 
1 172 LYS n 
1 173 ARG n 
1 174 VAL n 
1 175 GLN n 
# 
_entity_src_gen.entity_id                          1 
_entity_src_gen.pdbx_src_id                        1 
_entity_src_gen.pdbx_alt_source_flag               sample 
_entity_src_gen.pdbx_seq_type                      ? 
_entity_src_gen.pdbx_beg_seq_num                   ? 
_entity_src_gen.pdbx_end_seq_num                   ? 
_entity_src_gen.gene_src_common_name               ? 
_entity_src_gen.gene_src_genus                     Cryptosporidium 
_entity_src_gen.pdbx_gene_src_gene                 ? 
_entity_src_gen.gene_src_species                   ? 
_entity_src_gen.gene_src_strain                    ? 
_entity_src_gen.gene_src_tissue                    ? 
_entity_src_gen.gene_src_tissue_fraction           ? 
_entity_src_gen.gene_src_details                   ? 
_entity_src_gen.pdbx_gene_src_fragment             ? 
_entity_src_gen.pdbx_gene_src_scientific_name      'Cryptosporidium parvum' 
_entity_src_gen.pdbx_gene_src_ncbi_taxonomy_id     5807 
_entity_src_gen.pdbx_gene_src_variant              ? 
_entity_src_gen.pdbx_gene_src_cell_line            ? 
_entity_src_gen.pdbx_gene_src_atcc                 ? 
_entity_src_gen.pdbx_gene_src_organ                ? 
_entity_src_gen.pdbx_gene_src_organelle            ? 
_entity_src_gen.pdbx_gene_src_cell                 ? 
_entity_src_gen.pdbx_gene_src_cellular_location    ? 
_entity_src_gen.host_org_common_name               ? 
_entity_src_gen.pdbx_host_org_scientific_name      'Escherichia coli' 
_entity_src_gen.pdbx_host_org_ncbi_taxonomy_id     562 
_entity_src_gen.host_org_genus                     Escherichia 
_entity_src_gen.pdbx_host_org_gene                 ? 
_entity_src_gen.pdbx_host_org_organ                ? 
_entity_src_gen.host_org_species                   ? 
_entity_src_gen.pdbx_host_org_tissue               ? 
_entity_src_gen.pdbx_host_org_tissue_fraction      ? 
_entity_src_gen.pdbx_host_org_strain               'BL21 Rosetta-R3' 
_entity_src_gen.pdbx_host_org_variant              ? 
_entity_src_gen.pdbx_host_org_cell_line            ? 
_entity_src_gen.pdbx_host_org_atcc                 ? 
_entity_src_gen.pdbx_host_org_culture_collection   ? 
_entity_src_gen.pdbx_host_org_cell                 ? 
_entity_src_gen.pdbx_host_org_organelle            ? 
_entity_src_gen.pdbx_host_org_cellular_location    ? 
_entity_src_gen.pdbx_host_org_vector_type          Plasmid 
_entity_src_gen.pdbx_host_org_vector               ? 
_entity_src_gen.host_org_details                   ? 
_entity_src_gen.expression_system_id               ? 
_entity_src_gen.plasmid_name                       'p15-tev-lic derived from pET15' 
_entity_src_gen.plasmid_details                    ? 
_entity_src_gen.pdbx_description                   ? 
# 
_struct_ref.id                         1 
_struct_ref.db_name                    UNP 
_struct_ref.db_code                    Q7YYW6_CRYPV 
_struct_ref.pdbx_db_accession          Q7YYW6 
_struct_ref.entity_id                  1 
_struct_ref.pdbx_seq_one_letter_code   
;MNPEYDYLFKLLLIGDSGVGKSCLLLRFADDTYTDSYISTIGVDFKIRTISLENKTVKLQIWDTAGQERFRTITSSYYRG
AHGIIIVYDVTDRDSFDNVKQWIQEIDRYAMENVNKLLVGNKCDLVSKRVVTSDEGRELADSHGIKFIETSAKNAYNVEQ
AFHTMAGEIKKRVQ
;
_struct_ref.pdbx_align_begin           1 
_struct_ref.pdbx_db_isoform            ? 
# 
_struct_ref_seq.align_id                      1 
_struct_ref_seq.ref_id                        1 
_struct_ref_seq.pdbx_PDB_id_code              2RHD 
_struct_ref_seq.pdbx_strand_id                A 
_struct_ref_seq.seq_align_beg                 2 
_struct_ref_seq.pdbx_seq_align_beg_ins_code   ? 
_struct_ref_seq.seq_align_end                 175 
_struct_ref_seq.pdbx_seq_align_end_ins_code   ? 
_struct_ref_seq.pdbx_db_accession             Q7YYW6 
_struct_ref_seq.db_align_beg                  1 
_struct_ref_seq.pdbx_db_align_beg_ins_code    ? 
_struct_ref_seq.db_align_end                  174 
_struct_ref_seq.pdbx_db_align_end_ins_code    ? 
_struct_ref_seq.pdbx_auth_seq_align_beg       2 
_struct_ref_seq.pdbx_auth_seq_align_end       175 
# 
_struct_ref_seq_dif.align_id                     1 
_struct_ref_seq_dif.pdbx_pdb_id_code             2RHD 
_struct_ref_seq_dif.mon_id                       GLY 
_struct_ref_seq_dif.pdbx_pdb_strand_id           A 
_struct_ref_seq_dif.seq_num                      1 
_struct_ref_seq_dif.pdbx_pdb_ins_code            ? 
_struct_ref_seq_dif.pdbx_seq_db_name             UNP 
_struct_ref_seq_dif.pdbx_seq_db_accession_code   Q7YYW6 
_struct_ref_seq_dif.db_mon_id                    ? 
_struct_ref_seq_dif.pdbx_seq_db_seq_num          ? 
_struct_ref_seq_dif.details                      'expression tag' 
_struct_ref_seq_dif.pdbx_auth_seq_num            1 
_struct_ref_seq_dif.pdbx_ordinal                 1 
# 
loop_
_chem_comp.id 
_chem_comp.type 
_chem_comp.mon_nstd_flag 
_chem_comp.name 
_chem_comp.pdbx_synonyms 
_chem_comp.formula 
_chem_comp.formula_weight 
ALA 'L-peptide linking' y ALANINE                    ? 'C3 H7 N O2'        89.093  
ARG 'L-peptide linking' y ARGININE                   ? 'C6 H15 N4 O2 1'    175.209 
ASN 'L-peptide linking' y ASPARAGINE                 ? 'C4 H8 N2 O3'       132.118 
ASP 'L-peptide linking' y 'ASPARTIC ACID'            ? 'C4 H7 N O4'        133.103 
CYS 'L-peptide linking' y CYSTEINE                   ? 'C3 H7 N O2 S'      121.158 
GDP 'RNA linking'       n "GUANOSINE-5'-DIPHOSPHATE" ? 'C10 H15 N5 O11 P2' 443.201 
GLN 'L-peptide linking' y GLUTAMINE                  ? 'C5 H10 N2 O3'      146.144 
GLU 'L-peptide linking' y 'GLUTAMIC ACID'            ? 'C5 H9 N O4'        147.129 
GLY 'peptide linking'   y GLYCINE                    ? 'C2 H5 N O2'        75.067  
HIS 'L-peptide linking' y HISTIDINE                  ? 'C6 H10 N3 O2 1'    156.162 
HOH non-polymer         . WATER                      ? 'H2 O'              18.015  
ILE 'L-peptide linking' y ISOLEUCINE                 ? 'C6 H13 N O2'       131.173 
LEU 'L-peptide linking' y LEUCINE                    ? 'C6 H13 N O2'       131.173 
LYS 'L-peptide linking' y LYSINE                     ? 'C6 H15 N2 O2 1'    147.195 
MET 'L-peptide linking' y METHIONINE                 ? 'C5 H11 N O2 S'     149.211 
MG  non-polymer         . 'MAGNESIUM ION'            ? 'Mg 2'              24.305  
PHE 'L-peptide linking' y PHENYLALANINE              ? 'C9 H11 N O2'       165.189 
PRO 'L-peptide linking' y PROLINE                    ? 'C5 H9 N O2'        115.130 
SER 'L-peptide linking' y SERINE                     ? 'C3 H7 N O3'        105.093 
THR 'L-peptide linking' y THREONINE                  ? 'C4 H9 N O3'        119.119 
TRP 'L-peptide linking' y TRYPTOPHAN                 ? 'C11 H12 N2 O2'     204.225 
TYR 'L-peptide linking' y TYROSINE                   ? 'C9 H11 N O3'       181.189 
VAL 'L-peptide linking' y VALINE                     ? 'C5 H11 N O2'       117.146 
# 
_exptl.entry_id          2RHD 
_exptl.method            'X-RAY DIFFRACTION' 
_exptl.crystals_number   1 
# 
_exptl_crystal.id                    1 
_exptl_crystal.density_meas          ? 
_exptl_crystal.density_Matthews      3.77 
_exptl_crystal.density_percent_sol   67.34 
_exptl_crystal.description           ? 
_exptl_crystal.F_000                 ? 
_exptl_crystal.preparation           ? 
# 
_exptl_crystal_grow.crystal_id      1 
_exptl_crystal_grow.method          'VAPOR DIFFUSION, SITTING DROP' 
_exptl_crystal_grow.temp            297 
_exptl_crystal_grow.temp_details    ? 
_exptl_crystal_grow.pH              ? 
_exptl_crystal_grow.pdbx_details    '0.2M CaCl2, 20% PEG 3350, VAPOR DIFFUSION, SITTING DROP, temperature 297K' 
_exptl_crystal_grow.pdbx_pH_range   . 
# 
_diffrn.id                     1 
_diffrn.ambient_temp           100 
_diffrn.ambient_temp_details   ? 
_diffrn.crystal_id             1 
# 
_diffrn_detector.diffrn_id              1 
_diffrn_detector.detector               CCD 
_diffrn_detector.type                   'ADSC QUANTUM 315' 
_diffrn_detector.pdbx_collection_date   2007-07-22 
_diffrn_detector.details                ? 
# 
_diffrn_radiation.diffrn_id                        1 
_diffrn_radiation.wavelength_id                    1 
_diffrn_radiation.pdbx_monochromatic_or_laue_m_l   M 
_diffrn_radiation.monochromator                    ? 
_diffrn_radiation.pdbx_diffrn_protocol             'SINGLE WAVELENGTH' 
_diffrn_radiation.pdbx_scattering_type             x-ray 
# 
_diffrn_radiation_wavelength.id           1 
_diffrn_radiation_wavelength.wavelength   0.97942 
_diffrn_radiation_wavelength.wt           1.0 
# 
_diffrn_source.diffrn_id                   1 
_diffrn_source.source                      SYNCHROTRON 
_diffrn_source.type                        'APS BEAMLINE 19-ID' 
_diffrn_source.pdbx_synchrotron_site       APS 
_diffrn_source.pdbx_synchrotron_beamline   19-ID 
_diffrn_source.pdbx_wavelength             ? 
_diffrn_source.pdbx_wavelength_list        0.97942 
# 
_reflns.entry_id                     2RHD 
_reflns.observed_criterion_sigma_F   0 
_reflns.observed_criterion_sigma_I   0 
_reflns.d_resolution_high            2.06 
_reflns.d_resolution_low             50 
_reflns.number_all                   18805 
_reflns.number_obs                   18805 
_reflns.percent_possible_obs         99.6 
_reflns.pdbx_Rmerge_I_obs            0.088 
_reflns.pdbx_Rsym_value              0.088 
_reflns.pdbx_netI_over_sigmaI        9.8 
_reflns.B_iso_Wilson_estimate        25.8 
_reflns.pdbx_redundancy              6.0 
_reflns.R_free_details               ? 
_reflns.limit_h_max                  ? 
_reflns.limit_h_min                  ? 
_reflns.limit_k_max                  ? 
_reflns.limit_k_min                  ? 
_reflns.limit_l_max                  ? 
_reflns.limit_l_min                  ? 
_reflns.observed_criterion_F_max     ? 
_reflns.observed_criterion_F_min     ? 
_reflns.pdbx_chi_squared             ? 
_reflns.pdbx_scaling_rejects         ? 
_reflns.pdbx_diffrn_id               1 
_reflns.pdbx_ordinal                 1 
# 
_reflns_shell.d_res_high             2.06 
_reflns_shell.d_res_low              2.13 
_reflns_shell.percent_possible_all   99.5 
_reflns_shell.Rmerge_I_obs           0.321 
_reflns_shell.pdbx_Rsym_value        0.321 
_reflns_shell.meanI_over_sigI_obs    4.92 
_reflns_shell.pdbx_redundancy        4.7 
_reflns_shell.percent_possible_obs   ? 
_reflns_shell.number_unique_all      1838 
_reflns_shell.number_measured_all    ? 
_reflns_shell.number_measured_obs    ? 
_reflns_shell.number_unique_obs      ? 
_reflns_shell.pdbx_chi_squared       ? 
_reflns_shell.pdbx_diffrn_id         ? 
_reflns_shell.pdbx_ordinal           1 
# 
_refine.entry_id                                 2RHD 
_refine.ls_number_reflns_obs                     18186 
_refine.ls_number_reflns_all                     18186 
_refine.pdbx_ls_sigma_I                          0 
_refine.pdbx_ls_sigma_F                          0 
_refine.pdbx_data_cutoff_high_absF               ? 
_refine.pdbx_data_cutoff_low_absF                ? 
_refine.pdbx_data_cutoff_high_rms_absF           ? 
_refine.ls_d_res_low                             50.00 
_refine.ls_d_res_high                            2.06 
_refine.ls_percent_reflns_obs                    99.41 
_refine.ls_R_factor_obs                          0.18064 
_refine.ls_R_factor_all                          0.18064 
_refine.ls_R_factor_R_work                       0.17969 
_refine.ls_R_factor_R_free                       0.2089 
_refine.ls_R_factor_R_free_error                 ? 
_refine.ls_R_factor_R_free_error_details         ? 
_refine.ls_percent_reflns_R_free                 3.2 
_refine.ls_number_reflns_R_free                  601 
_refine.ls_number_parameters                     ? 
_refine.ls_number_restraints                     ? 
_refine.occupancy_min                            ? 
_refine.occupancy_max                            ? 
_refine.correlation_coeff_Fo_to_Fc               0.951 
_refine.correlation_coeff_Fo_to_Fc_free          0.942 
_refine.B_iso_mean                               27.802 
_refine.aniso_B[1][1]                            1.01 
_refine.aniso_B[2][2]                            1.01 
_refine.aniso_B[3][3]                            -1.52 
_refine.aniso_B[1][2]                            0.51 
_refine.aniso_B[1][3]                            0.00 
_refine.aniso_B[2][3]                            0.00 
_refine.solvent_model_details                    MASK 
_refine.solvent_model_param_ksol                 ? 
_refine.solvent_model_param_bsol                 ? 
_refine.pdbx_solvent_vdw_probe_radii             1.40 
_refine.pdbx_solvent_ion_probe_radii             0.80 
_refine.pdbx_solvent_shrinkage_radii             0.80 
_refine.pdbx_ls_cross_valid_method               THROUGHOUT 
_refine.details                                  
'HYDROGENS HAVE BEEN ADDED IN THE RIDING POSITIONS. Program COOT 0.1.2 has also been used in refinement.' 
_refine.pdbx_starting_model                      'PDB entry 2F9L' 
_refine.pdbx_method_to_determine_struct          'MOLECULAR REPLACEMENT' 
_refine.pdbx_isotropic_thermal_model             ? 
_refine.pdbx_stereochemistry_target_values       'MAXIMUM LIKELIHOOD' 
_refine.pdbx_stereochem_target_val_spec_case     ? 
_refine.pdbx_R_Free_selection_details            RANDOM 
_refine.pdbx_overall_ESU_R                       0.132 
_refine.pdbx_overall_ESU_R_Free                  0.126 
_refine.overall_SU_ML                            0.081 
_refine.overall_SU_B                             2.930 
_refine.ls_redundancy_reflns_obs                 ? 
_refine.B_iso_min                                ? 
_refine.B_iso_max                                ? 
_refine.overall_SU_R_Cruickshank_DPI             ? 
_refine.overall_SU_R_free                        ? 
_refine.ls_wR_factor_R_free                      ? 
_refine.ls_wR_factor_R_work                      ? 
_refine.overall_FOM_free_R_set                   ? 
_refine.overall_FOM_work_R_set                   ? 
_refine.pdbx_refine_id                           'X-RAY DIFFRACTION' 
_refine.pdbx_diffrn_id                           1 
_refine.pdbx_TLS_residual_ADP_flag               ? 
_refine.pdbx_overall_phase_error                 ? 
_refine.pdbx_overall_SU_R_free_Cruickshank_DPI   ? 
_refine.pdbx_overall_SU_R_Blow_DPI               ? 
_refine.pdbx_overall_SU_R_free_Blow_DPI          ? 
# 
_refine_hist.pdbx_refine_id                   'X-RAY DIFFRACTION' 
_refine_hist.cycle_id                         LAST 
_refine_hist.pdbx_number_atoms_protein        1296 
_refine_hist.pdbx_number_atoms_nucleic_acid   0 
_refine_hist.pdbx_number_atoms_ligand         31 
_refine_hist.number_atoms_solvent             182 
_refine_hist.number_atoms_total               1509 
_refine_hist.d_res_high                       2.06 
_refine_hist.d_res_low                        50.00 
# 
loop_
_refine_ls_restr.type 
_refine_ls_restr.dev_ideal 
_refine_ls_restr.dev_ideal_target 
_refine_ls_restr.weight 
_refine_ls_restr.number 
_refine_ls_restr.pdbx_refine_id 
_refine_ls_restr.pdbx_restraint_function 
r_bond_refined_d             0.011  0.022  ? 1347 'X-RAY DIFFRACTION' ? 
r_bond_other_d               ?      ?      ? ?    'X-RAY DIFFRACTION' ? 
r_angle_refined_deg          1.155  1.973  ? 1826 'X-RAY DIFFRACTION' ? 
r_angle_other_deg            ?      ?      ? ?    'X-RAY DIFFRACTION' ? 
r_dihedral_angle_1_deg       5.462  5.000  ? 162  'X-RAY DIFFRACTION' ? 
r_dihedral_angle_2_deg       34.525 24.194 ? 62   'X-RAY DIFFRACTION' ? 
r_dihedral_angle_3_deg       12.926 15.000 ? 231  'X-RAY DIFFRACTION' ? 
r_dihedral_angle_4_deg       10.955 15.000 ? 8    'X-RAY DIFFRACTION' ? 
r_chiral_restr               0.077  0.200  ? 207  'X-RAY DIFFRACTION' ? 
r_gen_planes_refined         0.004  0.020  ? 992  'X-RAY DIFFRACTION' ? 
r_gen_planes_other           ?      ?      ? ?    'X-RAY DIFFRACTION' ? 
r_nbd_refined                0.188  0.200  ? 586  'X-RAY DIFFRACTION' ? 
r_nbd_other                  ?      ?      ? ?    'X-RAY DIFFRACTION' ? 
r_nbtor_refined              0.300  0.200  ? 925  'X-RAY DIFFRACTION' ? 
r_nbtor_other                ?      ?      ? ?    'X-RAY DIFFRACTION' ? 
r_xyhbond_nbd_refined        0.113  0.200  ? 122  'X-RAY DIFFRACTION' ? 
r_xyhbond_nbd_other          ?      ?      ? ?    'X-RAY DIFFRACTION' ? 
r_metal_ion_refined          ?      ?      ? ?    'X-RAY DIFFRACTION' ? 
r_metal_ion_other            ?      ?      ? ?    'X-RAY DIFFRACTION' ? 
r_symmetry_vdw_refined       0.196  0.200  ? 24   'X-RAY DIFFRACTION' ? 
r_symmetry_vdw_other         ?      ?      ? ?    'X-RAY DIFFRACTION' ? 
r_symmetry_hbond_refined     0.126  0.200  ? 15   'X-RAY DIFFRACTION' ? 
r_symmetry_hbond_other       ?      ?      ? ?    'X-RAY DIFFRACTION' ? 
r_symmetry_metal_ion_refined ?      ?      ? ?    'X-RAY DIFFRACTION' ? 
r_symmetry_metal_ion_other   ?      ?      ? ?    'X-RAY DIFFRACTION' ? 
r_mcbond_it                  0.793  1.500  ? 835  'X-RAY DIFFRACTION' ? 
r_mcbond_other               ?      ?      ? ?    'X-RAY DIFFRACTION' ? 
r_mcangle_it                 1.400  2.000  ? 1301 'X-RAY DIFFRACTION' ? 
r_scbond_it                  2.054  3.000  ? 604  'X-RAY DIFFRACTION' ? 
r_scangle_it                 3.104  4.500  ? 525  'X-RAY DIFFRACTION' ? 
r_rigid_bond_restr           ?      ?      ? ?    'X-RAY DIFFRACTION' ? 
r_sphericity_free            ?      ?      ? ?    'X-RAY DIFFRACTION' ? 
r_sphericity_bonded          ?      ?      ? ?    'X-RAY DIFFRACTION' ? 
# 
_refine_ls_shell.pdbx_total_number_of_bins_used   20 
_refine_ls_shell.d_res_high                       2.06 
_refine_ls_shell.d_res_low                        2.11 
_refine_ls_shell.number_reflns_R_work             1306 
_refine_ls_shell.R_factor_R_work                  0.198 
_refine_ls_shell.percent_reflns_obs               98.18 
_refine_ls_shell.R_factor_R_free                  0.247 
_refine_ls_shell.R_factor_R_free_error            ? 
_refine_ls_shell.percent_reflns_R_free            ? 
_refine_ls_shell.number_reflns_R_free             40 
_refine_ls_shell.number_reflns_all                ? 
_refine_ls_shell.R_factor_all                     ? 
_refine_ls_shell.number_reflns_obs                ? 
_refine_ls_shell.redundancy_reflns_obs            ? 
_refine_ls_shell.pdbx_refine_id                   'X-RAY DIFFRACTION' 
# 
_struct.entry_id                  2RHD 
_struct.title                     'Crystal structure of Cryptosporidium parvum small GTPase RAB1A' 
_struct.pdbx_model_details        ? 
_struct.pdbx_CASP_flag            ? 
_struct.pdbx_model_type_details   ? 
# 
_struct_keywords.entry_id        2RHD 
_struct_keywords.pdbx_keywords   'NUCLEOTIDE BINDING PROTEIN' 
_struct_keywords.text            
;GTPase, RAB1A, Cryptosporidium parvum, SGC, in situ, proteolysis, GTP-binding, Nucleotide-binding, NUCLEOTIDE BINDING PROTEIN, Structural Genomics, Structural Genomics Consortium
;
# 
loop_
_struct_asym.id 
_struct_asym.pdbx_blank_PDB_chainid_flag 
_struct_asym.pdbx_modified 
_struct_asym.entity_id 
_struct_asym.details 
A N N 1 ? 
B N N 2 ? 
C N N 2 ? 
D N N 2 ? 
E N N 3 ? 
F N N 4 ? 
# 
_struct_biol.id        1 
_struct_biol.details   'Authors state that the biological unit of this protein is unknown.' 
# 
loop_
_struct_conf.conf_type_id 
_struct_conf.id 
_struct_conf.pdbx_PDB_helix_id 
_struct_conf.beg_label_comp_id 
_struct_conf.beg_label_asym_id 
_struct_conf.beg_label_seq_id 
_struct_conf.pdbx_beg_PDB_ins_code 
_struct_conf.end_label_comp_id 
_struct_conf.end_label_asym_id 
_struct_conf.end_label_seq_id 
_struct_conf.pdbx_end_PDB_ins_code 
_struct_conf.beg_auth_comp_id 
_struct_conf.beg_auth_asym_id 
_struct_conf.beg_auth_seq_id 
_struct_conf.end_auth_comp_id 
_struct_conf.end_auth_asym_id 
_struct_conf.end_auth_seq_id 
_struct_conf.pdbx_PDB_helix_class 
_struct_conf.details 
_struct_conf.pdbx_PDB_helix_length 
HELX_P HELX_P1 1 GLY A 21  ? ASP A 32  ? GLY A 21  ASP A 32  1 ? 12 
HELX_P HELX_P2 2 ASP A 93  ? ASN A 99  ? ASP A 93  ASN A 99  1 ? 7  
HELX_P HELX_P3 3 ASN A 99  ? ALA A 111 ? ASN A 99  ALA A 111 1 ? 13 
HELX_P HELX_P4 4 LEU A 126 ? ARG A 130 ? LEU A 126 ARG A 130 5 ? 5  
HELX_P HELX_P5 5 THR A 133 ? HIS A 144 ? THR A 133 HIS A 144 1 ? 12 
HELX_P HELX_P6 6 ASN A 158 ? GLN A 175 ? ASN A 158 GLN A 175 1 ? 18 
# 
_struct_conf_type.id          HELX_P 
_struct_conf_type.criteria    ? 
_struct_conf_type.reference   ? 
# 
loop_
_struct_conn.id 
_struct_conn.conn_type_id 
_struct_conn.pdbx_leaving_atom_flag 
_struct_conn.pdbx_PDB_id 
_struct_conn.ptnr1_label_asym_id 
_struct_conn.ptnr1_label_comp_id 
_struct_conn.ptnr1_label_seq_id 
_struct_conn.ptnr1_label_atom_id 
_struct_conn.pdbx_ptnr1_label_alt_id 
_struct_conn.pdbx_ptnr1_PDB_ins_code 
_struct_conn.pdbx_ptnr1_standard_comp_id 
_struct_conn.ptnr1_symmetry 
_struct_conn.ptnr2_label_asym_id 
_struct_conn.ptnr2_label_comp_id 
_struct_conn.ptnr2_label_seq_id 
_struct_conn.ptnr2_label_atom_id 
_struct_conn.pdbx_ptnr2_label_alt_id 
_struct_conn.pdbx_ptnr2_PDB_ins_code 
_struct_conn.ptnr1_auth_asym_id 
_struct_conn.ptnr1_auth_comp_id 
_struct_conn.ptnr1_auth_seq_id 
_struct_conn.ptnr2_auth_asym_id 
_struct_conn.ptnr2_auth_comp_id 
_struct_conn.ptnr2_auth_seq_id 
_struct_conn.ptnr2_symmetry 
_struct_conn.pdbx_ptnr3_label_atom_id 
_struct_conn.pdbx_ptnr3_label_seq_id 
_struct_conn.pdbx_ptnr3_label_comp_id 
_struct_conn.pdbx_ptnr3_label_asym_id 
_struct_conn.pdbx_ptnr3_label_alt_id 
_struct_conn.pdbx_ptnr3_PDB_ins_code 
_struct_conn.details 
_struct_conn.pdbx_dist_value 
_struct_conn.pdbx_value_order 
_struct_conn.pdbx_role 
metalc1  metalc ? ? A SER 23 OG  ? ? ? 1_555 B MG  . MG  ? ? A SER 23   A MG  1001 1_555 ? ? ? ? ? ? ? 2.360 ? ? 
metalc2  metalc ? ? A ASP 95 OD2 ? ? ? 1_555 C MG  . MG  ? ? A ASP 95   A MG  1002 1_555 ? ? ? ? ? ? ? 2.436 ? ? 
metalc3  metalc ? ? A ASP 95 OD1 ? ? ? 1_555 D MG  . MG  ? ? A ASP 95   A MG  1003 1_555 ? ? ? ? ? ? ? 2.414 ? ? 
metalc4  metalc ? ? B MG  .  MG  ? ? ? 1_555 E GDP . O3B ? ? A MG  1001 A GDP 3800 1_555 ? ? ? ? ? ? ? 2.230 ? ? 
metalc5  metalc ? ? B MG  .  MG  ? ? ? 1_555 F HOH . O   ? ? A MG  1001 A HOH 3808 1_555 ? ? ? ? ? ? ? 2.351 ? ? 
metalc6  metalc ? ? B MG  .  MG  ? ? ? 1_555 F HOH . O   ? ? A MG  1001 A HOH 3809 1_555 ? ? ? ? ? ? ? 2.285 ? ? 
metalc7  metalc ? ? B MG  .  MG  ? ? ? 1_555 F HOH . O   ? ? A MG  1001 A HOH 3834 1_555 ? ? ? ? ? ? ? 2.265 ? ? 
metalc8  metalc ? ? B MG  .  MG  ? ? ? 1_555 F HOH . O   ? ? A MG  1001 A HOH 3861 1_555 ? ? ? ? ? ? ? 2.314 ? ? 
metalc9  metalc ? ? C MG  .  MG  ? ? ? 1_555 F HOH . O   ? ? A MG  1002 A HOH 3806 1_555 ? ? ? ? ? ? ? 2.399 ? ? 
metalc10 metalc ? ? C MG  .  MG  ? ? ? 1_555 F HOH . O   ? ? A MG  1002 A HOH 3831 1_555 ? ? ? ? ? ? ? 2.432 ? ? 
metalc11 metalc ? ? D MG  .  MG  ? ? ? 1_555 F HOH . O   ? ? A MG  1003 A HOH 3816 1_555 ? ? ? ? ? ? ? 2.288 ? ? 
# 
_struct_conn_type.id          metalc 
_struct_conn_type.criteria    ? 
_struct_conn_type.reference   ? 
# 
_struct_sheet.id               A 
_struct_sheet.type             ? 
_struct_sheet.number_strands   6 
_struct_sheet.details          ? 
# 
loop_
_struct_sheet_order.sheet_id 
_struct_sheet_order.range_id_1 
_struct_sheet_order.range_id_2 
_struct_sheet_order.offset 
_struct_sheet_order.sense 
A 1 2 ? anti-parallel 
A 2 3 ? parallel      
A 3 4 ? parallel      
A 4 5 ? parallel      
A 5 6 ? parallel      
# 
loop_
_struct_sheet_range.sheet_id 
_struct_sheet_range.id 
_struct_sheet_range.beg_label_comp_id 
_struct_sheet_range.beg_label_asym_id 
_struct_sheet_range.beg_label_seq_id 
_struct_sheet_range.pdbx_beg_PDB_ins_code 
_struct_sheet_range.end_label_comp_id 
_struct_sheet_range.end_label_asym_id 
_struct_sheet_range.end_label_seq_id 
_struct_sheet_range.pdbx_end_PDB_ins_code 
_struct_sheet_range.beg_auth_comp_id 
_struct_sheet_range.beg_auth_asym_id 
_struct_sheet_range.beg_auth_seq_id 
_struct_sheet_range.end_auth_comp_id 
_struct_sheet_range.end_auth_asym_id 
_struct_sheet_range.end_auth_seq_id 
A 1 LYS A 47  ? LEU A 53  ? LYS A 47  LEU A 53  
A 2 LYS A 56  ? TRP A 63  ? LYS A 56  TRP A 63  
A 3 TYR A 8   ? ILE A 15  ? TYR A 8   ILE A 15  
A 4 GLY A 84  ? ASP A 90  ? GLY A 84  ASP A 90  
A 5 ASN A 116 ? ASN A 122 ? ASN A 116 ASN A 122 
A 6 LYS A 147 ? GLU A 150 ? LYS A 147 GLU A 150 
# 
loop_
_pdbx_struct_sheet_hbond.sheet_id 
_pdbx_struct_sheet_hbond.range_id_1 
_pdbx_struct_sheet_hbond.range_id_2 
_pdbx_struct_sheet_hbond.range_1_label_atom_id 
_pdbx_struct_sheet_hbond.range_1_label_comp_id 
_pdbx_struct_sheet_hbond.range_1_label_asym_id 
_pdbx_struct_sheet_hbond.range_1_label_seq_id 
_pdbx_struct_sheet_hbond.range_1_PDB_ins_code 
_pdbx_struct_sheet_hbond.range_1_auth_atom_id 
_pdbx_struct_sheet_hbond.range_1_auth_comp_id 
_pdbx_struct_sheet_hbond.range_1_auth_asym_id 
_pdbx_struct_sheet_hbond.range_1_auth_seq_id 
_pdbx_struct_sheet_hbond.range_2_label_atom_id 
_pdbx_struct_sheet_hbond.range_2_label_comp_id 
_pdbx_struct_sheet_hbond.range_2_label_asym_id 
_pdbx_struct_sheet_hbond.range_2_label_seq_id 
_pdbx_struct_sheet_hbond.range_2_PDB_ins_code 
_pdbx_struct_sheet_hbond.range_2_auth_atom_id 
_pdbx_struct_sheet_hbond.range_2_auth_comp_id 
_pdbx_struct_sheet_hbond.range_2_auth_asym_id 
_pdbx_struct_sheet_hbond.range_2_auth_seq_id 
A 1 2 N ILE A 51  ? N ILE A 51  O VAL A 58  ? O VAL A 58  
A 2 3 O LYS A 59  ? O LYS A 59  N TYR A 8   ? N TYR A 8   
A 3 4 N ILE A 15  ? N ILE A 15  O VAL A 88  ? O VAL A 88  
A 4 5 N TYR A 89  ? N TYR A 89  O ASN A 122 ? O ASN A 122 
A 5 6 N LEU A 119 ? N LEU A 119 O LYS A 147 ? O LYS A 147 
# 
loop_
_struct_site.id 
_struct_site.pdbx_evidence_code 
_struct_site.pdbx_auth_asym_id 
_struct_site.pdbx_auth_comp_id 
_struct_site.pdbx_auth_seq_id 
_struct_site.pdbx_auth_ins_code 
_struct_site.pdbx_num_residues 
_struct_site.details 
AC1 Software A MG  1001 ? 6  'BINDING SITE FOR RESIDUE MG A 1001'  
AC2 Software A MG  1002 ? 9  'BINDING SITE FOR RESIDUE MG A 1002'  
AC3 Software A MG  1003 ? 7  'BINDING SITE FOR RESIDUE MG A 1003'  
AC4 Software A GDP 3800 ? 23 'BINDING SITE FOR RESIDUE GDP A 3800' 
# 
loop_
_struct_site_gen.id 
_struct_site_gen.site_id 
_struct_site_gen.pdbx_num_res 
_struct_site_gen.label_comp_id 
_struct_site_gen.label_asym_id 
_struct_site_gen.label_seq_id 
_struct_site_gen.pdbx_auth_ins_code 
_struct_site_gen.auth_comp_id 
_struct_site_gen.auth_asym_id 
_struct_site_gen.auth_seq_id 
_struct_site_gen.label_atom_id 
_struct_site_gen.label_alt_id 
_struct_site_gen.symmetry 
_struct_site_gen.details 
1  AC1 6  SER A 23  ? SER A 23   . ? 1_555 ? 
2  AC1 6  GDP E .   ? GDP A 3800 . ? 1_555 ? 
3  AC1 6  HOH F .   ? HOH A 3808 . ? 1_555 ? 
4  AC1 6  HOH F .   ? HOH A 3809 . ? 1_555 ? 
5  AC1 6  HOH F .   ? HOH A 3834 . ? 1_555 ? 
6  AC1 6  HOH F .   ? HOH A 3861 . ? 1_555 ? 
7  AC2 9  ASP A 95  ? ASP A 95   . ? 1_555 ? 
8  AC2 9  ASP A 95  ? ASP A 95   . ? 2_655 ? 
9  AC2 9  ASP A 95  ? ASP A 95   . ? 3_665 ? 
10 AC2 9  HOH F .   ? HOH A 3806 . ? 3_665 ? 
11 AC2 9  HOH F .   ? HOH A 3806 . ? 2_655 ? 
12 AC2 9  HOH F .   ? HOH A 3806 . ? 1_555 ? 
13 AC2 9  HOH F .   ? HOH A 3831 . ? 3_665 ? 
14 AC2 9  HOH F .   ? HOH A 3831 . ? 2_655 ? 
15 AC2 9  HOH F .   ? HOH A 3831 . ? 1_555 ? 
16 AC3 7  ASP A 93  ? ASP A 93   . ? 3_665 ? 
17 AC3 7  ASP A 95  ? ASP A 95   . ? 1_555 ? 
18 AC3 7  HOH F .   ? HOH A 3804 . ? 3_665 ? 
19 AC3 7  HOH F .   ? HOH A 3814 . ? 3_665 ? 
20 AC3 7  HOH F .   ? HOH A 3816 . ? 1_555 ? 
21 AC3 7  HOH F .   ? HOH A 3818 . ? 3_665 ? 
22 AC3 7  HOH F .   ? HOH A 3821 . ? 3_665 ? 
23 AC4 23 GLY A 19  ? GLY A 19   . ? 1_555 ? 
24 AC4 23 VAL A 20  ? VAL A 20   . ? 1_555 ? 
25 AC4 23 GLY A 21  ? GLY A 21   . ? 1_555 ? 
26 AC4 23 LYS A 22  ? LYS A 22   . ? 1_555 ? 
27 AC4 23 SER A 23  ? SER A 23   . ? 1_555 ? 
28 AC4 23 CYS A 24  ? CYS A 24   . ? 1_555 ? 
29 AC4 23 TYR A 34  ? TYR A 34   . ? 1_555 ? 
30 AC4 23 ASP A 36  ? ASP A 36   . ? 1_555 ? 
31 AC4 23 LYS A 101 ? LYS A 101  . ? 2_655 ? 
32 AC4 23 ASN A 122 ? ASN A 122  . ? 1_555 ? 
33 AC4 23 LYS A 123 ? LYS A 123  . ? 1_555 ? 
34 AC4 23 ASP A 125 ? ASP A 125  . ? 1_555 ? 
35 AC4 23 LEU A 126 ? LEU A 126  . ? 1_555 ? 
36 AC4 23 SER A 152 ? SER A 152  . ? 1_555 ? 
37 AC4 23 ALA A 153 ? ALA A 153  . ? 1_555 ? 
38 AC4 23 LYS A 154 ? LYS A 154  . ? 1_555 ? 
39 AC4 23 MG  B .   ? MG  A 1001 . ? 1_555 ? 
40 AC4 23 HOH F .   ? HOH A 3809 . ? 1_555 ? 
41 AC4 23 HOH F .   ? HOH A 3834 . ? 1_555 ? 
42 AC4 23 HOH F .   ? HOH A 3846 . ? 1_555 ? 
43 AC4 23 HOH F .   ? HOH A 3858 . ? 1_555 ? 
44 AC4 23 HOH F .   ? HOH A 3888 . ? 1_555 ? 
45 AC4 23 HOH F .   ? HOH A 3936 . ? 1_555 ? 
# 
_atom_sites.entry_id                    2RHD 
_atom_sites.fract_transf_matrix[1][1]   -0.00925059 
_atom_sites.fract_transf_matrix[1][2]   0.00168371 
_atom_sites.fract_transf_matrix[1][3]   -0.00521598 
_atom_sites.fract_transf_matrix[2][1]   -0.00073718 
_atom_sites.fract_transf_matrix[2][2]   -0.00222631 
_atom_sites.fract_transf_matrix[2][3]   -0.01049415 
_atom_sites.fract_transf_matrix[3][1]   -0.00646589 
_atom_sites.fract_transf_matrix[3][2]   -0.02058736 
_atom_sites.fract_transf_matrix[3][3]   0.00482176 
_atom_sites.fract_transf_vector[1]      0.516271 
_atom_sites.fract_transf_vector[2]      0.386423 
_atom_sites.fract_transf_vector[3]      0.353571 
# 
loop_
_atom_type.symbol 
C  
MG 
N  
O  
P  
S  
# 
loop_
_atom_site.group_PDB 
_atom_site.id 
_atom_site.type_symbol 
_atom_site.label_atom_id 
_atom_site.label_alt_id 
_atom_site.label_comp_id 
_atom_site.label_asym_id 
_atom_site.label_entity_id 
_atom_site.label_seq_id 
_atom_site.pdbx_PDB_ins_code 
_atom_site.Cartn_x 
_atom_site.Cartn_y 
_atom_site.Cartn_z 
_atom_site.occupancy 
_atom_site.B_iso_or_equiv 
_atom_site.pdbx_formal_charge 
_atom_site.auth_seq_id 
_atom_site.auth_comp_id 
_atom_site.auth_asym_id 
_atom_site.auth_atom_id 
_atom_site.pdbx_PDB_model_num 
ATOM   1    N  N     . ASN A 1 3   ? 30.098  9.425   -2.157  1.00 38.77 ? 3    ASN A N     1 
ATOM   2    C  CA    . ASN A 1 3   ? 29.100  8.519   -2.820  1.00 38.68 ? 3    ASN A CA    1 
ATOM   3    C  C     . ASN A 1 3   ? 27.705  8.715   -2.244  1.00 37.23 ? 3    ASN A C     1 
ATOM   4    O  O     . ASN A 1 3   ? 27.504  8.509   -1.044  1.00 37.27 ? 3    ASN A O     1 
ATOM   5    C  CB    . ASN A 1 3   ? 29.510  7.050   -2.696  1.00 39.55 ? 3    ASN A CB    1 
ATOM   6    C  CG    . ASN A 1 3   ? 30.549  6.642   -3.730  1.00 42.41 ? 3    ASN A CG    1 
ATOM   7    O  OD1   . ASN A 1 3   ? 30.323  6.749   -4.946  1.00 45.64 ? 3    ASN A OD1   1 
ATOM   8    N  ND2   . ASN A 1 3   ? 31.690  6.155   -3.252  1.00 44.15 ? 3    ASN A ND2   1 
ATOM   9    N  N     . PRO A 1 4   ? 26.743  9.136   -3.093  1.00 36.12 ? 4    PRO A N     1 
ATOM   10   C  CA    . PRO A 1 4   ? 25.356  9.371   -2.661  1.00 34.81 ? 4    PRO A CA    1 
ATOM   11   C  C     . PRO A 1 4   ? 24.757  8.142   -2.000  1.00 33.52 ? 4    PRO A C     1 
ATOM   12   O  O     . PRO A 1 4   ? 25.036  7.021   -2.413  1.00 33.44 ? 4    PRO A O     1 
ATOM   13   C  CB    . PRO A 1 4   ? 24.628  9.681   -3.968  1.00 34.60 ? 4    PRO A CB    1 
ATOM   14   C  CG    . PRO A 1 4   ? 25.707  10.231  -4.873  1.00 35.53 ? 4    PRO A CG    1 
ATOM   15   C  CD    . PRO A 1 4   ? 26.926  9.430   -4.528  1.00 36.03 ? 4    PRO A CD    1 
ATOM   16   N  N     . GLU A 1 5   ? 23.941  8.364   -0.978  1.00 32.16 ? 5    GLU A N     1 
ATOM   17   C  CA    . GLU A 1 5   ? 23.319  7.276   -0.228  1.00 31.28 ? 5    GLU A CA    1 
ATOM   18   C  C     . GLU A 1 5   ? 22.366  6.449   -1.109  1.00 29.08 ? 5    GLU A C     1 
ATOM   19   O  O     . GLU A 1 5   ? 22.383  5.221   -1.056  1.00 29.65 ? 5    GLU A O     1 
ATOM   20   C  CB    . GLU A 1 5   ? 22.603  7.849   1.005   1.00 31.51 ? 5    GLU A CB    1 
ATOM   21   C  CG    . GLU A 1 5   ? 22.050  6.806   1.997   1.00 33.98 ? 5    GLU A CG    1 
ATOM   22   C  CD    . GLU A 1 5   ? 21.099  7.417   3.030   1.00 33.74 ? 5    GLU A CD    1 
ATOM   23   O  OE1   . GLU A 1 5   ? 21.307  8.581   3.430   1.00 38.01 ? 5    GLU A OE1   1 
ATOM   24   O  OE2   . GLU A 1 5   ? 20.145  6.735   3.453   1.00 36.93 ? 5    GLU A OE2   1 
ATOM   25   N  N     . TYR A 1 6   ? 21.558  7.116   -1.931  1.00 26.13 ? 6    TYR A N     1 
ATOM   26   C  CA    . TYR A 1 6   ? 20.522  6.441   -2.728  1.00 23.41 ? 6    TYR A CA    1 
ATOM   27   C  C     . TYR A 1 6   ? 20.324  7.112   -4.084  1.00 22.37 ? 6    TYR A C     1 
ATOM   28   O  O     . TYR A 1 6   ? 20.638  8.301   -4.265  1.00 21.82 ? 6    TYR A O     1 
ATOM   29   C  CB    . TYR A 1 6   ? 19.182  6.386   -1.950  1.00 22.55 ? 6    TYR A CB    1 
ATOM   30   C  CG    . TYR A 1 6   ? 18.694  7.736   -1.425  1.00 20.96 ? 6    TYR A CG    1 
ATOM   31   C  CD1   . TYR A 1 6   ? 17.844  8.544   -2.189  1.00 18.73 ? 6    TYR A CD1   1 
ATOM   32   C  CD2   . TYR A 1 6   ? 19.096  8.205   -0.177  1.00 20.55 ? 6    TYR A CD2   1 
ATOM   33   C  CE1   . TYR A 1 6   ? 17.395  9.776   -1.708  1.00 19.39 ? 6    TYR A CE1   1 
ATOM   34   C  CE2   . TYR A 1 6   ? 18.673  9.433   0.307   1.00 19.66 ? 6    TYR A CE2   1 
ATOM   35   C  CZ    . TYR A 1 6   ? 17.814  10.211  -0.462  1.00 20.97 ? 6    TYR A CZ    1 
ATOM   36   O  OH    . TYR A 1 6   ? 17.383  11.431  0.022   1.00 20.81 ? 6    TYR A OH    1 
ATOM   37   N  N     . ASP A 1 7   ? 19.790  6.352   -5.029  1.00 21.04 ? 7    ASP A N     1 
ATOM   38   C  CA    . ASP A 1 7   ? 19.553  6.834   -6.382  1.00 20.94 ? 7    ASP A CA    1 
ATOM   39   C  C     . ASP A 1 7   ? 18.211  7.511   -6.556  1.00 20.40 ? 7    ASP A C     1 
ATOM   40   O  O     . ASP A 1 7   ? 18.058  8.370   -7.442  1.00 19.96 ? 7    ASP A O     1 
ATOM   41   C  CB    . ASP A 1 7   ? 19.665  5.675   -7.368  1.00 21.24 ? 7    ASP A CB    1 
ATOM   42   C  CG    . ASP A 1 7   ? 21.052  5.086   -7.388  1.00 23.15 ? 7    ASP A CG    1 
ATOM   43   O  OD1   . ASP A 1 7   ? 21.968  5.796   -7.849  1.00 26.47 ? 7    ASP A OD1   1 
ATOM   44   O  OD2   . ASP A 1 7   ? 21.228  3.936   -6.928  1.00 22.93 ? 7    ASP A OD2   1 
ATOM   45   N  N     . TYR A 1 8   ? 17.247  7.107   -5.731  1.00 19.14 ? 8    TYR A N     1 
ATOM   46   C  CA    . TYR A 1 8   ? 15.870  7.553   -5.857  1.00 19.74 ? 8    TYR A CA    1 
ATOM   47   C  C     . TYR A 1 8   ? 15.226  7.695   -4.492  1.00 19.24 ? 8    TYR A C     1 
ATOM   48   O  O     . TYR A 1 8   ? 15.511  6.918   -3.569  1.00 18.49 ? 8    TYR A O     1 
ATOM   49   C  CB    . TYR A 1 8   ? 15.029  6.545   -6.676  1.00 20.96 ? 8    TYR A CB    1 
ATOM   50   C  CG    . TYR A 1 8   ? 15.390  6.462   -8.132  1.00 22.76 ? 8    TYR A CG    1 
ATOM   51   C  CD1   . TYR A 1 8   ? 14.981  7.456   -9.032  1.00 23.47 ? 8    TYR A CD1   1 
ATOM   52   C  CD2   . TYR A 1 8   ? 16.141  5.391   -8.619  1.00 23.57 ? 8    TYR A CD2   1 
ATOM   53   C  CE1   . TYR A 1 8   ? 15.327  7.401   -10.374 1.00 24.54 ? 8    TYR A CE1   1 
ATOM   54   C  CE2   . TYR A 1 8   ? 16.486  5.311   -9.971  1.00 24.64 ? 8    TYR A CE2   1 
ATOM   55   C  CZ    . TYR A 1 8   ? 16.077  6.321   -10.834 1.00 25.05 ? 8    TYR A CZ    1 
ATOM   56   O  OH    . TYR A 1 8   ? 16.408  6.258   -12.159 1.00 27.28 ? 8    TYR A OH    1 
ATOM   57   N  N     . LEU A 1 9   ? 14.348  8.686   -4.378  1.00 19.06 ? 9    LEU A N     1 
ATOM   58   C  CA    . LEU A 1 9   ? 13.470  8.825   -3.228  1.00 19.16 ? 9    LEU A CA    1 
ATOM   59   C  C     . LEU A 1 9   ? 12.028  8.723   -3.725  1.00 19.35 ? 9    LEU A C     1 
ATOM   60   O  O     . LEU A 1 9   ? 11.581  9.562   -4.522  1.00 19.19 ? 9    LEU A O     1 
ATOM   61   C  CB    . LEU A 1 9   ? 13.707  10.164  -2.496  1.00 19.11 ? 9    LEU A CB    1 
ATOM   62   C  CG    . LEU A 1 9   ? 12.664  10.442  -1.392  1.00 20.12 ? 9    LEU A CG    1 
ATOM   63   C  CD1   . LEU A 1 9   ? 12.870  9.500   -0.178  1.00 20.04 ? 9    LEU A CD1   1 
ATOM   64   C  CD2   . LEU A 1 9   ? 12.676  11.916  -0.957  1.00 19.57 ? 9    LEU A CD2   1 
ATOM   65   N  N     . PHE A 1 10  ? 11.307  7.691   -3.270  1.00 19.19 ? 10   PHE A N     1 
ATOM   66   C  CA    . PHE A 1 10  ? 9.890   7.530   -3.608  1.00 19.77 ? 10   PHE A CA    1 
ATOM   67   C  C     . PHE A 1 10  ? 9.030   7.716   -2.361  1.00 19.84 ? 10   PHE A C     1 
ATOM   68   O  O     . PHE A 1 10  ? 9.292   7.111   -1.314  1.00 19.63 ? 10   PHE A O     1 
ATOM   69   C  CB    . PHE A 1 10  ? 9.584   6.145   -4.222  1.00 19.88 ? 10   PHE A CB    1 
ATOM   70   C  CG    . PHE A 1 10  ? 10.305  5.843   -5.528  1.00 19.91 ? 10   PHE A CG    1 
ATOM   71   C  CD1   . PHE A 1 10  ? 10.818  6.860   -6.338  1.00 20.96 ? 10   PHE A CD1   1 
ATOM   72   C  CD2   . PHE A 1 10  ? 10.402  4.526   -5.975  1.00 20.58 ? 10   PHE A CD2   1 
ATOM   73   C  CE1   . PHE A 1 10  ? 11.453  6.573   -7.550  1.00 19.54 ? 10   PHE A CE1   1 
ATOM   74   C  CE2   . PHE A 1 10  ? 11.035  4.215   -7.197  1.00 21.75 ? 10   PHE A CE2   1 
ATOM   75   C  CZ    . PHE A 1 10  ? 11.562  5.246   -7.983  1.00 21.49 ? 10   PHE A CZ    1 
ATOM   76   N  N     . LYS A 1 11  ? 8.023   8.574   -2.486  1.00 19.87 ? 11   LYS A N     1 
ATOM   77   C  CA    . LYS A 1 11  ? 7.067   8.827   -1.424  1.00 20.21 ? 11   LYS A CA    1 
ATOM   78   C  C     . LYS A 1 11  ? 5.844   7.956   -1.687  1.00 19.97 ? 11   LYS A C     1 
ATOM   79   O  O     . LYS A 1 11  ? 5.285   7.973   -2.784  1.00 20.19 ? 11   LYS A O     1 
ATOM   80   C  CB    . LYS A 1 11  ? 6.682   10.306  -1.396  1.00 20.54 ? 11   LYS A CB    1 
ATOM   81   C  CG    . LYS A 1 11  ? 7.804   11.229  -0.928  1.00 23.46 ? 11   LYS A CG    1 
ATOM   82   C  CD    . LYS A 1 11  ? 7.338   12.688  -0.993  1.00 26.59 ? 11   LYS A CD    1 
ATOM   83   C  CE    . LYS A 1 11  ? 8.430   13.651  -0.586  1.00 30.67 ? 11   LYS A CE    1 
ATOM   84   N  NZ    . LYS A 1 11  ? 7.865   15.043  -0.531  1.00 34.35 ? 11   LYS A NZ    1 
ATOM   85   N  N     . LEU A 1 12  ? 5.464   7.176   -0.684  1.00 20.12 ? 12   LEU A N     1 
ATOM   86   C  CA    . LEU A 1 12  ? 4.363   6.225   -0.799  1.00 20.50 ? 12   LEU A CA    1 
ATOM   87   C  C     . LEU A 1 12  ? 3.346   6.545   0.279   1.00 20.36 ? 12   LEU A C     1 
ATOM   88   O  O     . LEU A 1 12  ? 3.717   6.872   1.395   1.00 20.21 ? 12   LEU A O     1 
ATOM   89   C  CB    . LEU A 1 12  ? 4.856   4.781   -0.604  1.00 20.63 ? 12   LEU A CB    1 
ATOM   90   C  CG    . LEU A 1 12  ? 5.967   4.206   -1.498  1.00 21.72 ? 12   LEU A CG    1 
ATOM   91   C  CD1   . LEU A 1 12  ? 6.074   2.683   -1.318  1.00 20.37 ? 12   LEU A CD1   1 
ATOM   92   C  CD2   . LEU A 1 12  ? 5.733   4.554   -2.949  1.00 22.54 ? 12   LEU A CD2   1 
ATOM   93   N  N     . LEU A 1 13  ? 2.070   6.436   -0.066  1.00 20.72 ? 13   LEU A N     1 
ATOM   94   C  CA    . LEU A 1 13  ? 0.996   6.628   0.897   1.00 20.80 ? 13   LEU A CA    1 
ATOM   95   C  C     . LEU A 1 13  ? 0.090   5.399   0.908   1.00 20.02 ? 13   LEU A C     1 
ATOM   96   O  O     . LEU A 1 13  ? -0.257  4.876   -0.143  1.00 20.13 ? 13   LEU A O     1 
ATOM   97   C  CB    . LEU A 1 13  ? 0.204   7.892   0.535   1.00 21.32 ? 13   LEU A CB    1 
ATOM   98   C  CG    . LEU A 1 13  ? -1.064  8.279   1.310   1.00 22.62 ? 13   LEU A CG    1 
ATOM   99   C  CD1   . LEU A 1 13  ? -0.858  8.313   2.830   1.00 23.04 ? 13   LEU A CD1   1 
ATOM   100  C  CD2   . LEU A 1 13  ? -1.585  9.616   0.790   1.00 21.84 ? 13   LEU A CD2   1 
ATOM   101  N  N     . LEU A 1 14  ? -0.267  4.927   2.099   1.00 19.67 ? 14   LEU A N     1 
ATOM   102  C  CA    . LEU A 1 14  ? -1.281  3.878   2.223   1.00 19.68 ? 14   LEU A CA    1 
ATOM   103  C  C     . LEU A 1 14  ? -2.601  4.577   2.501   1.00 19.48 ? 14   LEU A C     1 
ATOM   104  O  O     . LEU A 1 14  ? -2.666  5.432   3.395   1.00 19.57 ? 14   LEU A O     1 
ATOM   105  C  CB    . LEU A 1 14  ? -0.945  2.925   3.376   1.00 19.48 ? 14   LEU A CB    1 
ATOM   106  C  CG    . LEU A 1 14  ? 0.312   2.062   3.202   1.00 20.95 ? 14   LEU A CG    1 
ATOM   107  C  CD1   . LEU A 1 14  ? 1.159   2.118   4.484   1.00 22.14 ? 14   LEU A CD1   1 
ATOM   108  C  CD2   . LEU A 1 14  ? -0.051  0.623   2.820   1.00 19.52 ? 14   LEU A CD2   1 
ATOM   109  N  N     . ILE A 1 15  ? -3.634  4.239   1.728   1.00 19.24 ? 15   ILE A N     1 
ATOM   110  C  CA    . ILE A 1 15  ? -4.989  4.761   1.973   1.00 18.86 ? 15   ILE A CA    1 
ATOM   111  C  C     . ILE A 1 15  ? -6.030  3.630   1.978   1.00 18.23 ? 15   ILE A C     1 
ATOM   112  O  O     . ILE A 1 15  ? -5.792  2.557   1.424   1.00 17.66 ? 15   ILE A O     1 
ATOM   113  C  CB    . ILE A 1 15  ? -5.421  5.885   0.961   1.00 19.38 ? 15   ILE A CB    1 
ATOM   114  C  CG1   . ILE A 1 15  ? -5.775  5.324   -0.412  1.00 18.83 ? 15   ILE A CG1   1 
ATOM   115  C  CG2   . ILE A 1 15  ? -4.365  7.028   0.853   1.00 20.33 ? 15   ILE A CG2   1 
ATOM   116  N  N     . GLY A 1 16  ? -7.183  3.879   2.592   1.00 17.46 ? 16   GLY A N     1 
ATOM   117  C  CA    . GLY A 1 16  ? -8.240  2.857   2.703   1.00 16.59 ? 16   GLY A CA    1 
ATOM   118  C  C     . GLY A 1 16  ? -9.010  3.077   3.995   1.00 16.15 ? 16   GLY A C     1 
ATOM   119  O  O     . GLY A 1 16  ? -8.611  3.893   4.830   1.00 15.81 ? 16   GLY A O     1 
ATOM   120  N  N     . ASP A 1 17  ? -10.121 2.367   4.156   1.00 15.67 ? 17   ASP A N     1 
ATOM   121  C  CA    . ASP A 1 17  ? -11.001 2.558   5.306   1.00 15.94 ? 17   ASP A CA    1 
ATOM   122  C  C     . ASP A 1 17  ? -10.290 2.246   6.624   1.00 15.92 ? 17   ASP A C     1 
ATOM   123  O  O     . ASP A 1 17  ? -9.345  1.461   6.652   1.00 14.92 ? 17   ASP A O     1 
ATOM   124  C  CB    . ASP A 1 17  ? -12.260 1.678   5.170   1.00 15.47 ? 17   ASP A CB    1 
ATOM   125  C  CG    . ASP A 1 17  ? -13.223 2.182   4.111   1.00 17.69 ? 17   ASP A CG    1 
ATOM   126  O  OD1   . ASP A 1 17  ? -12.913 3.188   3.418   1.00 17.60 ? 17   ASP A OD1   1 
ATOM   127  O  OD2   . ASP A 1 17  ? -14.305 1.567   3.967   1.00 18.90 ? 17   ASP A OD2   1 
ATOM   128  N  N     . SER A 1 18  ? -10.756 2.866   7.707   1.00 16.54 ? 18   SER A N     1 
ATOM   129  C  CA    . SER A 1 18  ? -10.237 2.585   9.036   1.00 17.67 ? 18   SER A CA    1 
ATOM   130  C  C     . SER A 1 18  ? -10.408 1.107   9.334   1.00 17.38 ? 18   SER A C     1 
ATOM   131  O  O     . SER A 1 18  ? -11.479 0.540   9.079   1.00 17.54 ? 18   SER A O     1 
ATOM   132  C  CB    . SER A 1 18  ? -10.986 3.389   10.093  1.00 18.06 ? 18   SER A CB    1 
ATOM   133  O  OG    . SER A 1 18  ? -10.873 4.777   9.859   1.00 20.67 ? 18   SER A OG    1 
ATOM   134  N  N     . GLY A 1 19  ? -9.344  0.489   9.846   1.00 17.50 ? 19   GLY A N     1 
ATOM   135  C  CA    . GLY A 1 19  ? -9.390  -0.912  10.305  1.00 17.02 ? 19   GLY A CA    1 
ATOM   136  C  C     . GLY A 1 19  ? -8.915  -1.959  9.308   1.00 16.78 ? 19   GLY A C     1 
ATOM   137  O  O     . GLY A 1 19  ? -8.862  -3.146  9.640   1.00 16.81 ? 19   GLY A O     1 
ATOM   138  N  N     . VAL A 1 20  ? -8.556  -1.538  8.098   1.00 16.19 ? 20   VAL A N     1 
ATOM   139  C  CA    . VAL A 1 20  ? -8.168  -2.489  7.041   1.00 15.87 ? 20   VAL A CA    1 
ATOM   140  C  C     . VAL A 1 20  ? -6.752  -3.075  7.204   1.00 16.43 ? 20   VAL A C     1 
ATOM   141  O  O     . VAL A 1 20  ? -6.443  -4.132  6.628   1.00 16.60 ? 20   VAL A O     1 
ATOM   142  C  CB    . VAL A 1 20  ? -8.349  -1.915  5.595   1.00 16.08 ? 20   VAL A CB    1 
ATOM   143  C  CG1   . VAL A 1 20  ? -9.826  -1.525  5.333   1.00 15.13 ? 20   VAL A CG1   1 
ATOM   144  C  CG2   . VAL A 1 20  ? -7.387  -0.747  5.309   1.00 14.65 ? 20   VAL A CG2   1 
ATOM   145  N  N     . GLY A 1 21  ? -5.906  -2.371  7.963   1.00 16.73 ? 21   GLY A N     1 
ATOM   146  C  CA    . GLY A 1 21  ? -4.540  -2.832  8.288   1.00 16.71 ? 21   GLY A CA    1 
ATOM   147  C  C     . GLY A 1 21  ? -3.423  -1.978  7.713   1.00 17.00 ? 21   GLY A C     1 
ATOM   148  O  O     . GLY A 1 21  ? -2.299  -2.467  7.535   1.00 16.82 ? 21   GLY A O     1 
ATOM   149  N  N     . LYS A 1 22  ? -3.713  -0.706  7.425   1.00 16.92 ? 22   LYS A N     1 
ATOM   150  C  CA    . LYS A 1 22  ? -2.703  0.208   6.837   1.00 16.68 ? 22   LYS A CA    1 
ATOM   151  C  C     . LYS A 1 22  ? -1.469  0.332   7.745   1.00 17.08 ? 22   LYS A C     1 
ATOM   152  O  O     . LYS A 1 22  ? -0.344  0.123   7.290   1.00 15.89 ? 22   LYS A O     1 
ATOM   153  C  CB    . LYS A 1 22  ? -3.289  1.610   6.564   1.00 17.13 ? 22   LYS A CB    1 
ATOM   154  C  CG    . LYS A 1 22  ? -4.425  1.645   5.528   1.00 16.45 ? 22   LYS A CG    1 
ATOM   155  C  CD    . LYS A 1 22  ? -4.954  3.078   5.302   1.00 15.62 ? 22   LYS A CD    1 
ATOM   156  C  CE    . LYS A 1 22  ? -5.514  3.724   6.606   1.00 14.88 ? 22   LYS A CE    1 
ATOM   157  N  NZ    . LYS A 1 22  ? -6.733  2.984   7.114   1.00 15.10 ? 22   LYS A NZ    1 
ATOM   158  N  N     . SER A 1 23  ? -1.682  0.661   9.023   1.00 17.09 ? 23   SER A N     1 
ATOM   159  C  CA    . SER A 1 23  ? -0.562  0.794   9.955   1.00 17.58 ? 23   SER A CA    1 
ATOM   160  C  C     . SER A 1 23  ? 0.184   -0.535  10.175  1.00 17.77 ? 23   SER A C     1 
ATOM   161  O  O     . SER A 1 23  ? 1.411   -0.554  10.236  1.00 17.81 ? 23   SER A O     1 
ATOM   162  C  CB    . SER A 1 23  ? -1.030  1.355   11.294  1.00 17.41 ? 23   SER A CB    1 
ATOM   163  O  OG    . SER A 1 23  ? -1.594  2.647   11.129  1.00 17.96 ? 23   SER A OG    1 
ATOM   164  N  N     . CYS A 1 24  ? -0.564  -1.633  10.290  1.00 17.53 ? 24   CYS A N     1 
ATOM   165  C  CA    . CYS A 1 24  ? 0.020   -2.962  10.428  1.00 18.29 ? 24   CYS A CA    1 
ATOM   166  C  C     . CYS A 1 24  ? 0.885   -3.327  9.220   1.00 17.77 ? 24   CYS A C     1 
ATOM   167  O  O     . CYS A 1 24  ? 1.963   -3.887  9.381   1.00 17.83 ? 24   CYS A O     1 
ATOM   168  C  CB    . CYS A 1 24  ? -1.067  -4.029  10.684  1.00 17.94 ? 24   CYS A CB    1 
ATOM   169  S  SG    . CYS A 1 24  ? -1.650  -4.013  12.401  1.00 20.12 ? 24   CYS A SG    1 
ATOM   170  N  N     . LEU A 1 25  ? 0.412   -3.000  8.018   1.00 18.10 ? 25   LEU A N     1 
ATOM   171  C  CA    . LEU A 1 25  ? 1.199   -3.237  6.800   1.00 18.27 ? 25   LEU A CA    1 
ATOM   172  C  C     . LEU A 1 25  ? 2.517   -2.446  6.835   1.00 19.22 ? 25   LEU A C     1 
ATOM   173  O  O     . LEU A 1 25  ? 3.579   -2.988  6.523   1.00 19.45 ? 25   LEU A O     1 
ATOM   174  C  CB    . LEU A 1 25  ? 0.382   -2.926  5.540   1.00 18.43 ? 25   LEU A CB    1 
ATOM   175  C  CG    . LEU A 1 25  ? -0.674  -3.968  5.148   1.00 16.97 ? 25   LEU A CG    1 
ATOM   176  C  CD1   . LEU A 1 25  ? -1.612  -3.398  4.071   1.00 16.30 ? 25   LEU A CD1   1 
ATOM   177  C  CD2   . LEU A 1 25  ? -0.013  -5.255  4.629   1.00 17.36 ? 25   LEU A CD2   1 
ATOM   178  N  N     . LEU A 1 26  ? 2.449   -1.192  7.272   1.00 19.70 ? 26   LEU A N     1 
ATOM   179  C  CA    . LEU A 1 26  ? 3.643   -0.352  7.377   1.00 20.18 ? 26   LEU A CA    1 
ATOM   180  C  C     . LEU A 1 26  ? 4.651   -0.849  8.419   1.00 20.61 ? 26   LEU A C     1 
ATOM   181  O  O     . LEU A 1 26  ? 5.856   -0.921  8.140   1.00 20.50 ? 26   LEU A O     1 
ATOM   182  C  CB    . LEU A 1 26  ? 3.262   1.107   7.635   1.00 20.14 ? 26   LEU A CB    1 
ATOM   183  C  CG    . LEU A 1 26  ? 4.426   2.116   7.693   1.00 21.10 ? 26   LEU A CG    1 
ATOM   184  C  CD1   . LEU A 1 26  ? 5.324   1.967   6.473   1.00 22.67 ? 26   LEU A CD1   1 
ATOM   185  C  CD2   . LEU A 1 26  ? 3.916   3.530   7.783   1.00 20.13 ? 26   LEU A CD2   1 
ATOM   186  N  N     . LEU A 1 27  ? 4.158   -1.179  9.612   1.00 20.78 ? 27   LEU A N     1 
ATOM   187  C  CA    . LEU A 1 27  ? 4.985   -1.734  10.672  1.00 21.95 ? 27   LEU A CA    1 
ATOM   188  C  C     . LEU A 1 27  ? 5.638   -3.056  10.293  1.00 22.13 ? 27   LEU A C     1 
ATOM   189  O  O     . LEU A 1 27  ? 6.819   -3.278  10.619  1.00 22.63 ? 27   LEU A O     1 
ATOM   190  C  CB    . LEU A 1 27  ? 4.202   -1.856  11.990  1.00 21.73 ? 27   LEU A CB    1 
ATOM   191  C  CG    . LEU A 1 27  ? 3.827   -0.519  12.638  1.00 23.90 ? 27   LEU A CG    1 
ATOM   192  C  CD1   . LEU A 1 27  ? 2.900   -0.750  13.819  1.00 25.10 ? 27   LEU A CD1   1 
ATOM   193  C  CD2   . LEU A 1 27  ? 5.059   0.286   13.075  1.00 25.84 ? 27   LEU A CD2   1 
ATOM   194  N  N     . ARG A 1 28  ? 4.893   -3.925  9.615   1.00 21.49 ? 28   ARG A N     1 
ATOM   195  C  CA    . ARG A 1 28  ? 5.471   -5.175  9.119   1.00 22.71 ? 28   ARG A CA    1 
ATOM   196  C  C     . ARG A 1 28  ? 6.611   -4.924  8.113   1.00 23.47 ? 28   ARG A C     1 
ATOM   197  O  O     . ARG A 1 28  ? 7.677   -5.539  8.213   1.00 22.82 ? 28   ARG A O     1 
ATOM   198  C  CB    . ARG A 1 28  ? 4.403   -6.112  8.531   1.00 22.20 ? 28   ARG A CB    1 
ATOM   199  C  CG    . ARG A 1 28  ? 4.935   -7.378  7.841   1.00 22.64 ? 28   ARG A CG    1 
ATOM   200  C  CD    . ARG A 1 28  ? 5.701   -8.303  8.819   1.00 22.83 ? 28   ARG A CD    1 
ATOM   201  N  NE    . ARG A 1 28  ? 4.800   -9.088  9.668   1.00 23.22 ? 28   ARG A NE    1 
ATOM   202  C  CZ    . ARG A 1 28  ? 5.201   -9.889  10.650  1.00 25.54 ? 28   ARG A CZ    1 
ATOM   203  N  NH1   . ARG A 1 28  ? 6.503   -10.003 10.937  1.00 24.19 ? 28   ARG A NH1   1 
ATOM   204  N  NH2   . ARG A 1 28  ? 4.304   -10.577 11.350  1.00 24.94 ? 28   ARG A NH2   1 
ATOM   205  N  N     . PHE A 1 29  ? 6.380   -4.014  7.170   1.00 23.88 ? 29   PHE A N     1 
ATOM   206  C  CA    . PHE A 1 29  ? 7.371   -3.697  6.152   1.00 24.96 ? 29   PHE A CA    1 
ATOM   207  C  C     . PHE A 1 29  ? 8.599   -2.982  6.728   1.00 25.81 ? 29   PHE A C     1 
ATOM   208  O  O     . PHE A 1 29  ? 9.736   -3.363  6.439   1.00 26.15 ? 29   PHE A O     1 
ATOM   209  C  CB    . PHE A 1 29  ? 6.765   -2.854  5.028   1.00 24.73 ? 29   PHE A CB    1 
ATOM   210  C  CG    . PHE A 1 29  ? 7.734   -2.551  3.910   1.00 24.97 ? 29   PHE A CG    1 
ATOM   211  C  CD1   . PHE A 1 29  ? 8.251   -3.576  3.119   1.00 24.87 ? 29   PHE A CD1   1 
ATOM   212  C  CD2   . PHE A 1 29  ? 8.135   -1.244  3.655   1.00 25.67 ? 29   PHE A CD2   1 
ATOM   213  C  CE1   . PHE A 1 29  ? 9.160   -3.305  2.090   1.00 25.47 ? 29   PHE A CE1   1 
ATOM   214  C  CE2   . PHE A 1 29  ? 9.039   -0.956  2.621   1.00 24.43 ? 29   PHE A CE2   1 
ATOM   215  C  CZ    . PHE A 1 29  ? 9.556   -1.990  1.846   1.00 25.16 ? 29   PHE A CZ    1 
ATOM   216  N  N     . ALA A 1 30  ? 8.361   -1.956  7.532   1.00 26.32 ? 30   ALA A N     1 
ATOM   217  C  CA    . ALA A 1 30  ? 9.438   -1.092  7.987   1.00 27.72 ? 30   ALA A CA    1 
ATOM   218  C  C     . ALA A 1 30  ? 10.192  -1.684  9.172   1.00 28.66 ? 30   ALA A C     1 
ATOM   219  O  O     . ALA A 1 30  ? 11.411  -1.539  9.255   1.00 29.22 ? 30   ALA A O     1 
ATOM   220  C  CB    . ALA A 1 30  ? 8.902   0.294   8.328   1.00 27.14 ? 30   ALA A CB    1 
ATOM   221  N  N     . ASP A 1 31  ? 9.467   -2.340  10.081  1.00 29.17 ? 31   ASP A N     1 
ATOM   222  C  CA    . ASP A 1 31  ? 10.042  -2.807  11.343  1.00 29.92 ? 31   ASP A CA    1 
ATOM   223  C  C     . ASP A 1 31  ? 10.044  -4.322  11.506  1.00 29.93 ? 31   ASP A C     1 
ATOM   224  O  O     . ASP A 1 31  ? 10.660  -4.832  12.442  1.00 30.08 ? 31   ASP A O     1 
ATOM   225  C  CB    . ASP A 1 31  ? 9.295   -2.194  12.533  1.00 30.14 ? 31   ASP A CB    1 
ATOM   226  C  CG    . ASP A 1 31  ? 9.413   -0.678  12.599  1.00 32.46 ? 31   ASP A CG    1 
ATOM   227  O  OD1   . ASP A 1 31  ? 10.234  -0.081  11.865  1.00 35.32 ? 31   ASP A OD1   1 
ATOM   228  O  OD2   . ASP A 1 31  ? 8.683   -0.074  13.411  1.00 34.71 ? 31   ASP A OD2   1 
ATOM   229  N  N     . ASP A 1 32  ? 9.369   -5.036  10.603  1.00 29.72 ? 32   ASP A N     1 
ATOM   230  C  CA    . ASP A 1 32  ? 9.152   -6.492  10.725  1.00 30.10 ? 32   ASP A CA    1 
ATOM   231  C  C     . ASP A 1 32  ? 8.525   -6.894  12.070  1.00 29.97 ? 32   ASP A C     1 
ATOM   232  O  O     . ASP A 1 32  ? 8.914   -7.900  12.699  1.00 29.80 ? 32   ASP A O     1 
ATOM   233  C  CB    . ASP A 1 32  ? 10.438  -7.288  10.423  1.00 30.81 ? 32   ASP A CB    1 
ATOM   234  C  CG    . ASP A 1 32  ? 10.165  -8.749  10.063  1.00 32.98 ? 32   ASP A CG    1 
ATOM   235  O  OD1   . ASP A 1 32  ? 9.028   -9.094  9.641   1.00 33.29 ? 32   ASP A OD1   1 
ATOM   236  O  OD2   . ASP A 1 32  ? 11.113  -9.565  10.193  1.00 36.06 ? 32   ASP A OD2   1 
ATOM   237  N  N     . THR A 1 33  ? 7.565   -6.085  12.514  1.00 28.91 ? 33   THR A N     1 
ATOM   238  C  CA    . THR A 1 33  ? 6.772   -6.378  13.701  1.00 28.71 ? 33   THR A CA    1 
ATOM   239  C  C     . THR A 1 33  ? 5.272   -6.523  13.345  1.00 27.93 ? 33   THR A C     1 
ATOM   240  O  O     . THR A 1 33  ? 4.824   -6.044  12.295  1.00 26.38 ? 33   THR A O     1 
ATOM   241  C  CB    . THR A 1 33  ? 6.949   -5.300  14.807  1.00 28.86 ? 33   THR A CB    1 
ATOM   242  O  OG1   . THR A 1 33  ? 6.524   -4.018  14.318  1.00 30.67 ? 33   THR A OG1   1 
ATOM   243  C  CG2   . THR A 1 33  ? 8.418   -5.201  15.271  1.00 30.14 ? 33   THR A CG2   1 
ATOM   244  N  N     . TYR A 1 34  ? 4.527   -7.216  14.211  1.00 26.96 ? 34   TYR A N     1 
ATOM   245  C  CA    . TYR A 1 34  ? 3.069   -7.266  14.151  1.00 26.84 ? 34   TYR A CA    1 
ATOM   246  C  C     . TYR A 1 34  ? 2.496   -7.481  15.552  1.00 27.29 ? 34   TYR A C     1 
ATOM   247  O  O     . TYR A 1 34  ? 2.993   -8.323  16.309  1.00 26.98 ? 34   TYR A O     1 
ATOM   248  C  CB    . TYR A 1 34  ? 2.562   -8.381  13.223  1.00 26.18 ? 34   TYR A CB    1 
ATOM   249  C  CG    . TYR A 1 34  ? 1.051   -8.510  13.241  1.00 25.40 ? 34   TYR A CG    1 
ATOM   250  C  CD1   . TYR A 1 34  ? 0.254   -7.748  12.369  1.00 24.33 ? 34   TYR A CD1   1 
ATOM   251  C  CD2   . TYR A 1 34  ? 0.414   -9.366  14.149  1.00 24.88 ? 34   TYR A CD2   1 
ATOM   252  C  CE1   . TYR A 1 34  ? -1.140  -7.848  12.401  1.00 25.59 ? 34   TYR A CE1   1 
ATOM   253  C  CE2   . TYR A 1 34  ? -0.972  -9.476  14.187  1.00 24.46 ? 34   TYR A CE2   1 
ATOM   254  C  CZ    . TYR A 1 34  ? -1.741  -8.710  13.317  1.00 25.07 ? 34   TYR A CZ    1 
ATOM   255  O  OH    . TYR A 1 34  ? -3.104  -8.817  13.352  1.00 24.91 ? 34   TYR A OH    1 
ATOM   256  N  N     . THR A 1 35  ? 1.456   -6.719  15.875  1.00 27.53 ? 35   THR A N     1 
ATOM   257  C  CA    . THR A 1 35  ? 0.623   -6.979  17.052  1.00 28.48 ? 35   THR A CA    1 
ATOM   258  C  C     . THR A 1 35  ? -0.854  -6.873  16.679  1.00 29.39 ? 35   THR A C     1 
ATOM   259  O  O     . THR A 1 35  ? -1.237  -6.029  15.845  1.00 28.88 ? 35   THR A O     1 
ATOM   260  C  CB    . THR A 1 35  ? 0.957   -6.035  18.247  1.00 28.36 ? 35   THR A CB    1 
ATOM   261  O  OG1   . THR A 1 35  ? 0.105   -6.349  19.357  1.00 29.70 ? 35   THR A OG1   1 
ATOM   262  C  CG2   . THR A 1 35  ? 0.777   -4.566  17.887  1.00 27.94 ? 35   THR A CG2   1 
ATOM   263  N  N     . ASP A 1 36  ? -1.669  -7.752  17.266  1.00 30.49 ? 36   ASP A N     1 
ATOM   264  C  CA    . ASP A 1 36  ? -3.130  -7.669  17.163  1.00 32.05 ? 36   ASP A CA    1 
ATOM   265  C  C     . ASP A 1 36  ? -3.659  -6.471  17.991  1.00 32.24 ? 36   ASP A C     1 
ATOM   266  O  O     . ASP A 1 36  ? -4.803  -6.055  17.827  1.00 32.32 ? 36   ASP A O     1 
ATOM   267  C  CB    . ASP A 1 36  ? -3.802  -8.967  17.662  1.00 32.39 ? 36   ASP A CB    1 
ATOM   268  C  CG    . ASP A 1 36  ? -3.693  -10.145 16.670  1.00 35.96 ? 36   ASP A CG    1 
ATOM   269  O  OD1   . ASP A 1 36  ? -4.066  -10.011 15.473  1.00 37.35 ? 36   ASP A OD1   1 
ATOM   270  O  OD2   . ASP A 1 36  ? -3.263  -11.246 17.113  1.00 40.00 ? 36   ASP A OD2   1 
ATOM   271  N  N     . SER A 1 37  ? -2.831  -5.931  18.889  1.00 32.54 ? 37   SER A N     1 
ATOM   272  C  CA    . SER A 1 37  ? -3.250  -4.835  19.770  1.00 32.99 ? 37   SER A CA    1 
ATOM   273  C  C     . SER A 1 37  ? -3.474  -3.531  19.013  1.00 33.34 ? 37   SER A C     1 
ATOM   274  O  O     . SER A 1 37  ? -2.729  -3.205  18.095  1.00 32.59 ? 37   SER A O     1 
ATOM   275  C  CB    . SER A 1 37  ? -2.231  -4.605  20.886  1.00 33.01 ? 37   SER A CB    1 
ATOM   276  O  OG    . SER A 1 37  ? -2.106  -5.771  21.686  1.00 35.04 ? 37   SER A OG    1 
ATOM   277  N  N     . TYR A 1 38  ? -4.491  -2.782  19.429  1.00 33.85 ? 38   TYR A N     1 
ATOM   278  C  CA    . TYR A 1 38  ? -4.862  -1.558  18.742  1.00 34.67 ? 38   TYR A CA    1 
ATOM   279  C  C     . TYR A 1 38  ? -3.728  -0.541  18.705  1.00 34.60 ? 38   TYR A C     1 
ATOM   280  O  O     . TYR A 1 38  ? -3.059  -0.308  19.709  1.00 33.66 ? 38   TYR A O     1 
ATOM   281  C  CB    . TYR A 1 38  ? -6.118  -0.920  19.353  1.00 35.49 ? 38   TYR A CB    1 
ATOM   282  C  CG    . TYR A 1 38  ? -6.431  0.423   18.744  1.00 36.59 ? 38   TYR A CG    1 
ATOM   283  C  CD1   . TYR A 1 38  ? -6.746  0.539   17.389  1.00 40.04 ? 38   TYR A CD1   1 
ATOM   284  C  CD2   . TYR A 1 38  ? -6.364  1.582   19.499  1.00 37.03 ? 38   TYR A CD2   1 
ATOM   285  C  CE1   . TYR A 1 38  ? -7.003  1.784   16.815  1.00 39.95 ? 38   TYR A CE1   1 
ATOM   286  C  CE2   . TYR A 1 38  ? -6.627  2.827   18.932  1.00 37.36 ? 38   TYR A CE2   1 
ATOM   287  C  CZ    . TYR A 1 38  ? -6.952  2.919   17.599  1.00 37.66 ? 38   TYR A CZ    1 
ATOM   288  O  OH    . TYR A 1 38  ? -7.216  4.148   17.032  1.00 38.58 ? 38   TYR A OH    1 
ATOM   289  N  N     . ILE A 1 39  ? -3.551  0.058   17.529  1.00 34.83 ? 39   ILE A N     1 
ATOM   290  C  CA    . ILE A 1 39  ? -2.591  1.130   17.292  1.00 35.50 ? 39   ILE A CA    1 
ATOM   291  C  C     . ILE A 1 39  ? -3.321  2.407   16.897  1.00 35.28 ? 39   ILE A C     1 
ATOM   292  O  O     . ILE A 1 39  ? -3.963  2.468   15.844  1.00 35.23 ? 39   ILE A O     1 
ATOM   293  C  CB    . ILE A 1 39  ? -1.614  0.739   16.164  1.00 35.68 ? 39   ILE A CB    1 
ATOM   294  C  CG1   . ILE A 1 39  ? -0.645  -0.324  16.666  1.00 36.12 ? 39   ILE A CG1   1 
ATOM   295  C  CG2   . ILE A 1 39  ? -0.847  1.957   15.643  1.00 36.12 ? 39   ILE A CG2   1 
ATOM   296  C  CD1   . ILE A 1 39  ? -0.258  -1.325  15.588  1.00 38.57 ? 39   ILE A CD1   1 
ATOM   297  N  N     . SER A 1 40  ? -3.244  3.425   17.748  1.00 35.17 ? 40   SER A N     1 
ATOM   298  C  CA    . SER A 1 40  ? -3.819  4.713   17.385  1.00 35.40 ? 40   SER A CA    1 
ATOM   299  C  C     . SER A 1 40  ? -2.850  5.433   16.450  1.00 35.89 ? 40   SER A C     1 
ATOM   300  O  O     . SER A 1 40  ? -3.266  5.984   15.430  1.00 36.01 ? 40   SER A O     1 
ATOM   301  C  CB    . SER A 1 40  ? -4.140  5.566   18.613  1.00 35.21 ? 40   SER A CB    1 
ATOM   302  O  OG    . SER A 1 40  ? -2.980  5.850   19.359  1.00 35.01 ? 40   SER A OG    1 
ATOM   303  N  N     . THR A 1 41  ? -1.566  5.402   16.805  1.00 36.04 ? 41   THR A N     1 
ATOM   304  C  CA    . THR A 1 41  ? -0.503  5.999   15.999  1.00 36.93 ? 41   THR A CA    1 
ATOM   305  C  C     . THR A 1 41  ? 0.778   5.162   16.064  1.00 36.57 ? 41   THR A C     1 
ATOM   306  O  O     . THR A 1 41  ? 1.093   4.590   17.111  1.00 36.40 ? 41   THR A O     1 
ATOM   307  C  CB    . THR A 1 41  ? -0.198  7.466   16.427  1.00 37.16 ? 41   THR A CB    1 
ATOM   308  O  OG1   . THR A 1 41  ? 1.028   7.894   15.825  1.00 39.93 ? 41   THR A OG1   1 
ATOM   309  C  CG2   . THR A 1 41  ? -0.075  7.604   17.955  1.00 38.00 ? 41   THR A CG2   1 
ATOM   310  N  N     . ILE A 1 42  ? 1.508   5.096   14.948  1.00 36.24 ? 42   ILE A N     1 
ATOM   311  C  CA    . ILE A 1 42  ? 2.815   4.417   14.913  1.00 36.02 ? 42   ILE A CA    1 
ATOM   312  C  C     . ILE A 1 42  ? 3.909   5.238   15.623  1.00 36.40 ? 42   ILE A C     1 
ATOM   313  O  O     . ILE A 1 42  ? 5.028   4.765   15.820  1.00 36.46 ? 42   ILE A O     1 
ATOM   314  C  CB    . ILE A 1 42  ? 3.261   4.043   13.467  1.00 35.91 ? 42   ILE A CB    1 
ATOM   315  C  CG1   . ILE A 1 42  ? 3.420   5.305   12.600  1.00 35.63 ? 42   ILE A CG1   1 
ATOM   316  C  CG2   . ILE A 1 42  ? 2.283   3.029   12.857  1.00 35.62 ? 42   ILE A CG2   1 
ATOM   317  C  CD1   . ILE A 1 42  ? 4.075   5.073   11.246  1.00 35.39 ? 42   ILE A CD1   1 
ATOM   318  N  N     . GLY A 1 43  ? 3.573   6.466   16.000  1.00 36.63 ? 43   GLY A N     1 
ATOM   319  C  CA    . GLY A 1 43  ? 4.448   7.275   16.843  1.00 37.36 ? 43   GLY A CA    1 
ATOM   320  C  C     . GLY A 1 43  ? 5.400   8.168   16.076  1.00 37.74 ? 43   GLY A C     1 
ATOM   321  O  O     . GLY A 1 43  ? 6.120   8.967   16.681  1.00 38.55 ? 43   GLY A O     1 
ATOM   322  N  N     . VAL A 1 44  ? 5.416   8.014   14.751  1.00 37.40 ? 44   VAL A N     1 
ATOM   323  C  CA    . VAL A 1 44  ? 6.185   8.869   13.844  1.00 36.75 ? 44   VAL A CA    1 
ATOM   324  C  C     . VAL A 1 44  ? 5.301   9.269   12.661  1.00 36.29 ? 44   VAL A C     1 
ATOM   325  O  O     . VAL A 1 44  ? 4.294   8.615   12.384  1.00 36.26 ? 44   VAL A O     1 
ATOM   326  C  CB    . VAL A 1 44  ? 7.483   8.175   13.337  1.00 36.89 ? 44   VAL A CB    1 
ATOM   327  C  CG1   . VAL A 1 44  ? 8.508   8.058   14.451  1.00 37.48 ? 44   VAL A CG1   1 
ATOM   328  C  CG2   . VAL A 1 44  ? 7.187   6.799   12.738  1.00 36.19 ? 44   VAL A CG2   1 
ATOM   329  N  N     . ASP A 1 45  ? 5.664   10.349  11.971  1.00 35.72 ? 45   ASP A N     1 
ATOM   330  C  CA    . ASP A 1 45  ? 4.901   10.798  10.802  1.00 35.22 ? 45   ASP A CA    1 
ATOM   331  C  C     . ASP A 1 45  ? 5.013   9.827   9.629   1.00 33.13 ? 45   ASP A C     1 
ATOM   332  O  O     . ASP A 1 45  ? 4.050   9.610   8.902   1.00 33.33 ? 45   ASP A O     1 
ATOM   333  C  CB    . ASP A 1 45  ? 5.337   12.206  10.365  1.00 36.21 ? 45   ASP A CB    1 
ATOM   334  C  CG    . ASP A 1 45  ? 4.850   13.293  11.314  1.00 40.28 ? 45   ASP A CG    1 
ATOM   335  O  OD1   . ASP A 1 45  ? 3.629   13.314  11.628  1.00 44.13 ? 45   ASP A OD1   1 
ATOM   336  O  OD2   . ASP A 1 45  ? 5.685   14.134  11.735  1.00 44.27 ? 45   ASP A OD2   1 
ATOM   337  N  N     . PHE A 1 46  ? 6.191   9.240   9.460   1.00 30.93 ? 46   PHE A N     1 
ATOM   338  C  CA    . PHE A 1 46  ? 6.465   8.363   8.322   1.00 29.07 ? 46   PHE A CA    1 
ATOM   339  C  C     . PHE A 1 46  ? 7.549   7.361   8.688   1.00 27.56 ? 46   PHE A C     1 
ATOM   340  O  O     . PHE A 1 46  ? 8.286   7.562   9.643   1.00 26.68 ? 46   PHE A O     1 
ATOM   341  C  CB    . PHE A 1 46  ? 6.901   9.194   7.099   1.00 28.95 ? 46   PHE A CB    1 
ATOM   342  C  CG    . PHE A 1 46  ? 8.067   10.126  7.379   1.00 28.68 ? 46   PHE A CG    1 
ATOM   343  C  CD1   . PHE A 1 46  ? 9.378   9.661   7.318   1.00 27.62 ? 46   PHE A CD1   1 
ATOM   344  C  CD2   . PHE A 1 46  ? 7.846   11.460  7.718   1.00 28.73 ? 46   PHE A CD2   1 
ATOM   345  C  CE1   . PHE A 1 46  ? 10.464  10.514  7.579   1.00 27.77 ? 46   PHE A CE1   1 
ATOM   346  C  CE2   . PHE A 1 46  ? 8.923   12.321  7.988   1.00 29.46 ? 46   PHE A CE2   1 
ATOM   347  C  CZ    . PHE A 1 46  ? 10.234  11.840  7.922   1.00 28.47 ? 46   PHE A CZ    1 
ATOM   348  N  N     . LYS A 1 47  ? 7.639   6.289   7.912   1.00 26.76 ? 47   LYS A N     1 
ATOM   349  C  CA    . LYS A 1 47  ? 8.727   5.333   8.041   1.00 26.37 ? 47   LYS A CA    1 
ATOM   350  C  C     . LYS A 1 47  ? 9.640   5.406   6.814   1.00 26.14 ? 47   LYS A C     1 
ATOM   351  O  O     . LYS A 1 47  ? 9.200   5.729   5.715   1.00 25.08 ? 47   LYS A O     1 
ATOM   352  C  CB    . LYS A 1 47  ? 8.193   3.902   8.203   1.00 26.10 ? 47   LYS A CB    1 
ATOM   353  C  CG    . LYS A 1 47  ? 7.417   3.638   9.494   1.00 27.12 ? 47   LYS A CG    1 
ATOM   354  C  CD    . LYS A 1 47  ? 8.339   3.481   10.694  1.00 27.99 ? 47   LYS A CD    1 
ATOM   355  C  CE    . LYS A 1 47  ? 7.542   3.141   11.953  1.00 30.31 ? 47   LYS A CE    1 
ATOM   356  N  NZ    . LYS A 1 47  ? 8.451   2.859   13.110  1.00 30.39 ? 47   LYS A NZ    1 
ATOM   357  N  N     . ILE A 1 48  ? 10.909  5.084   7.027   1.00 26.46 ? 48   ILE A N     1 
ATOM   358  C  CA    . ILE A 1 48  ? 11.902  5.063   5.964   1.00 27.13 ? 48   ILE A CA    1 
ATOM   359  C  C     . ILE A 1 48  ? 12.445  3.645   5.818   1.00 27.30 ? 48   ILE A C     1 
ATOM   360  O  O     . ILE A 1 48  ? 12.845  3.020   6.816   1.00 28.03 ? 48   ILE A O     1 
ATOM   361  C  CB    . ILE A 1 48  ? 13.078  6.022   6.278   1.00 27.10 ? 48   ILE A CB    1 
ATOM   362  C  CG1   . ILE A 1 48  ? 12.598  7.479   6.355   1.00 28.24 ? 48   ILE A CG1   1 
ATOM   363  C  CG2   . ILE A 1 48  ? 14.223  5.868   5.238   1.00 28.50 ? 48   ILE A CG2   1 
ATOM   364  C  CD1   . ILE A 1 48  ? 12.297  8.136   5.011   1.00 27.90 ? 48   ILE A CD1   1 
ATOM   365  N  N     . ARG A 1 49  ? 12.436  3.132   4.594   1.00 26.52 ? 49   ARG A N     1 
ATOM   366  C  CA    . ARG A 1 49  ? 13.200  1.940   4.281   1.00 26.67 ? 49   ARG A CA    1 
ATOM   367  C  C     . ARG A 1 49  ? 13.861  2.040   2.903   1.00 25.89 ? 49   ARG A C     1 
ATOM   368  O  O     . ARG A 1 49  ? 13.266  2.526   1.944   1.00 25.01 ? 49   ARG A O     1 
ATOM   369  C  CB    . ARG A 1 49  ? 12.361  0.665   4.384   1.00 27.00 ? 49   ARG A CB    1 
ATOM   370  C  CG    . ARG A 1 49  ? 13.246  -0.561  4.516   1.00 29.51 ? 49   ARG A CG    1 
ATOM   371  C  CD    . ARG A 1 49  ? 12.489  -1.822  4.710   1.00 32.96 ? 49   ARG A CD    1 
ATOM   372  N  NE    . ARG A 1 49  ? 12.991  -2.827  3.784   1.00 35.30 ? 49   ARG A NE    1 
ATOM   373  C  CZ    . ARG A 1 49  ? 12.440  -4.020  3.604   1.00 36.85 ? 49   ARG A CZ    1 
ATOM   374  N  NH1   . ARG A 1 49  ? 11.371  -4.376  4.314   1.00 37.29 ? 49   ARG A NH1   1 
ATOM   375  N  NH2   . ARG A 1 49  ? 12.963  -4.860  2.714   1.00 37.17 ? 49   ARG A NH2   1 
ATOM   376  N  N     . THR A 1 50  ? 15.101  1.574   2.832   1.00 25.67 ? 50   THR A N     1 
ATOM   377  C  CA    . THR A 1 50  ? 15.850  1.578   1.583   1.00 25.82 ? 50   THR A CA    1 
ATOM   378  C  C     . THR A 1 50  ? 15.845  0.180   0.975   1.00 25.57 ? 50   THR A C     1 
ATOM   379  O  O     . THR A 1 50  ? 16.080  -0.814  1.667   1.00 26.07 ? 50   THR A O     1 
ATOM   380  C  CB    . THR A 1 50  ? 17.276  2.103   1.798   1.00 25.90 ? 50   THR A CB    1 
ATOM   381  O  OG1   . THR A 1 50  ? 17.200  3.464   2.238   1.00 25.74 ? 50   THR A OG1   1 
ATOM   382  C  CG2   . THR A 1 50  ? 18.076  2.051   0.502   1.00 26.26 ? 50   THR A CG2   1 
ATOM   383  N  N     . ILE A 1 51  ? 15.537  0.114   -0.312  1.00 25.40 ? 51   ILE A N     1 
ATOM   384  C  CA    . ILE A 1 51  ? 15.515  -1.150  -1.044  1.00 25.48 ? 51   ILE A CA    1 
ATOM   385  C  C     . ILE A 1 51  ? 16.420  -1.070  -2.266  1.00 26.39 ? 51   ILE A C     1 
ATOM   386  O  O     . ILE A 1 51  ? 16.882  0.009   -2.651  1.00 25.59 ? 51   ILE A O     1 
ATOM   387  C  CB    . ILE A 1 51  ? 14.079  -1.550  -1.503  1.00 25.16 ? 51   ILE A CB    1 
ATOM   388  C  CG1   . ILE A 1 51  ? 13.482  -0.509  -2.457  1.00 25.07 ? 51   ILE A CG1   1 
ATOM   389  C  CG2   . ILE A 1 51  ? 13.160  -1.783  -0.292  1.00 25.29 ? 51   ILE A CG2   1 
ATOM   390  C  CD1   . ILE A 1 51  ? 12.254  -1.024  -3.257  1.00 25.54 ? 51   ILE A CD1   1 
ATOM   391  N  N     . SER A 1 52  ? 16.639  -2.220  -2.883  1.00 26.83 ? 52   SER A N     1 
ATOM   392  C  CA    . SER A 1 52  ? 17.399  -2.305  -4.103  1.00 28.45 ? 52   SER A CA    1 
ATOM   393  C  C     . SER A 1 52  ? 16.473  -2.748  -5.224  1.00 28.80 ? 52   SER A C     1 
ATOM   394  O  O     . SER A 1 52  ? 15.693  -3.697  -5.055  1.00 28.79 ? 52   SER A O     1 
ATOM   395  C  CB    . SER A 1 52  ? 18.569  -3.273  -3.906  1.00 28.61 ? 52   SER A CB    1 
ATOM   396  O  OG    . SER A 1 52  ? 19.292  -3.425  -5.110  1.00 32.06 ? 52   SER A OG    1 
ATOM   397  N  N     . LEU A 1 53  ? 16.540  -2.042  -6.351  1.00 29.41 ? 53   LEU A N     1 
ATOM   398  C  CA    . LEU A 1 53  ? 15.802  -2.386  -7.566  1.00 30.66 ? 53   LEU A CA    1 
ATOM   399  C  C     . LEU A 1 53  ? 16.747  -2.461  -8.762  1.00 31.43 ? 53   LEU A C     1 
ATOM   400  O  O     . LEU A 1 53  ? 17.260  -1.428  -9.220  1.00 32.08 ? 53   LEU A O     1 
ATOM   401  C  CB    . LEU A 1 53  ? 14.707  -1.351  -7.862  1.00 31.01 ? 53   LEU A CB    1 
ATOM   402  C  CG    . LEU A 1 53  ? 13.462  -1.259  -6.974  1.00 31.65 ? 53   LEU A CG    1 
ATOM   403  C  CD1   . LEU A 1 53  ? 12.521  -0.215  -7.549  1.00 33.63 ? 53   LEU A CD1   1 
ATOM   404  C  CD2   . LEU A 1 53  ? 12.743  -2.599  -6.821  1.00 32.89 ? 53   LEU A CD2   1 
ATOM   405  N  N     . GLU A 1 54  ? 16.946  -3.676  -9.278  1.00 31.57 ? 54   GLU A N     1 
ATOM   406  C  CA    . GLU A 1 54  ? 17.964  -3.986  -10.293 1.00 31.40 ? 54   GLU A CA    1 
ATOM   407  C  C     . GLU A 1 54  ? 19.369  -3.532  -9.868  1.00 31.23 ? 54   GLU A C     1 
ATOM   408  O  O     . GLU A 1 54  ? 20.049  -4.238  -9.121  1.00 31.93 ? 54   GLU A O     1 
ATOM   409  C  CB    . GLU A 1 54  ? 17.567  -3.457  -11.678 1.00 31.91 ? 54   GLU A CB    1 
ATOM   410  N  N     . ASN A 1 55  ? 19.801  -2.364  -10.332 1.00 30.79 ? 55   ASN A N     1 
ATOM   411  C  CA    . ASN A 1 55  ? 21.096  -1.807  -9.935  1.00 30.51 ? 55   ASN A CA    1 
ATOM   412  C  C     . ASN A 1 55  ? 20.972  -0.476  -9.167  1.00 29.27 ? 55   ASN A C     1 
ATOM   413  O  O     . ASN A 1 55  ? 21.980  0.184   -8.881  1.00 29.29 ? 55   ASN A O     1 
ATOM   414  C  CB    . ASN A 1 55  ? 22.016  -1.641  -11.158 1.00 31.19 ? 55   ASN A CB    1 
ATOM   415  C  CG    . ASN A 1 55  ? 21.507  -0.581  -12.142 1.00 34.58 ? 55   ASN A CG    1 
ATOM   416  O  OD1   . ASN A 1 55  ? 20.319  -0.554  -12.503 1.00 38.00 ? 55   ASN A OD1   1 
ATOM   417  N  ND2   . ASN A 1 55  ? 22.413  0.294   -12.591 1.00 37.32 ? 55   ASN A ND2   1 
ATOM   418  N  N     . LYS A 1 56  ? 19.741  -0.089  -8.830  1.00 27.35 ? 56   LYS A N     1 
ATOM   419  C  CA    . LYS A 1 56  ? 19.491  1.192   -8.162  1.00 25.90 ? 56   LYS A CA    1 
ATOM   420  C  C     . LYS A 1 56  ? 19.066  1.013   -6.707  1.00 25.13 ? 56   LYS A C     1 
ATOM   421  O  O     . LYS A 1 56  ? 18.310  0.090   -6.386  1.00 24.56 ? 56   LYS A O     1 
ATOM   422  C  CB    . LYS A 1 56  ? 18.417  1.982   -8.915  1.00 25.69 ? 56   LYS A CB    1 
ATOM   423  C  CG    . LYS A 1 56  ? 18.741  2.258   -10.373 1.00 25.29 ? 56   LYS A CG    1 
ATOM   424  C  CD    . LYS A 1 56  ? 19.966  3.146   -10.512 1.00 24.65 ? 56   LYS A CD    1 
ATOM   425  C  CE    . LYS A 1 56  ? 20.109  3.646   -11.938 1.00 27.39 ? 56   LYS A CE    1 
ATOM   426  N  NZ    . LYS A 1 56  ? 21.219  4.651   -12.045 1.00 31.08 ? 56   LYS A NZ    1 
ATOM   427  N  N     . THR A 1 57  ? 19.572  1.894   -5.842  1.00 23.87 ? 57   THR A N     1 
ATOM   428  C  CA    . THR A 1 57  ? 19.163  1.988   -4.451  1.00 23.92 ? 57   THR A CA    1 
ATOM   429  C  C     . THR A 1 57  ? 18.015  2.991   -4.342  1.00 23.52 ? 57   THR A C     1 
ATOM   430  O  O     . THR A 1 57  ? 18.124  4.147   -4.806  1.00 22.55 ? 57   THR A O     1 
ATOM   431  C  CB    . THR A 1 57  ? 20.343  2.403   -3.545  1.00 24.17 ? 57   THR A CB    1 
ATOM   432  O  OG1   . THR A 1 57  ? 21.335  1.379   -3.578  1.00 25.91 ? 57   THR A OG1   1 
ATOM   433  C  CG2   . THR A 1 57  ? 19.904  2.568   -2.119  1.00 25.80 ? 57   THR A CG2   1 
ATOM   434  N  N     . VAL A 1 58  ? 16.907  2.537   -3.755  1.00 22.51 ? 58   VAL A N     1 
ATOM   435  C  CA    . VAL A 1 58  ? 15.686  3.333   -3.678  1.00 22.12 ? 58   VAL A CA    1 
ATOM   436  C  C     . VAL A 1 58  ? 15.313  3.573   -2.219  1.00 22.70 ? 58   VAL A C     1 
ATOM   437  O  O     . VAL A 1 58  ? 15.067  2.621   -1.465  1.00 22.73 ? 58   VAL A O     1 
ATOM   438  C  CB    . VAL A 1 58  ? 14.508  2.635   -4.418  1.00 22.56 ? 58   VAL A CB    1 
ATOM   439  C  CG1   . VAL A 1 58  ? 13.232  3.475   -4.337  1.00 21.50 ? 58   VAL A CG1   1 
ATOM   440  C  CG2   . VAL A 1 58  ? 14.869  2.341   -5.874  1.00 21.87 ? 58   VAL A CG2   1 
ATOM   441  N  N     . LYS A 1 59  ? 15.284  4.836   -1.807  1.00 22.12 ? 59   LYS A N     1 
ATOM   442  C  CA    . LYS A 1 59  ? 14.784  5.167   -0.485  1.00 22.00 ? 59   LYS A CA    1 
ATOM   443  C  C     . LYS A 1 59  ? 13.270  5.379   -0.543  1.00 21.58 ? 59   LYS A C     1 
ATOM   444  O  O     . LYS A 1 59  ? 12.778  6.168   -1.346  1.00 20.71 ? 59   LYS A O     1 
ATOM   445  C  CB    . LYS A 1 59  ? 15.494  6.384   0.118   1.00 22.18 ? 59   LYS A CB    1 
ATOM   446  C  CG    . LYS A 1 59  ? 15.007  6.713   1.528   1.00 22.04 ? 59   LYS A CG    1 
ATOM   447  C  CD    . LYS A 1 59  ? 15.827  7.780   2.217   1.00 22.91 ? 59   LYS A CD    1 
ATOM   448  C  CE    . LYS A 1 59  ? 17.021  7.182   2.958   1.00 26.08 ? 59   LYS A CE    1 
ATOM   449  N  NZ    . LYS A 1 59  ? 17.715  8.209   3.807   1.00 27.49 ? 59   LYS A NZ    1 
ATOM   450  N  N     . LEU A 1 60  ? 12.549  4.647   0.305   1.00 20.93 ? 60   LEU A N     1 
ATOM   451  C  CA    . LEU A 1 60  ? 11.091  4.758   0.403   1.00 20.72 ? 60   LEU A CA    1 
ATOM   452  C  C     . LEU A 1 60  ? 10.701  5.531   1.640   1.00 20.49 ? 60   LEU A C     1 
ATOM   453  O  O     . LEU A 1 60  ? 11.118  5.198   2.748   1.00 20.17 ? 60   LEU A O     1 
ATOM   454  C  CB    . LEU A 1 60  ? 10.429  3.374   0.432   1.00 20.74 ? 60   LEU A CB    1 
ATOM   455  C  CG    . LEU A 1 60  ? 10.725  2.435   -0.748  1.00 20.55 ? 60   LEU A CG    1 
ATOM   456  C  CD1   . LEU A 1 60  ? 10.077  1.044   -0.533  1.00 20.62 ? 60   LEU A CD1   1 
ATOM   457  C  CD2   . LEU A 1 60  ? 10.281  3.048   -2.073  1.00 20.56 ? 60   LEU A CD2   1 
ATOM   458  N  N     . GLN A 1 61  ? 9.909   6.578   1.447   1.00 19.91 ? 61   GLN A N     1 
ATOM   459  C  CA    . GLN A 1 61  ? 9.378   7.338   2.561   1.00 20.56 ? 61   GLN A CA    1 
ATOM   460  C  C     . GLN A 1 61  ? 7.876   7.069   2.586   1.00 20.08 ? 61   GLN A C     1 
ATOM   461  O  O     . GLN A 1 61  ? 7.180   7.365   1.621   1.00 20.00 ? 61   GLN A O     1 
ATOM   462  C  CB    . GLN A 1 61  ? 9.651   8.825   2.367   1.00 20.25 ? 61   GLN A CB    1 
ATOM   463  C  CG    . GLN A 1 61  ? 9.256   9.686   3.563   1.00 21.82 ? 61   GLN A CG    1 
ATOM   464  C  CD    . GLN A 1 61  ? 9.635   11.147  3.373   1.00 22.69 ? 61   GLN A CD    1 
ATOM   465  O  OE1   . GLN A 1 61  ? 9.907   11.586  2.255   1.00 23.77 ? 61   GLN A OE1   1 
ATOM   466  N  NE2   . GLN A 1 61  ? 9.639   11.909  4.468   1.00 23.24 ? 61   GLN A NE2   1 
ATOM   467  N  N     . ILE A 1 62  ? 7.388   6.484   3.676   1.00 19.91 ? 62   ILE A N     1 
ATOM   468  C  CA    . ILE A 1 62  ? 6.029   5.908   3.677   1.00 19.97 ? 62   ILE A CA    1 
ATOM   469  C  C     . ILE A 1 62  ? 5.147   6.439   4.807   1.00 20.17 ? 62   ILE A C     1 
ATOM   470  O  O     . ILE A 1 62  ? 5.536   6.390   5.966   1.00 20.35 ? 62   ILE A O     1 
ATOM   471  C  CB    . ILE A 1 62  ? 6.075   4.358   3.733   1.00 19.81 ? 62   ILE A CB    1 
ATOM   472  C  CG1   . ILE A 1 62  ? 7.108   3.831   2.715   1.00 19.71 ? 62   ILE A CG1   1 
ATOM   473  C  CG2   . ILE A 1 62  ? 4.679   3.759   3.441   1.00 18.54 ? 62   ILE A CG2   1 
ATOM   474  C  CD1   . ILE A 1 62  ? 7.464   2.358   2.878   1.00 20.09 ? 62   ILE A CD1   1 
ATOM   475  N  N     . TRP A 1 63  ? 3.969   6.943   4.437   1.00 20.61 ? 63   TRP A N     1 
ATOM   476  C  CA    . TRP A 1 63  ? 2.956   7.431   5.374   1.00 21.36 ? 63   TRP A CA    1 
ATOM   477  C  C     . TRP A 1 63  ? 1.773   6.463   5.400   1.00 21.83 ? 63   TRP A C     1 
ATOM   478  O  O     . TRP A 1 63  ? 1.392   5.923   4.369   1.00 20.43 ? 63   TRP A O     1 
ATOM   479  C  CB    . TRP A 1 63  ? 2.420   8.788   4.923   1.00 21.81 ? 63   TRP A CB    1 
ATOM   480  C  CG    . TRP A 1 63  ? 3.339   9.958   5.105   1.00 22.31 ? 63   TRP A CG    1 
ATOM   481  C  CD1   . TRP A 1 63  ? 3.368   10.829  6.163   1.00 23.53 ? 63   TRP A CD1   1 
ATOM   482  C  CD2   . TRP A 1 63  ? 4.337   10.416  4.176   1.00 22.88 ? 63   TRP A CD2   1 
ATOM   483  N  NE1   . TRP A 1 63  ? 4.330   11.799  5.949   1.00 23.25 ? 63   TRP A NE1   1 
ATOM   484  C  CE2   . TRP A 1 63  ? 4.929   11.572  4.737   1.00 23.01 ? 63   TRP A CE2   1 
ATOM   485  C  CE3   . TRP A 1 63  ? 4.780   9.965   2.920   1.00 23.59 ? 63   TRP A CE3   1 
ATOM   486  C  CZ2   . TRP A 1 63  ? 5.960   12.272  4.096   1.00 23.21 ? 63   TRP A CZ2   1 
ATOM   487  C  CZ3   . TRP A 1 63  ? 5.806   10.671  2.277   1.00 23.42 ? 63   TRP A CZ3   1 
ATOM   488  C  CH2   . TRP A 1 63  ? 6.374   11.813  2.868   1.00 23.39 ? 63   TRP A CH2   1 
ATOM   489  N  N     . ASP A 1 64  ? 1.198   6.261   6.581   1.00 23.56 ? 64   ASP A N     1 
ATOM   490  C  CA    . ASP A 1 64  ? 0.000   5.423   6.748   1.00 25.68 ? 64   ASP A CA    1 
ATOM   491  C  C     . ASP A 1 64  ? -1.253  6.267   7.017   1.00 27.10 ? 64   ASP A C     1 
ATOM   492  O  O     . ASP A 1 64  ? -2.342  5.711   7.248   1.00 27.14 ? 64   ASP A O     1 
ATOM   493  C  CB    . ASP A 1 64  ? 0.209   4.405   7.885   1.00 25.04 ? 64   ASP A CB    1 
ATOM   494  C  CG    . ASP A 1 64  ? 0.398   5.066   9.251   1.00 26.87 ? 64   ASP A CG    1 
ATOM   495  O  OD1   . ASP A 1 64  ? 0.732   6.273   9.310   1.00 29.68 ? 64   ASP A OD1   1 
ATOM   496  O  OD2   . ASP A 1 64  ? 0.241   4.374   10.282  1.00 26.57 ? 64   ASP A OD2   1 
ATOM   497  N  N     . THR A 1 65  ? -1.066  7.596   7.030   1.00 29.09 ? 65   THR A N     1 
ATOM   498  C  CA    . THR A 1 65  ? -2.129  8.602   7.235   1.00 30.94 ? 65   THR A CA    1 
ATOM   499  C  C     . THR A 1 65  ? -1.996  9.739   6.229   1.00 31.59 ? 65   THR A C     1 
ATOM   500  O  O     . THR A 1 65  ? -0.886  10.208  5.948   1.00 31.84 ? 65   THR A O     1 
ATOM   501  C  CB    . THR A 1 65  ? -2.114  9.261   8.663   1.00 31.47 ? 65   THR A CB    1 
ATOM   502  O  OG1   . THR A 1 65  ? -1.040  10.212  8.765   1.00 33.29 ? 65   THR A OG1   1 
ATOM   503  C  CG2   . THR A 1 65  ? -1.988  8.238   9.786   1.00 31.57 ? 65   THR A CG2   1 
ATOM   504  N  N     . ALA A 1 66  ? -3.126  10.192  5.694   1.00 32.16 ? 66   ALA A N     1 
ATOM   505  C  CA    . ALA A 1 66  ? -3.141  11.330  4.771   1.00 32.72 ? 66   ALA A CA    1 
ATOM   506  C  C     . ALA A 1 66  ? -2.787  12.656  5.468   1.00 33.40 ? 66   ALA A C     1 
ATOM   507  O  O     . ALA A 1 66  ? -2.852  12.759  6.706   1.00 33.84 ? 66   ALA A O     1 
ATOM   508  C  CB    . ALA A 1 66  ? -4.471  11.419  4.062   1.00 32.14 ? 66   ALA A CB    1 
ATOM   509  N  N     . GLY A 1 67  ? -2.385  13.655  4.678   1.00 33.95 ? 67   GLY A N     1 
ATOM   510  C  CA    . GLY A 1 67  ? -1.961  14.958  5.225   1.00 34.52 ? 67   GLY A CA    1 
ATOM   511  C  C     . GLY A 1 67  ? -3.114  15.843  5.677   1.00 34.54 ? 67   GLY A C     1 
ATOM   512  O  O     . GLY A 1 67  ? -4.254  15.681  5.215   1.00 34.57 ? 67   GLY A O     1 
ATOM   513  N  N     . SER A 1 77  ? 0.094   17.906  2.197   1.00 44.22 ? 77   SER A N     1 
ATOM   514  C  CA    . SER A 1 77  ? -1.170  17.903  1.455   1.00 44.41 ? 77   SER A CA    1 
ATOM   515  C  C     . SER A 1 77  ? -1.836  16.543  1.672   1.00 43.49 ? 77   SER A C     1 
ATOM   516  O  O     . SER A 1 77  ? -1.183  15.615  2.158   1.00 43.42 ? 77   SER A O     1 
ATOM   517  C  CB    . SER A 1 77  ? -0.915  18.162  -0.038  1.00 44.92 ? 77   SER A CB    1 
ATOM   518  O  OG    . SER A 1 77  ? -2.073  18.670  -0.695  1.00 47.01 ? 77   SER A OG    1 
ATOM   519  N  N     . TYR A 1 78  ? -3.113  16.410  1.309   1.00 42.63 ? 78   TYR A N     1 
ATOM   520  C  CA    . TYR A 1 78  ? -3.850  15.173  1.613   1.00 41.69 ? 78   TYR A CA    1 
ATOM   521  C  C     . TYR A 1 78  ? -3.124  13.915  1.120   1.00 40.49 ? 78   TYR A C     1 
ATOM   522  O  O     . TYR A 1 78  ? -3.072  12.915  1.836   1.00 39.56 ? 78   TYR A O     1 
ATOM   523  C  CB    . TYR A 1 78  ? -5.290  15.204  1.084   1.00 42.18 ? 78   TYR A CB    1 
ATOM   524  C  CG    . TYR A 1 78  ? -6.153  14.081  1.629   1.00 42.41 ? 78   TYR A CG    1 
ATOM   525  C  CD1   . TYR A 1 78  ? -6.757  14.183  2.884   1.00 43.20 ? 78   TYR A CD1   1 
ATOM   526  C  CD2   . TYR A 1 78  ? -6.362  12.910  0.891   1.00 43.68 ? 78   TYR A CD2   1 
ATOM   527  C  CE1   . TYR A 1 78  ? -7.563  13.151  3.394   1.00 43.98 ? 78   TYR A CE1   1 
ATOM   528  C  CE2   . TYR A 1 78  ? -7.153  11.865  1.394   1.00 43.96 ? 78   TYR A CE2   1 
ATOM   529  C  CZ    . TYR A 1 78  ? -7.753  11.992  2.643   1.00 43.93 ? 78   TYR A CZ    1 
ATOM   530  O  OH    . TYR A 1 78  ? -8.540  10.968  3.136   1.00 43.37 ? 78   TYR A OH    1 
ATOM   531  N  N     . TYR A 1 79  ? -2.563  13.991  -0.093  1.00 39.17 ? 79   TYR A N     1 
ATOM   532  C  CA    . TYR A 1 79  ? -1.847  12.861  -0.696  1.00 38.10 ? 79   TYR A CA    1 
ATOM   533  C  C     . TYR A 1 79  ? -0.330  12.951  -0.579  1.00 37.09 ? 79   TYR A C     1 
ATOM   534  O  O     . TYR A 1 79  ? 0.395   12.140  -1.165  1.00 36.57 ? 79   TYR A O     1 
ATOM   535  C  CB    . TYR A 1 79  ? -2.295  12.616  -2.143  1.00 38.31 ? 79   TYR A CB    1 
ATOM   536  C  CG    . TYR A 1 79  ? -3.755  12.231  -2.240  1.00 38.80 ? 79   TYR A CG    1 
ATOM   537  C  CD1   . TYR A 1 79  ? -4.190  10.940  -1.901  1.00 38.32 ? 79   TYR A CD1   1 
ATOM   538  C  CD2   . TYR A 1 79  ? -4.706  13.162  -2.648  1.00 39.76 ? 79   TYR A CD2   1 
ATOM   539  C  CE1   . TYR A 1 79  ? -5.546  10.591  -1.974  1.00 38.92 ? 79   TYR A CE1   1 
ATOM   540  C  CE2   . TYR A 1 79  ? -6.058  12.827  -2.734  1.00 40.38 ? 79   TYR A CE2   1 
ATOM   541  C  CZ    . TYR A 1 79  ? -6.469  11.547  -2.397  1.00 39.57 ? 79   TYR A CZ    1 
ATOM   542  O  OH    . TYR A 1 79  ? -7.801  11.239  -2.487  1.00 41.30 ? 79   TYR A OH    1 
ATOM   543  N  N     . ARG A 1 80  ? 0.137   13.926  0.195   1.00 35.92 ? 80   ARG A N     1 
ATOM   544  C  CA    . ARG A 1 80  ? 1.550   14.018  0.609   1.00 35.24 ? 80   ARG A CA    1 
ATOM   545  C  C     . ARG A 1 80  ? 2.533   14.204  -0.555  1.00 34.04 ? 80   ARG A C     1 
ATOM   546  O  O     . ARG A 1 80  ? 3.736   14.036  -0.368  1.00 34.39 ? 80   ARG A O     1 
ATOM   547  C  CB    . ARG A 1 80  ? 1.990   12.782  1.428   1.00 35.40 ? 80   ARG A CB    1 
ATOM   548  C  CG    . ARG A 1 80  ? 1.041   12.279  2.532   1.00 36.13 ? 80   ARG A CG    1 
ATOM   549  C  CD    . ARG A 1 80  ? 1.139   13.136  3.741   1.00 36.47 ? 80   ARG A CD    1 
ATOM   550  N  NE    . ARG A 1 80  ? 0.623   12.537  4.966   1.00 35.50 ? 80   ARG A NE    1 
ATOM   551  C  CZ    . ARG A 1 80  ? 0.916   13.025  6.170   1.00 36.85 ? 80   ARG A CZ    1 
ATOM   552  N  NH1   . ARG A 1 80  ? 1.730   14.073  6.257   1.00 36.57 ? 80   ARG A NH1   1 
ATOM   553  N  NH2   . ARG A 1 80  ? 0.423   12.476  7.277   1.00 35.32 ? 80   ARG A NH2   1 
ATOM   554  N  N     . GLY A 1 81  ? 2.028   14.538  -1.745  1.00 32.82 ? 81   GLY A N     1 
ATOM   555  C  CA    . GLY A 1 81  ? 2.848   14.539  -2.971  1.00 30.91 ? 81   GLY A CA    1 
ATOM   556  C  C     . GLY A 1 81  ? 3.426   13.162  -3.293  1.00 29.43 ? 81   GLY A C     1 
ATOM   557  O  O     . GLY A 1 81  ? 4.528   13.056  -3.845  1.00 28.85 ? 81   GLY A O     1 
ATOM   558  N  N     . ALA A 1 82  ? 2.680   12.107  -2.941  1.00 27.60 ? 82   ALA A N     1 
ATOM   559  C  CA    . ALA A 1 82  ? 3.125   10.725  -3.140  1.00 25.78 ? 82   ALA A CA    1 
ATOM   560  C  C     . ALA A 1 82  ? 3.356   10.384  -4.613  1.00 25.01 ? 82   ALA A C     1 
ATOM   561  O  O     . ALA A 1 82  ? 2.628   10.862  -5.492  1.00 24.90 ? 82   ALA A O     1 
ATOM   562  C  CB    . ALA A 1 82  ? 2.135   9.726   -2.499  1.00 25.93 ? 82   ALA A CB    1 
ATOM   563  N  N     . HIS A 1 83  ? 4.389   9.574   -4.867  1.00 23.11 ? 83   HIS A N     1 
ATOM   564  C  CA    . HIS A 1 83  ? 4.656   9.012   -6.192  1.00 22.44 ? 83   HIS A CA    1 
ATOM   565  C  C     . HIS A 1 83  ? 3.798   7.772   -6.417  1.00 21.60 ? 83   HIS A C     1 
ATOM   566  O  O     . HIS A 1 83  ? 3.491   7.418   -7.548  1.00 21.23 ? 83   HIS A O     1 
ATOM   567  C  CB    . HIS A 1 83  ? 6.147   8.635   -6.334  1.00 22.72 ? 83   HIS A CB    1 
ATOM   568  C  CG    . HIS A 1 83  ? 7.085   9.783   -6.104  1.00 24.55 ? 83   HIS A CG    1 
ATOM   569  N  ND1   . HIS A 1 83  ? 7.655   10.045  -4.877  1.00 25.76 ? 83   HIS A ND1   1 
ATOM   570  C  CD2   . HIS A 1 83  ? 7.540   10.746  -6.940  1.00 28.17 ? 83   HIS A CD2   1 
ATOM   571  C  CE1   . HIS A 1 83  ? 8.432   11.110  -4.965  1.00 26.68 ? 83   HIS A CE1   1 
ATOM   572  N  NE2   . HIS A 1 83  ? 8.374   11.560  -6.207  1.00 29.71 ? 83   HIS A NE2   1 
ATOM   573  N  N     . GLY A 1 84  ? 3.431   7.107   -5.325  1.00 20.75 ? 84   GLY A N     1 
ATOM   574  C  CA    . GLY A 1 84  ? 2.630   5.902   -5.399  1.00 19.77 ? 84   GLY A CA    1 
ATOM   575  C  C     . GLY A 1 84  ? 1.662   5.828   -4.242  1.00 19.24 ? 84   GLY A C     1 
ATOM   576  O  O     . GLY A 1 84  ? 1.981   6.203   -3.117  1.00 18.07 ? 84   GLY A O     1 
ATOM   577  N  N     . ILE A 1 85  ? 0.466   5.337   -4.534  1.00 19.13 ? 85   ILE A N     1 
ATOM   578  C  CA    . ILE A 1 85  ? -0.550  5.179   -3.517  1.00 19.09 ? 85   ILE A CA    1 
ATOM   579  C  C     . ILE A 1 85  ? -0.995  3.713   -3.475  1.00 18.58 ? 85   ILE A C     1 
ATOM   580  O  O     . ILE A 1 85  ? -1.411  3.127   -4.482  1.00 18.40 ? 85   ILE A O     1 
ATOM   581  C  CB    . ILE A 1 85  ? -1.733  6.160   -3.745  1.00 19.04 ? 85   ILE A CB    1 
ATOM   582  C  CG1   . ILE A 1 85  ? -1.218  7.617   -3.671  1.00 19.42 ? 85   ILE A CG1   1 
ATOM   583  C  CG2   . ILE A 1 85  ? -2.873  5.899   -2.742  1.00 18.44 ? 85   ILE A CG2   1 
ATOM   584  C  CD1   . ILE A 1 85  ? -2.221  8.669   -4.112  1.00 20.93 ? 85   ILE A CD1   1 
ATOM   585  N  N     . ILE A 1 86  ? -0.869  3.129   -2.297  1.00 18.19 ? 86   ILE A N     1 
ATOM   586  C  CA    . ILE A 1 86  ? -1.326  1.771   -2.070  1.00 18.11 ? 86   ILE A CA    1 
ATOM   587  C  C     . ILE A 1 86  ? -2.718  1.838   -1.446  1.00 17.94 ? 86   ILE A C     1 
ATOM   588  O  O     . ILE A 1 86  ? -2.904  2.382   -0.349  1.00 17.49 ? 86   ILE A O     1 
ATOM   589  C  CB    . ILE A 1 86  ? -0.361  1.014   -1.165  1.00 18.14 ? 86   ILE A CB    1 
ATOM   590  C  CG1   . ILE A 1 86  ? 1.021   0.965   -1.821  1.00 18.01 ? 86   ILE A CG1   1 
ATOM   591  C  CG2   . ILE A 1 86  ? -0.892  -0.399  -0.889  1.00 18.15 ? 86   ILE A CG2   1 
ATOM   592  C  CD1   . ILE A 1 86  ? 2.133   0.553   -0.870  1.00 17.70 ? 86   ILE A CD1   1 
ATOM   593  N  N     . ILE A 1 87  ? -3.697  1.332   -2.178  1.00 17.77 ? 87   ILE A N     1 
ATOM   594  C  CA    . ILE A 1 87  ? -5.078  1.347   -1.703  1.00 17.85 ? 87   ILE A CA    1 
ATOM   595  C  C     . ILE A 1 87  ? -5.390  0.001   -1.053  1.00 17.39 ? 87   ILE A C     1 
ATOM   596  O  O     . ILE A 1 87  ? -5.370  -1.036  -1.720  1.00 16.61 ? 87   ILE A O     1 
ATOM   597  C  CB    . ILE A 1 87  ? -6.078  1.631   -2.845  1.00 17.85 ? 87   ILE A CB    1 
ATOM   598  C  CG1   . ILE A 1 87  ? -5.641  2.887   -3.630  1.00 19.59 ? 87   ILE A CG1   1 
ATOM   599  C  CG2   . ILE A 1 87  ? -7.496  1.790   -2.273  1.00 18.53 ? 87   ILE A CG2   1 
ATOM   600  C  CD1   . ILE A 1 87  ? -5.731  2.733   -5.126  1.00 19.41 ? 87   ILE A CD1   1 
ATOM   601  N  N     . VAL A 1 88  ? -5.696  0.036   0.241   1.00 16.70 ? 88   VAL A N     1 
ATOM   602  C  CA    . VAL A 1 88  ? -5.901  -1.185  1.021   1.00 16.74 ? 88   VAL A CA    1 
ATOM   603  C  C     . VAL A 1 88  ? -7.385  -1.431  1.342   1.00 16.78 ? 88   VAL A C     1 
ATOM   604  O  O     . VAL A 1 88  ? -8.112  -0.522  1.754   1.00 16.39 ? 88   VAL A O     1 
ATOM   605  C  CB    . VAL A 1 88  ? -5.059  -1.174  2.331   1.00 16.93 ? 88   VAL A CB    1 
ATOM   606  C  CG1   . VAL A 1 88  ? -5.087  -2.563  3.031   1.00 15.58 ? 88   VAL A CG1   1 
ATOM   607  C  CG2   . VAL A 1 88  ? -3.599  -0.707  2.061   1.00 15.80 ? 88   VAL A CG2   1 
ATOM   608  N  N     . TYR A 1 89  ? -7.822  -2.668  1.135   1.00 16.54 ? 89   TYR A N     1 
ATOM   609  C  CA    . TYR A 1 89  ? -9.087  -3.128  1.694   1.00 16.45 ? 89   TYR A CA    1 
ATOM   610  C  C     . TYR A 1 89  ? -8.832  -4.383  2.526   1.00 16.36 ? 89   TYR A C     1 
ATOM   611  O  O     . TYR A 1 89  ? -7.732  -4.944  2.507   1.00 16.02 ? 89   TYR A O     1 
ATOM   612  C  CB    . TYR A 1 89  ? -10.166 -3.340  0.607   1.00 16.13 ? 89   TYR A CB    1 
ATOM   613  C  CG    . TYR A 1 89  ? -9.904  -4.481  -0.346  1.00 17.06 ? 89   TYR A CG    1 
ATOM   614  C  CD1   . TYR A 1 89  ? -10.486 -5.730  -0.136  1.00 17.25 ? 89   TYR A CD1   1 
ATOM   615  C  CD2   . TYR A 1 89  ? -9.077  -4.314  -1.466  1.00 16.03 ? 89   TYR A CD2   1 
ATOM   616  C  CE1   . TYR A 1 89  ? -10.247 -6.793  -1.007  1.00 16.58 ? 89   TYR A CE1   1 
ATOM   617  C  CE2   . TYR A 1 89  ? -8.820  -5.373  -2.343  1.00 15.24 ? 89   TYR A CE2   1 
ATOM   618  C  CZ    . TYR A 1 89  ? -9.416  -6.609  -2.098  1.00 16.29 ? 89   TYR A CZ    1 
ATOM   619  O  OH    . TYR A 1 89  ? -9.202  -7.662  -2.947  1.00 16.58 ? 89   TYR A OH    1 
ATOM   620  N  N     . ASP A 1 90  ? -9.852  -4.794  3.273   1.00 16.16 ? 90   ASP A N     1 
ATOM   621  C  CA    . ASP A 1 90  ? -9.783  -5.932  4.162   1.00 16.39 ? 90   ASP A CA    1 
ATOM   622  C  C     . ASP A 1 90  ? -10.655 -7.002  3.469   1.00 16.20 ? 90   ASP A C     1 
ATOM   623  O  O     . ASP A 1 90  ? -11.835 -6.767  3.231   1.00 15.14 ? 90   ASP A O     1 
ATOM   624  C  CB    . ASP A 1 90  ? -10.319 -5.456  5.511   1.00 16.67 ? 90   ASP A CB    1 
ATOM   625  C  CG    . ASP A 1 90  ? -10.610 -6.576  6.506   1.00 18.55 ? 90   ASP A CG    1 
ATOM   626  O  OD1   . ASP A 1 90  ? -10.527 -7.778  6.160   1.00 18.38 ? 90   ASP A OD1   1 
ATOM   627  O  OD2   . ASP A 1 90  ? -10.934 -6.202  7.663   1.00 19.46 ? 90   ASP A OD2   1 
ATOM   628  N  N     . VAL A 1 91  ? -10.062 -8.149  3.101   1.00 16.32 ? 91   VAL A N     1 
ATOM   629  C  CA    . VAL A 1 91  ? -10.810 -9.195  2.357   1.00 16.03 ? 91   VAL A CA    1 
ATOM   630  C  C     . VAL A 1 91  ? -12.002 -9.751  3.173   1.00 16.60 ? 91   VAL A C     1 
ATOM   631  O  O     . VAL A 1 91  ? -12.899 -10.399 2.621   1.00 16.50 ? 91   VAL A O     1 
ATOM   632  C  CB    . VAL A 1 91  ? -9.898  -10.370 1.815   1.00 16.32 ? 91   VAL A CB    1 
ATOM   633  C  CG1   . VAL A 1 91  ? -8.773  -9.838  0.899   1.00 16.08 ? 91   VAL A CG1   1 
ATOM   634  C  CG2   . VAL A 1 91  ? -9.310  -11.216 2.973   1.00 16.91 ? 91   VAL A CG2   1 
ATOM   635  N  N     . THR A 1 92  ? -12.009 -9.474  4.474   1.00 16.60 ? 92   THR A N     1 
ATOM   636  C  CA    . THR A 1 92  ? -13.113 -9.897  5.342   1.00 17.40 ? 92   THR A CA    1 
ATOM   637  C  C     . THR A 1 92  ? -14.213 -8.833  5.489   1.00 17.56 ? 92   THR A C     1 
ATOM   638  O  O     . THR A 1 92  ? -15.215 -9.067  6.182   1.00 17.74 ? 92   THR A O     1 
ATOM   639  C  CB    . THR A 1 92  ? -12.630 -10.318 6.757   1.00 17.22 ? 92   THR A CB    1 
ATOM   640  O  OG1   . THR A 1 92  ? -12.274 -9.159  7.525   1.00 19.18 ? 92   THR A OG1   1 
ATOM   641  C  CG2   . THR A 1 92  ? -11.419 -11.281 6.682   1.00 18.14 ? 92   THR A CG2   1 
ATOM   642  N  N     . ASP A 1 93  ? -14.046 -7.688  4.825   1.00 16.82 ? 93   ASP A N     1 
ATOM   643  C  CA    . ASP A 1 93  ? -14.951 -6.538  5.026   1.00 16.79 ? 93   ASP A CA    1 
ATOM   644  C  C     . ASP A 1 93  ? -15.367 -6.016  3.648   1.00 16.34 ? 93   ASP A C     1 
ATOM   645  O  O     . ASP A 1 93  ? -14.609 -5.293  2.991   1.00 16.04 ? 93   ASP A O     1 
ATOM   646  C  CB    . ASP A 1 93  ? -14.242 -5.465  5.876   1.00 16.42 ? 93   ASP A CB    1 
ATOM   647  C  CG    . ASP A 1 93  ? -15.096 -4.204  6.124   1.00 17.63 ? 93   ASP A CG    1 
ATOM   648  O  OD1   . ASP A 1 93  ? -16.219 -4.060  5.594   1.00 18.65 ? 93   ASP A OD1   1 
ATOM   649  O  OD2   . ASP A 1 93  ? -14.634 -3.333  6.884   1.00 17.69 ? 93   ASP A OD2   1 
ATOM   650  N  N     . ARG A 1 94  ? -16.546 -6.440  3.202   1.00 16.13 ? 94   ARG A N     1 
ATOM   651  C  CA    . ARG A 1 94  ? -17.082 -6.069  1.890   1.00 16.51 ? 94   ARG A CA    1 
ATOM   652  C  C     . ARG A 1 94  ? -17.186 -4.542  1.676   1.00 15.76 ? 94   ARG A C     1 
ATOM   653  O  O     . ARG A 1 94  ? -16.908 -4.043  0.585   1.00 14.71 ? 94   ARG A O     1 
ATOM   654  C  CB    . ARG A 1 94  ? -18.451 -6.720  1.692   1.00 17.14 ? 94   ARG A CB    1 
ATOM   655  C  CG    . ARG A 1 94  ? -19.154 -6.325  0.402   1.00 19.49 ? 94   ARG A CG    1 
ATOM   656  C  CD    . ARG A 1 94  ? -18.429 -6.884  -0.779  1.00 24.31 ? 94   ARG A CD    1 
ATOM   657  N  NE    . ARG A 1 94  ? -18.692 -6.100  -1.980  1.00 27.92 ? 94   ARG A NE    1 
ATOM   658  C  CZ    . ARG A 1 94  ? -18.416 -6.519  -3.214  1.00 28.93 ? 94   ARG A CZ    1 
ATOM   659  N  NH1   . ARG A 1 94  ? -17.870 -7.731  -3.398  1.00 23.80 ? 94   ARG A NH1   1 
ATOM   660  N  NH2   . ARG A 1 94  ? -18.705 -5.730  -4.254  1.00 26.73 ? 94   ARG A NH2   1 
ATOM   661  N  N     . ASP A 1 95  ? -17.580 -3.820  2.725   1.00 15.63 ? 95   ASP A N     1 
ATOM   662  C  CA    . ASP A 1 95  ? -17.716 -2.353  2.665   1.00 15.86 ? 95   ASP A CA    1 
ATOM   663  C  C     . ASP A 1 95  ? -16.375 -1.696  2.328   1.00 15.70 ? 95   ASP A C     1 
ATOM   664  O  O     . ASP A 1 95  ? -16.327 -0.773  1.503   1.00 15.14 ? 95   ASP A O     1 
ATOM   665  C  CB    . ASP A 1 95  ? -18.256 -1.816  3.997   1.00 16.31 ? 95   ASP A CB    1 
ATOM   666  C  CG    . ASP A 1 95  ? -18.660 -0.336  3.935   1.00 17.02 ? 95   ASP A CG    1 
ATOM   667  O  OD1   . ASP A 1 95  ? -19.441 0.073   3.041   1.00 16.21 ? 95   ASP A OD1   1 
ATOM   668  O  OD2   . ASP A 1 95  ? -18.218 0.420   4.818   1.00 17.52 ? 95   ASP A OD2   1 
ATOM   669  N  N     . SER A 1 96  ? -15.290 -2.187  2.947   1.00 15.45 ? 96   SER A N     1 
ATOM   670  C  CA    . SER A 1 96  ? -13.942 -1.648  2.693   1.00 15.45 ? 96   SER A CA    1 
ATOM   671  C  C     . SER A 1 96  ? -13.532 -1.853  1.241   1.00 15.45 ? 96   SER A C     1 
ATOM   672  O  O     . SER A 1 96  ? -12.824 -1.032  0.674   1.00 14.98 ? 96   SER A O     1 
ATOM   673  C  CB    . SER A 1 96  ? -12.900 -2.247  3.654   1.00 15.08 ? 96   SER A CB    1 
ATOM   674  O  OG    . SER A 1 96  ? -12.514 -3.567  3.266   1.00 15.79 ? 96   SER A OG    1 
ATOM   675  N  N     . PHE A 1 97  ? -13.991 -2.957  0.647   1.00 15.88 ? 97   PHE A N     1 
ATOM   676  C  CA    . PHE A 1 97  ? -13.711 -3.270  -0.757  1.00 15.50 ? 97   PHE A CA    1 
ATOM   677  C  C     . PHE A 1 97  ? -14.510 -2.392  -1.723  1.00 15.61 ? 97   PHE A C     1 
ATOM   678  O  O     . PHE A 1 97  ? -13.944 -1.793  -2.640  1.00 15.82 ? 97   PHE A O     1 
ATOM   679  C  CB    . PHE A 1 97  ? -13.985 -4.747  -1.027  1.00 16.47 ? 97   PHE A CB    1 
ATOM   680  C  CG    . PHE A 1 97  ? -13.809 -5.147  -2.467  1.00 16.43 ? 97   PHE A CG    1 
ATOM   681  C  CD1   . PHE A 1 97  ? -12.540 -5.141  -3.055  1.00 16.68 ? 97   PHE A CD1   1 
ATOM   682  C  CD2   . PHE A 1 97  ? -14.901 -5.549  -3.223  1.00 17.01 ? 97   PHE A CD2   1 
ATOM   683  C  CE1   . PHE A 1 97  ? -12.361 -5.523  -4.391  1.00 18.26 ? 97   PHE A CE1   1 
ATOM   684  C  CE2   . PHE A 1 97  ? -14.734 -5.946  -4.566  1.00 19.49 ? 97   PHE A CE2   1 
ATOM   685  C  CZ    . PHE A 1 97  ? -13.450 -5.932  -5.142  1.00 18.13 ? 97   PHE A CZ    1 
ATOM   686  N  N     . ASP A 1 98  ? -15.821 -2.318  -1.535  1.00 15.61 ? 98   ASP A N     1 
ATOM   687  C  CA    . ASP A 1 98  ? -16.651 -1.379  -2.299  1.00 16.15 ? 98   ASP A CA    1 
ATOM   688  C  C     . ASP A 1 98  ? -16.116 0.057   -2.221  1.00 16.17 ? 98   ASP A C     1 
ATOM   689  O  O     . ASP A 1 98  ? -16.088 0.758   -3.228  1.00 15.57 ? 98   ASP A O     1 
ATOM   690  C  CB    . ASP A 1 98  ? -18.103 -1.417  -1.801  1.00 16.25 ? 98   ASP A CB    1 
ATOM   691  C  CG    . ASP A 1 98  ? -18.853 -2.653  -2.293  1.00 18.42 ? 98   ASP A CG    1 
ATOM   692  O  OD1   . ASP A 1 98  ? -18.638 -3.049  -3.459  1.00 21.48 ? 98   ASP A OD1   1 
ATOM   693  O  OD2   . ASP A 1 98  ? -19.656 -3.219  -1.516  1.00 19.70 ? 98   ASP A OD2   1 
ATOM   694  N  N     . ASN A 1 99  ? -15.671 0.483   -1.037  1.00 15.95 ? 99   ASN A N     1 
ATOM   695  C  CA    . ASN A 1 99  ? -15.202 1.870   -0.861  1.00 16.87 ? 99   ASN A CA    1 
ATOM   696  C  C     . ASN A 1 99  ? -13.900 2.222   -1.585  1.00 17.69 ? 99   ASN A C     1 
ATOM   697  O  O     . ASN A 1 99  ? -13.571 3.403   -1.732  1.00 17.06 ? 99   ASN A O     1 
ATOM   698  C  CB    . ASN A 1 99  ? -15.121 2.236   0.620   1.00 16.75 ? 99   ASN A CB    1 
ATOM   699  C  CG    . ASN A 1 99  ? -16.498 2.320   1.266   1.00 17.42 ? 99   ASN A CG    1 
ATOM   700  O  OD1   . ASN A 1 99  ? -17.519 2.343   0.569   1.00 16.14 ? 99   ASN A OD1   1 
ATOM   701  N  ND2   . ASN A 1 99  ? -16.536 2.334   2.593   1.00 14.87 ? 99   ASN A ND2   1 
ATOM   702  N  N     . VAL A 1 100 ? -13.160 1.194   -1.999  1.00 18.46 ? 100  VAL A N     1 
ATOM   703  C  CA    . VAL A 1 100 ? -11.996 1.341   -2.884  1.00 20.53 ? 100  VAL A CA    1 
ATOM   704  C  C     . VAL A 1 100 ? -12.338 2.181   -4.119  1.00 21.64 ? 100  VAL A C     1 
ATOM   705  O  O     . VAL A 1 100 ? -11.525 3.009   -4.550  1.00 21.49 ? 100  VAL A O     1 
ATOM   706  C  CB    . VAL A 1 100 ? -11.426 -0.058  -3.300  1.00 20.00 ? 100  VAL A CB    1 
ATOM   707  C  CG1   . VAL A 1 100 ? -10.451 0.043   -4.466  1.00 21.84 ? 100  VAL A CG1   1 
ATOM   708  C  CG2   . VAL A 1 100 ? -10.750 -0.704  -2.122  1.00 20.03 ? 100  VAL A CG2   1 
ATOM   709  N  N     . LYS A 1 101 ? -13.536 1.960   -4.671  1.00 23.35 ? 101  LYS A N     1 
ATOM   710  C  CA    . LYS A 1 101 ? -14.053 2.702   -5.824  1.00 25.27 ? 101  LYS A CA    1 
ATOM   711  C  C     . LYS A 1 101 ? -14.008 4.200   -5.555  1.00 25.95 ? 101  LYS A C     1 
ATOM   712  O  O     . LYS A 1 101 ? -13.583 4.985   -6.417  1.00 26.82 ? 101  LYS A O     1 
ATOM   713  C  CB    . LYS A 1 101 ? -15.500 2.267   -6.179  1.00 25.52 ? 101  LYS A CB    1 
ATOM   714  C  CG    . LYS A 1 101 ? -15.651 0.782   -6.558  1.00 25.91 ? 101  LYS A CG    1 
ATOM   715  C  CD    . LYS A 1 101 ? -17.108 0.271   -6.441  1.00 26.41 ? 101  LYS A CD    1 
ATOM   716  C  CE    . LYS A 1 101 ? -17.957 0.462   -7.735  1.00 25.45 ? 101  LYS A CE    1 
ATOM   717  N  NZ    . LYS A 1 101 ? -19.256 -0.363  -7.754  1.00 21.91 ? 101  LYS A NZ    1 
ATOM   718  N  N     . GLN A 1 102 ? -14.428 4.600   -4.358  1.00 26.29 ? 102  GLN A N     1 
ATOM   719  C  CA    . GLN A 1 102 ? -14.377 6.002   -3.965  1.00 27.01 ? 102  GLN A CA    1 
ATOM   720  C  C     . GLN A 1 102 ? -12.953 6.524   -3.718  1.00 26.65 ? 102  GLN A C     1 
ATOM   721  O  O     . GLN A 1 102 ? -12.608 7.619   -4.194  1.00 26.74 ? 102  GLN A O     1 
ATOM   722  C  CB    . GLN A 1 102 ? -15.281 6.273   -2.762  1.00 27.48 ? 102  GLN A CB    1 
ATOM   723  C  CG    . GLN A 1 102 ? -15.579 7.764   -2.506  1.00 31.47 ? 102  GLN A CG    1 
ATOM   724  C  CD    . GLN A 1 102 ? -16.018 8.554   -3.762  1.00 36.68 ? 102  GLN A CD    1 
ATOM   725  O  OE1   . GLN A 1 102 ? -16.704 8.031   -4.651  1.00 39.59 ? 102  GLN A OE1   1 
ATOM   726  N  NE2   . GLN A 1 102 ? -15.623 9.827   -3.821  1.00 38.45 ? 102  GLN A NE2   1 
ATOM   727  N  N     . TRP A 1 103 ? -12.138 5.765   -2.981  1.00 25.38 ? 103  TRP A N     1 
ATOM   728  C  CA    . TRP A 1 103 ? -10.722 6.111   -2.803  1.00 25.13 ? 103  TRP A CA    1 
ATOM   729  C  C     . TRP A 1 103 ? -10.029 6.395   -4.130  1.00 25.34 ? 103  TRP A C     1 
ATOM   730  O  O     . TRP A 1 103 ? -9.360  7.421   -4.272  1.00 25.26 ? 103  TRP A O     1 
ATOM   731  C  CB    . TRP A 1 103 ? -9.965  5.025   -2.028  1.00 24.31 ? 103  TRP A CB    1 
ATOM   732  C  CG    . TRP A 1 103 ? -10.371 4.947   -0.578  1.00 23.63 ? 103  TRP A CG    1 
ATOM   733  C  CD1   . TRP A 1 103 ? -11.031 3.918   0.034   1.00 22.48 ? 103  TRP A CD1   1 
ATOM   734  C  CD2   . TRP A 1 103 ? -10.132 5.932   0.437   1.00 23.12 ? 103  TRP A CD2   1 
ATOM   735  N  NE1   . TRP A 1 103 ? -11.229 4.208   1.365   1.00 21.81 ? 103  TRP A NE1   1 
ATOM   736  C  CE2   . TRP A 1 103 ? -10.676 5.430   1.643   1.00 23.04 ? 103  TRP A CE2   1 
ATOM   737  C  CE3   . TRP A 1 103 ? -9.499  7.190   0.448   1.00 24.24 ? 103  TRP A CE3   1 
ATOM   738  C  CZ2   . TRP A 1 103 ? -10.623 6.147   2.853   1.00 23.46 ? 103  TRP A CZ2   1 
ATOM   739  C  CZ3   . TRP A 1 103 ? -9.444  7.902   1.653   1.00 23.52 ? 103  TRP A CZ3   1 
ATOM   740  C  CH2   . TRP A 1 103 ? -10.006 7.371   2.837   1.00 24.20 ? 103  TRP A CH2   1 
ATOM   741  N  N     . ILE A 1 104 ? -10.206 5.498   -5.097  1.00 26.03 ? 104  ILE A N     1 
ATOM   742  C  CA    . ILE A 1 104 ? -9.627  5.664   -6.432  1.00 27.88 ? 104  ILE A CA    1 
ATOM   743  C  C     . ILE A 1 104 ? -10.140 6.945   -7.120  1.00 29.18 ? 104  ILE A C     1 
ATOM   744  O  O     . ILE A 1 104 ? -9.355  7.758   -7.617  1.00 28.23 ? 104  ILE A O     1 
ATOM   745  C  CB    . ILE A 1 104 ? -9.861  4.415   -7.327  1.00 27.35 ? 104  ILE A CB    1 
ATOM   746  C  CG1   . ILE A 1 104 ? -9.043  3.231   -6.808  1.00 27.54 ? 104  ILE A CG1   1 
ATOM   747  C  CG2   . ILE A 1 104 ? -9.510  4.715   -8.798  1.00 28.48 ? 104  ILE A CG2   1 
ATOM   748  C  CD1   . ILE A 1 104 ? -9.281  1.916   -7.552  1.00 28.30 ? 104  ILE A CD1   1 
ATOM   749  N  N     . GLN A 1 105 ? -11.458 7.125   -7.119  1.00 30.83 ? 105  GLN A N     1 
ATOM   750  C  CA    . GLN A 1 105 ? -12.070 8.314   -7.703  1.00 33.17 ? 105  GLN A CA    1 
ATOM   751  C  C     . GLN A 1 105 ? -11.403 9.598   -7.194  1.00 33.53 ? 105  GLN A C     1 
ATOM   752  O  O     . GLN A 1 105 ? -11.063 10.486  -7.987  1.00 34.38 ? 105  GLN A O     1 
ATOM   753  C  CB    . GLN A 1 105 ? -13.593 8.330   -7.461  1.00 32.70 ? 105  GLN A CB    1 
ATOM   754  C  CG    . GLN A 1 105 ? -14.342 9.204   -8.451  1.00 35.27 ? 105  GLN A CG    1 
ATOM   755  C  CD    . GLN A 1 105 ? -15.847 9.176   -8.254  1.00 35.43 ? 105  GLN A CD    1 
ATOM   756  O  OE1   . GLN A 1 105 ? -16.533 8.245   -8.698  1.00 38.84 ? 105  GLN A OE1   1 
ATOM   757  N  NE2   . GLN A 1 105 ? -16.373 10.213  -7.610  1.00 38.60 ? 105  GLN A NE2   1 
ATOM   758  N  N     . GLU A 1 106 ? -11.187 9.670   -5.882  1.00 34.04 ? 106  GLU A N     1 
ATOM   759  C  CA    . GLU A 1 106 ? -10.523 10.801  -5.237  1.00 34.48 ? 106  GLU A CA    1 
ATOM   760  C  C     . GLU A 1 106 ? -9.032  10.953  -5.571  1.00 34.17 ? 106  GLU A C     1 
ATOM   761  O  O     . GLU A 1 106 ? -8.542  12.074  -5.746  1.00 33.68 ? 106  GLU A O     1 
ATOM   762  C  CB    . GLU A 1 106 ? -10.684 10.702  -3.732  1.00 34.62 ? 106  GLU A CB    1 
ATOM   763  C  CG    . GLU A 1 106 ? -12.102 10.933  -3.262  1.00 38.83 ? 106  GLU A CG    1 
ATOM   764  C  CD    . GLU A 1 106 ? -12.266 10.716  -1.772  1.00 42.86 ? 106  GLU A CD    1 
ATOM   765  O  OE1   . GLU A 1 106 ? -11.248 10.797  -1.033  1.00 44.73 ? 106  GLU A OE1   1 
ATOM   766  O  OE2   . GLU A 1 106 ? -13.424 10.459  -1.346  1.00 45.20 ? 106  GLU A OE2   1 
ATOM   767  N  N     . ILE A 1 107 ? -8.316  9.832   -5.619  1.00 33.37 ? 107  ILE A N     1 
ATOM   768  C  CA    . ILE A 1 107 ? -6.933  9.824   -6.072  1.00 33.22 ? 107  ILE A CA    1 
ATOM   769  C  C     . ILE A 1 107 ? -6.829  10.425  -7.477  1.00 34.13 ? 107  ILE A C     1 
ATOM   770  O  O     . ILE A 1 107 ? -6.038  11.341  -7.702  1.00 33.16 ? 107  ILE A O     1 
ATOM   771  C  CB    . ILE A 1 107 ? -6.338  8.398   -6.087  1.00 32.74 ? 107  ILE A CB    1 
ATOM   772  C  CG1   . ILE A 1 107 ? -6.184  7.867   -4.655  1.00 31.29 ? 107  ILE A CG1   1 
ATOM   773  C  CG2   . ILE A 1 107 ? -4.992  8.381   -6.838  1.00 31.75 ? 107  ILE A CG2   1 
ATOM   774  C  CD1   . ILE A 1 107 ? -5.845  6.390   -4.604  1.00 30.28 ? 107  ILE A CD1   1 
ATOM   775  N  N     . ASP A 1 108 ? -7.639  9.899   -8.399  1.00 35.44 ? 108  ASP A N     1 
ATOM   776  C  CA    . ASP A 1 108 ? -7.559  10.250  -9.815  1.00 37.86 ? 108  ASP A CA    1 
ATOM   777  C  C     . ASP A 1 108 ? -7.855  11.728  -10.057 1.00 38.82 ? 108  ASP A C     1 
ATOM   778  O  O     . ASP A 1 108 ? -7.381  12.309  -11.038 1.00 39.39 ? 108  ASP A O     1 
ATOM   779  C  CB    . ASP A 1 108 ? -8.450  9.331   -10.672 1.00 37.80 ? 108  ASP A CB    1 
ATOM   780  C  CG    . ASP A 1 108 ? -7.841  7.937   -10.868 1.00 40.24 ? 108  ASP A CG    1 
ATOM   781  O  OD1   . ASP A 1 108 ? -6.642  7.750   -10.541 1.00 42.54 ? 108  ASP A OD1   1 
ATOM   782  O  OD2   . ASP A 1 108 ? -8.551  7.018   -11.355 1.00 41.69 ? 108  ASP A OD2   1 
ATOM   783  N  N     . ARG A 1 109 ? -8.583  12.335  -9.129  1.00 39.87 ? 109  ARG A N     1 
ATOM   784  C  CA    . ARG A 1 109 ? -8.950  13.734  -9.232  1.00 41.42 ? 109  ARG A CA    1 
ATOM   785  C  C     . ARG A 1 109 ? -8.004  14.660  -8.475  1.00 41.64 ? 109  ARG A C     1 
ATOM   786  O  O     . ARG A 1 109 ? -7.716  15.760  -8.941  1.00 42.27 ? 109  ARG A O     1 
ATOM   787  C  CB    . ARG A 1 109 ? -10.394 13.935  -8.752  1.00 41.27 ? 109  ARG A CB    1 
ATOM   788  C  CG    . ARG A 1 109 ? -11.449 13.378  -9.705  1.00 42.15 ? 109  ARG A CG    1 
ATOM   789  C  CD    . ARG A 1 109 ? -12.821 13.241  -9.035  1.00 42.98 ? 109  ARG A CD    1 
ATOM   790  N  NE    . ARG A 1 109 ? -13.900 13.105  -10.022 1.00 47.53 ? 109  ARG A NE    1 
ATOM   791  C  CZ    . ARG A 1 109 ? -15.206 13.137  -9.739  1.00 48.95 ? 109  ARG A CZ    1 
ATOM   792  N  NH1   . ARG A 1 109 ? -15.623 13.298  -8.487  1.00 50.00 ? 109  ARG A NH1   1 
ATOM   793  N  NH2   . ARG A 1 109 ? -16.102 13.007  -10.711 1.00 49.15 ? 109  ARG A NH2   1 
ATOM   794  N  N     . TYR A 1 110 ? -7.505  14.214  -7.325  1.00 41.87 ? 110  TYR A N     1 
ATOM   795  C  CA    . TYR A 1 110 ? -6.820  15.113  -6.399  1.00 41.91 ? 110  TYR A CA    1 
ATOM   796  C  C     . TYR A 1 110 ? -5.339  14.791  -6.073  1.00 41.50 ? 110  TYR A C     1 
ATOM   797  O  O     . TYR A 1 110 ? -4.647  15.604  -5.449  1.00 41.15 ? 110  TYR A O     1 
ATOM   798  C  CB    . TYR A 1 110 ? -7.678  15.288  -5.139  1.00 43.03 ? 110  TYR A CB    1 
ATOM   799  C  CG    . TYR A 1 110 ? -9.136  15.619  -5.462  1.00 44.68 ? 110  TYR A CG    1 
ATOM   800  C  CD1   . TYR A 1 110 ? -9.484  16.837  -6.064  1.00 46.07 ? 110  TYR A CD1   1 
ATOM   801  C  CD2   . TYR A 1 110 ? -10.164 14.708  -5.184  1.00 46.05 ? 110  TYR A CD2   1 
ATOM   802  C  CE1   . TYR A 1 110 ? -10.820 17.145  -6.375  1.00 46.05 ? 110  TYR A CE1   1 
ATOM   803  C  CE2   . TYR A 1 110 ? -11.503 15.007  -5.484  1.00 46.44 ? 110  TYR A CE2   1 
ATOM   804  C  CZ    . TYR A 1 110 ? -11.820 16.227  -6.082  1.00 46.26 ? 110  TYR A CZ    1 
ATOM   805  O  OH    . TYR A 1 110 ? -13.137 16.529  -6.382  1.00 46.00 ? 110  TYR A OH    1 
ATOM   806  N  N     . ALA A 1 111 ? -4.848  13.627  -6.495  1.00 40.50 ? 111  ALA A N     1 
ATOM   807  C  CA    . ALA A 1 111 ? -3.429  13.306  -6.344  1.00 40.11 ? 111  ALA A CA    1 
ATOM   808  C  C     . ALA A 1 111 ? -2.653  13.753  -7.586  1.00 40.03 ? 111  ALA A C     1 
ATOM   809  O  O     . ALA A 1 111 ? -3.240  14.296  -8.526  1.00 39.47 ? 111  ALA A O     1 
ATOM   810  C  CB    . ALA A 1 111 ? -3.243  11.816  -6.086  1.00 39.87 ? 111  ALA A CB    1 
ATOM   811  N  N     . MET A 1 112 ? -1.340  13.532  -7.594  1.00 40.46 ? 112  MET A N     1 
ATOM   812  C  CA    . MET A 1 112 ? -0.518  13.849  -8.766  1.00 41.05 ? 112  MET A CA    1 
ATOM   813  C  C     . MET A 1 112 ? -1.086  13.151  -9.994  1.00 40.18 ? 112  MET A C     1 
ATOM   814  O  O     . MET A 1 112 ? -1.547  12.008  -9.904  1.00 39.77 ? 112  MET A O     1 
ATOM   815  C  CB    . MET A 1 112 ? 0.936   13.413  -8.557  1.00 42.24 ? 112  MET A CB    1 
ATOM   816  C  CG    . MET A 1 112 ? 1.550   13.803  -7.209  1.00 45.92 ? 112  MET A CG    1 
ATOM   817  S  SD    . MET A 1 112 ? 1.961   15.564  -7.039  1.00 54.48 ? 112  MET A SD    1 
ATOM   818  C  CE    . MET A 1 112 ? 3.154   15.776  -8.374  1.00 52.85 ? 112  MET A CE    1 
ATOM   819  N  N     . GLU A 1 113 ? -1.049  13.833  -11.137 1.00 39.13 ? 113  GLU A N     1 
ATOM   820  C  CA    . GLU A 1 113 ? -1.698  13.349  -12.363 1.00 38.33 ? 113  GLU A CA    1 
ATOM   821  C  C     . GLU A 1 113 ? -1.311  11.931  -12.792 1.00 37.79 ? 113  GLU A C     1 
ATOM   822  O  O     . GLU A 1 113 ? -2.154  11.168  -13.278 1.00 37.99 ? 113  GLU A O     1 
ATOM   823  C  CB    . GLU A 1 113 ? -1.460  14.324  -13.533 1.00 38.87 ? 113  GLU A CB    1 
ATOM   824  N  N     . ASN A 1 114 ? -0.040  11.578  -12.627 1.00 36.32 ? 114  ASN A N     1 
ATOM   825  C  CA    . ASN A 1 114 ? 0.421   10.264  -13.071 1.00 35.21 ? 114  ASN A CA    1 
ATOM   826  C  C     . ASN A 1 114 ? 0.876   9.377   -11.912 1.00 33.07 ? 114  ASN A C     1 
ATOM   827  O  O     . ASN A 1 114 ? 1.720   8.499   -12.079 1.00 32.94 ? 114  ASN A O     1 
ATOM   828  C  CB    . ASN A 1 114 ? 1.515   10.428  -14.125 1.00 35.89 ? 114  ASN A CB    1 
ATOM   829  C  CG    . ASN A 1 114 ? 1.006   11.143  -15.381 1.00 39.10 ? 114  ASN A CG    1 
ATOM   830  O  OD1   . ASN A 1 114 ? 0.160   10.614  -16.120 1.00 41.66 ? 114  ASN A OD1   1 
ATOM   831  N  ND2   . ASN A 1 114 ? 1.513   12.356  -15.617 1.00 42.03 ? 114  ASN A ND2   1 
ATOM   832  N  N     . VAL A 1 115 ? 0.302   9.622   -10.737 1.00 30.63 ? 115  VAL A N     1 
ATOM   833  C  CA    . VAL A 1 115 ? 0.585   8.825   -9.549  1.00 28.34 ? 115  VAL A CA    1 
ATOM   834  C  C     . VAL A 1 115 ? 0.335   7.332   -9.831  1.00 26.93 ? 115  VAL A C     1 
ATOM   835  O  O     . VAL A 1 115 ? -0.644  6.964   -10.478 1.00 26.34 ? 115  VAL A O     1 
ATOM   836  C  CB    . VAL A 1 115 ? -0.247  9.309   -8.322  1.00 28.13 ? 115  VAL A CB    1 
ATOM   837  C  CG1   . VAL A 1 115 ? -1.747  9.009   -8.507  1.00 27.40 ? 115  VAL A CG1   1 
ATOM   838  C  CG2   . VAL A 1 115 ? 0.283   8.689   -7.026  1.00 26.85 ? 115  VAL A CG2   1 
ATOM   839  N  N     . ASN A 1 116 ? 1.239   6.486   -9.355  1.00 25.71 ? 116  ASN A N     1 
ATOM   840  C  CA    . ASN A 1 116 ? 1.068   5.043   -9.450  1.00 24.60 ? 116  ASN A CA    1 
ATOM   841  C  C     . ASN A 1 116 ? 0.156   4.513   -8.349  1.00 23.68 ? 116  ASN A C     1 
ATOM   842  O  O     . ASN A 1 116 ? 0.126   5.059   -7.247  1.00 23.43 ? 116  ASN A O     1 
ATOM   843  C  CB    . ASN A 1 116 ? 2.420   4.358   -9.390  1.00 24.73 ? 116  ASN A CB    1 
ATOM   844  C  CG    . ASN A 1 116 ? 3.265   4.659   -10.605 1.00 25.93 ? 116  ASN A CG    1 
ATOM   845  O  OD1   . ASN A 1 116 ? 4.129   5.539   -10.565 1.00 24.74 ? 116  ASN A OD1   1 
ATOM   846  N  ND2   . ASN A 1 116 ? 3.003   3.952   -11.702 1.00 25.27 ? 116  ASN A ND2   1 
ATOM   847  N  N     . LYS A 1 117 ? -0.589  3.456   -8.662  1.00 22.61 ? 117  LYS A N     1 
ATOM   848  C  CA    . LYS A 1 117 ? -1.550  2.886   -7.726  1.00 22.24 ? 117  LYS A CA    1 
ATOM   849  C  C     . LYS A 1 117 ? -1.370  1.379   -7.641  1.00 21.70 ? 117  LYS A C     1 
ATOM   850  O  O     . LYS A 1 117 ? -1.071  0.725   -8.638  1.00 22.24 ? 117  LYS A O     1 
ATOM   851  C  CB    . LYS A 1 117 ? -2.984  3.190   -8.174  1.00 22.16 ? 117  LYS A CB    1 
ATOM   852  C  CG    . LYS A 1 117 ? -3.408  4.644   -8.032  1.00 23.21 ? 117  LYS A CG    1 
ATOM   853  C  CD    . LYS A 1 117 ? -4.635  4.937   -8.895  1.00 25.40 ? 117  LYS A CD    1 
ATOM   854  C  CE    . LYS A 1 117 ? -4.214  5.061   -10.358 1.00 28.79 ? 117  LYS A CE    1 
ATOM   855  N  NZ    . LYS A 1 117 ? -5.290  5.611   -11.206 1.00 31.59 ? 117  LYS A NZ    1 
ATOM   856  N  N     . LEU A 1 118 ? -1.567  0.839   -6.447  1.00 20.69 ? 118  LEU A N     1 
ATOM   857  C  CA    . LEU A 1 118 ? -1.562  -0.605  -6.240  1.00 19.63 ? 118  LEU A CA    1 
ATOM   858  C  C     . LEU A 1 118 ? -2.745  -0.979  -5.351  1.00 18.98 ? 118  LEU A C     1 
ATOM   859  O  O     . LEU A 1 118 ? -2.966  -0.356  -4.319  1.00 18.19 ? 118  LEU A O     1 
ATOM   860  C  CB    . LEU A 1 118 ? -0.254  -1.048  -5.568  1.00 19.57 ? 118  LEU A CB    1 
ATOM   861  C  CG    . LEU A 1 118 ? -0.144  -2.520  -5.123  1.00 19.05 ? 118  LEU A CG    1 
ATOM   862  C  CD1   . LEU A 1 118 ? -0.085  -3.467  -6.321  1.00 18.94 ? 118  LEU A CD1   1 
ATOM   863  C  CD2   . LEU A 1 118 ? 1.045   -2.724  -4.220  1.00 19.23 ? 118  LEU A CD2   1 
ATOM   864  N  N     . LEU A 1 119 ? -3.485  -2.009  -5.743  1.00 18.21 ? 119  LEU A N     1 
ATOM   865  C  CA    . LEU A 1 119 ? -4.594  -2.490  -4.918  1.00 17.60 ? 119  LEU A CA    1 
ATOM   866  C  C     . LEU A 1 119 ? -4.124  -3.628  -4.016  1.00 17.62 ? 119  LEU A C     1 
ATOM   867  O  O     . LEU A 1 119 ? -3.557  -4.623  -4.498  1.00 17.39 ? 119  LEU A O     1 
ATOM   868  C  CB    . LEU A 1 119 ? -5.760  -2.949  -5.797  1.00 17.41 ? 119  LEU A CB    1 
ATOM   869  C  CG    . LEU A 1 119 ? -7.035  -3.487  -5.126  1.00 17.77 ? 119  LEU A CG    1 
ATOM   870  C  CD1   . LEU A 1 119 ? -7.753  -2.364  -4.356  1.00 17.67 ? 119  LEU A CD1   1 
ATOM   871  C  CD2   . LEU A 1 119 ? -7.979  -4.128  -6.154  1.00 17.62 ? 119  LEU A CD2   1 
ATOM   872  N  N     . VAL A 1 120 ? -4.359  -3.488  -2.716  1.00 16.83 ? 120  VAL A N     1 
ATOM   873  C  CA    . VAL A 1 120 ? -3.981  -4.528  -1.749  1.00 16.59 ? 120  VAL A CA    1 
ATOM   874  C  C     . VAL A 1 120 ? -5.195  -5.042  -0.985  1.00 17.34 ? 120  VAL A C     1 
ATOM   875  O  O     . VAL A 1 120 ? -5.930  -4.250  -0.377  1.00 16.90 ? 120  VAL A O     1 
ATOM   876  C  CB    . VAL A 1 120 ? -2.913  -4.001  -0.759  1.00 16.19 ? 120  VAL A CB    1 
ATOM   877  C  CG1   . VAL A 1 120 ? -2.693  -4.979  0.428   1.00 15.98 ? 120  VAL A CG1   1 
ATOM   878  C  CG2   . VAL A 1 120 ? -1.589  -3.728  -1.509  1.00 14.79 ? 120  VAL A CG2   1 
ATOM   879  N  N     . GLY A 1 121 ? -5.417  -6.362  -1.045  1.00 17.20 ? 121  GLY A N     1 
ATOM   880  C  CA    . GLY A 1 121 ? -6.430  -7.002  -0.202  1.00 17.04 ? 121  GLY A CA    1 
ATOM   881  C  C     . GLY A 1 121 ? -5.748  -7.628  0.995   1.00 16.93 ? 121  GLY A C     1 
ATOM   882  O  O     . GLY A 1 121 ? -5.099  -8.664  0.871   1.00 17.62 ? 121  GLY A O     1 
ATOM   883  N  N     . ASN A 1 122 ? -5.896  -7.004  2.153   1.00 16.57 ? 122  ASN A N     1 
ATOM   884  C  CA    . ASN A 1 122 ? -5.202  -7.436  3.364   1.00 16.51 ? 122  ASN A CA    1 
ATOM   885  C  C     . ASN A 1 122 ? -6.014  -8.416  4.218   1.00 16.83 ? 122  ASN A C     1 
ATOM   886  O  O     . ASN A 1 122 ? -7.222  -8.543  4.037   1.00 16.58 ? 122  ASN A O     1 
ATOM   887  C  CB    . ASN A 1 122 ? -4.827  -6.218  4.204   1.00 16.24 ? 122  ASN A CB    1 
ATOM   888  C  CG    . ASN A 1 122 ? -3.876  -6.561  5.356   1.00 16.61 ? 122  ASN A CG    1 
ATOM   889  O  OD1   . ASN A 1 122 ? -2.908  -7.315  5.182   1.00 18.66 ? 122  ASN A OD1   1 
ATOM   890  N  ND2   . ASN A 1 122 ? -4.138  -5.996  6.527   1.00 16.79 ? 122  ASN A ND2   1 
ATOM   891  N  N     . LYS A 1 123 ? -5.339  -9.072  5.161   1.00 17.63 ? 123  LYS A N     1 
ATOM   892  C  CA    . LYS A 1 123 ? -5.938  -10.058 6.085   1.00 18.79 ? 123  LYS A CA    1 
ATOM   893  C  C     . LYS A 1 123 ? -6.294  -11.395 5.419   1.00 20.56 ? 123  LYS A C     1 
ATOM   894  O  O     . LYS A 1 123 ? -7.208  -12.106 5.863   1.00 20.41 ? 123  LYS A O     1 
ATOM   895  C  CB    . LYS A 1 123 ? -7.147  -9.470  6.862   1.00 18.81 ? 123  LYS A CB    1 
ATOM   896  C  CG    . LYS A 1 123 ? -6.880  -8.101  7.533   1.00 17.05 ? 123  LYS A CG    1 
ATOM   897  C  CD    . LYS A 1 123 ? -7.948  -7.755  8.568   1.00 18.50 ? 123  LYS A CD    1 
ATOM   898  C  CE    . LYS A 1 123 ? -7.938  -6.275  8.891   1.00 17.79 ? 123  LYS A CE    1 
ATOM   899  N  NZ    . LYS A 1 123 ? -9.044  -5.898  9.813   1.00 17.44 ? 123  LYS A NZ    1 
ATOM   900  N  N     . CYS A 1 124 ? -5.547  -11.763 4.378   1.00 22.18 ? 124  CYS A N     1 
ATOM   901  C  CA    . CYS A 1 124 ? -5.825  -13.016 3.641   1.00 24.65 ? 124  CYS A CA    1 
ATOM   902  C  C     . CYS A 1 124 ? -5.527  -14.297 4.436   1.00 24.16 ? 124  CYS A C     1 
ATOM   903  O  O     . CYS A 1 124 ? -5.826  -15.396 3.976   1.00 25.31 ? 124  CYS A O     1 
ATOM   904  C  CB    . CYS A 1 124 ? -5.135  -13.019 2.265   1.00 24.79 ? 124  CYS A CB    1 
ATOM   905  S  SG    . CYS A 1 124 ? -3.328  -13.193 2.368   1.00 32.59 ? 124  CYS A SG    1 
ATOM   906  N  N     . ASP A 1 125 ? -4.962  -14.142 5.632   1.00 24.21 ? 125  ASP A N     1 
ATOM   907  C  CA    . ASP A 1 125 ? -4.781  -15.248 6.572   1.00 24.77 ? 125  ASP A CA    1 
ATOM   908  C  C     . ASP A 1 125 ? -6.108  -15.692 7.184   1.00 25.26 ? 125  ASP A C     1 
ATOM   909  O  O     . ASP A 1 125 ? -6.220  -16.828 7.639   1.00 25.02 ? 125  ASP A O     1 
ATOM   910  C  CB    . ASP A 1 125 ? -3.787  -14.904 7.698   1.00 24.42 ? 125  ASP A CB    1 
ATOM   911  C  CG    . ASP A 1 125 ? -4.202  -13.687 8.504   1.00 24.47 ? 125  ASP A CG    1 
ATOM   912  O  OD1   . ASP A 1 125 ? -4.073  -12.575 7.967   1.00 23.75 ? 125  ASP A OD1   1 
ATOM   913  O  OD2   . ASP A 1 125 ? -4.624  -13.822 9.683   1.00 24.49 ? 125  ASP A OD2   1 
ATOM   914  N  N     . LEU A 1 126 ? -7.105  -14.805 7.174   1.00 25.49 ? 126  LEU A N     1 
ATOM   915  C  CA    . LEU A 1 126 ? -8.405  -15.091 7.789   1.00 26.67 ? 126  LEU A CA    1 
ATOM   916  C  C     . LEU A 1 126 ? -9.343  -15.795 6.812   1.00 27.22 ? 126  LEU A C     1 
ATOM   917  O  O     . LEU A 1 126 ? -10.397 -15.269 6.460   1.00 27.51 ? 126  LEU A O     1 
ATOM   918  C  CB    . LEU A 1 126 ? -9.041  -13.805 8.353   1.00 26.25 ? 126  LEU A CB    1 
ATOM   919  C  CG    . LEU A 1 126 ? -8.330  -13.059 9.499   1.00 26.28 ? 126  LEU A CG    1 
ATOM   920  C  CD1   . LEU A 1 126 ? -9.061  -11.763 9.874   1.00 26.15 ? 126  LEU A CD1   1 
ATOM   921  C  CD2   . LEU A 1 126 ? -8.129  -13.928 10.749  1.00 26.04 ? 126  LEU A CD2   1 
ATOM   922  N  N     . VAL A 1 127 ? -8.966  -16.994 6.382   1.00 28.03 ? 127  VAL A N     1 
ATOM   923  C  CA    . VAL A 1 127 ? -9.678  -17.655 5.283   1.00 29.24 ? 127  VAL A CA    1 
ATOM   924  C  C     . VAL A 1 127 ? -11.153 -17.929 5.586   1.00 29.41 ? 127  VAL A C     1 
ATOM   925  O  O     . VAL A 1 127 ? -11.989 -17.875 4.687   1.00 29.48 ? 127  VAL A O     1 
ATOM   926  C  CB    . VAL A 1 127 ? -8.976  -18.960 4.792   1.00 29.62 ? 127  VAL A CB    1 
ATOM   927  C  CG1   . VAL A 1 127 ? -7.575  -18.644 4.240   1.00 30.14 ? 127  VAL A CG1   1 
ATOM   928  C  CG2   . VAL A 1 127 ? -8.899  -20.002 5.894   1.00 31.25 ? 127  VAL A CG2   1 
ATOM   929  N  N     . SER A 1 128 ? -11.466 -18.190 6.853   1.00 29.98 ? 128  SER A N     1 
ATOM   930  C  CA    . SER A 1 128 ? -12.829 -18.516 7.242   1.00 30.60 ? 128  SER A CA    1 
ATOM   931  C  C     . SER A 1 128 ? -13.734 -17.279 7.261   1.00 30.22 ? 128  SER A C     1 
ATOM   932  O  O     . SER A 1 128 ? -14.955 -17.413 7.143   1.00 30.88 ? 128  SER A O     1 
ATOM   933  C  CB    . SER A 1 128 ? -12.850 -19.244 8.589   1.00 30.70 ? 128  SER A CB    1 
ATOM   934  O  OG    . SER A 1 128 ? -12.672 -18.348 9.673   1.00 33.53 ? 128  SER A OG    1 
ATOM   935  N  N     . LYS A 1 129 ? -13.134 -16.090 7.380   1.00 28.93 ? 129  LYS A N     1 
ATOM   936  C  CA    . LYS A 1 129 ? -13.887 -14.828 7.421   1.00 28.15 ? 129  LYS A CA    1 
ATOM   937  C  C     . LYS A 1 129 ? -13.908 -14.057 6.092   1.00 27.07 ? 129  LYS A C     1 
ATOM   938  O  O     . LYS A 1 129 ? -14.533 -13.004 6.006   1.00 26.90 ? 129  LYS A O     1 
ATOM   939  C  CB    . LYS A 1 129 ? -13.336 -13.914 8.526   1.00 28.40 ? 129  LYS A CB    1 
ATOM   940  C  CG    . LYS A 1 129 ? -13.440 -14.463 9.937   1.00 29.99 ? 129  LYS A CG    1 
ATOM   941  C  CD    . LYS A 1 129 ? -14.876 -14.451 10.447  1.00 33.68 ? 129  LYS A CD    1 
ATOM   942  N  N     . ARG A 1 130 ? -13.229 -14.578 5.068   1.00 26.00 ? 130  ARG A N     1 
ATOM   943  C  CA    . ARG A 1 130 ? -13.130 -13.915 3.778   1.00 24.94 ? 130  ARG A CA    1 
ATOM   944  C  C     . ARG A 1 130 ? -14.501 -13.793 3.102   1.00 24.80 ? 130  ARG A C     1 
ATOM   945  O  O     . ARG A 1 130 ? -15.260 -14.773 3.037   1.00 24.26 ? 130  ARG A O     1 
ATOM   946  C  CB    . ARG A 1 130 ? -12.174 -14.672 2.859   1.00 25.12 ? 130  ARG A CB    1 
ATOM   947  C  CG    . ARG A 1 130 ? -12.078 -14.086 1.468   1.00 25.02 ? 130  ARG A CG    1 
ATOM   948  C  CD    . ARG A 1 130 ? -11.389 -15.018 0.486   1.00 26.05 ? 130  ARG A CD    1 
ATOM   949  N  NE    . ARG A 1 130 ? -9.938  -15.055 0.644   1.00 25.30 ? 130  ARG A NE    1 
ATOM   950  C  CZ    . ARG A 1 130 ? -9.081  -14.263 -0.001  1.00 26.22 ? 130  ARG A CZ    1 
ATOM   951  N  NH1   . ARG A 1 130 ? -7.775  -14.401 0.208   1.00 25.21 ? 130  ARG A NH1   1 
ATOM   952  N  NH2   . ARG A 1 130 ? -9.519  -13.328 -0.845  1.00 22.47 ? 130  ARG A NH2   1 
ATOM   953  N  N     . VAL A 1 131 ? -14.806 -12.594 2.605   1.00 23.24 ? 131  VAL A N     1 
ATOM   954  C  CA    . VAL A 1 131 ? -16.062 -12.344 1.873   1.00 23.37 ? 131  VAL A CA    1 
ATOM   955  C  C     . VAL A 1 131 ? -15.794 -11.792 0.481   1.00 22.57 ? 131  VAL A C     1 
ATOM   956  O  O     . VAL A 1 131 ? -16.673 -11.803 -0.372  1.00 22.99 ? 131  VAL A O     1 
ATOM   957  C  CB    . VAL A 1 131 ? -17.029 -11.382 2.643   1.00 23.34 ? 131  VAL A CB    1 
ATOM   958  C  CG1   . VAL A 1 131 ? -17.487 -12.008 3.949   1.00 23.98 ? 131  VAL A CG1   1 
ATOM   959  C  CG2   . VAL A 1 131 ? -16.374 -10.006 2.901   1.00 23.22 ? 131  VAL A CG2   1 
ATOM   960  N  N     . VAL A 1 132 ? -14.582 -11.290 0.263   1.00 21.74 ? 132  VAL A N     1 
ATOM   961  C  CA    . VAL A 1 132 ? -14.170 -10.841 -1.064  1.00 21.37 ? 132  VAL A CA    1 
ATOM   962  C  C     . VAL A 1 132 ? -13.192 -11.868 -1.635  1.00 21.43 ? 132  VAL A C     1 
ATOM   963  O  O     . VAL A 1 132 ? -12.161 -12.157 -1.020  1.00 20.96 ? 132  VAL A O     1 
ATOM   964  C  CB    . VAL A 1 132 ? -13.483 -9.444  -1.027  1.00 21.14 ? 132  VAL A CB    1 
ATOM   965  C  CG1   . VAL A 1 132 ? -13.279 -8.943  -2.434  1.00 19.47 ? 132  VAL A CG1   1 
ATOM   966  C  CG2   . VAL A 1 132 ? -14.329 -8.440  -0.225  1.00 20.31 ? 132  VAL A CG2   1 
ATOM   967  N  N     . THR A 1 133 ? -13.512 -12.422 -2.801  1.00 22.26 ? 133  THR A N     1 
ATOM   968  C  CA    . THR A 1 133 ? -12.629 -13.412 -3.430  1.00 22.96 ? 133  THR A CA    1 
ATOM   969  C  C     . THR A 1 133 ? -11.433 -12.727 -4.079  1.00 22.90 ? 133  THR A C     1 
ATOM   970  O  O     . THR A 1 133 ? -11.491 -11.541 -4.401  1.00 22.43 ? 133  THR A O     1 
ATOM   971  C  CB    . THR A 1 133 ? -13.346 -14.269 -4.512  1.00 22.80 ? 133  THR A CB    1 
ATOM   972  O  OG1   . THR A 1 133 ? -13.729 -13.437 -5.607  1.00 24.00 ? 133  THR A OG1   1 
ATOM   973  C  CG2   . THR A 1 133 ? -14.573 -15.002 -3.953  1.00 23.85 ? 133  THR A CG2   1 
ATOM   974  N  N     . SER A 1 134 ? -10.364 -13.495 -4.280  1.00 23.16 ? 134  SER A N     1 
ATOM   975  C  CA    . SER A 1 134 ? -9.187  -13.043 -5.028  1.00 23.80 ? 134  SER A CA    1 
ATOM   976  C  C     . SER A 1 134 ? -9.575  -12.608 -6.423  1.00 23.58 ? 134  SER A C     1 
ATOM   977  O  O     . SER A 1 134 ? -9.090  -11.582 -6.901  1.00 22.78 ? 134  SER A O     1 
ATOM   978  C  CB    . SER A 1 134 ? -8.123  -14.147 -5.106  1.00 24.06 ? 134  SER A CB    1 
ATOM   979  O  OG    . SER A 1 134 ? -7.772  -14.573 -3.798  1.00 25.80 ? 134  SER A OG    1 
ATOM   980  N  N     . ASP A 1 135 ? -10.456 -13.373 -7.069  1.00 23.75 ? 135  ASP A N     1 
ATOM   981  C  CA    . ASP A 1 135 ? -10.916 -13.021 -8.414  1.00 24.80 ? 135  ASP A CA    1 
ATOM   982  C  C     . ASP A 1 135 ? -11.604 -11.648 -8.461  1.00 24.30 ? 135  ASP A C     1 
ATOM   983  O  O     . ASP A 1 135 ? -11.402 -10.888 -9.397  1.00 24.19 ? 135  ASP A O     1 
ATOM   984  C  CB    . ASP A 1 135 ? -11.859 -14.095 -8.985  1.00 25.34 ? 135  ASP A CB    1 
ATOM   985  C  CG    . ASP A 1 135 ? -11.123 -15.377 -9.413  1.00 29.64 ? 135  ASP A CG    1 
ATOM   986  O  OD1   . ASP A 1 135 ? -9.869  -15.416 -9.456  1.00 31.40 ? 135  ASP A OD1   1 
ATOM   987  O  OD2   . ASP A 1 135 ? -11.822 -16.366 -9.713  1.00 34.68 ? 135  ASP A OD2   1 
ATOM   988  N  N     . GLU A 1 136 ? -12.436 -11.351 -7.468  1.00 24.48 ? 136  GLU A N     1 
ATOM   989  C  CA    . GLU A 1 136 ? -13.085 -10.032 -7.375  1.00 24.55 ? 136  GLU A CA    1 
ATOM   990  C  C     . GLU A 1 136 ? -12.075 -8.889  -7.244  1.00 24.12 ? 136  GLU A C     1 
ATOM   991  O  O     . GLU A 1 136 ? -12.222 -7.852  -7.892  1.00 23.66 ? 136  GLU A O     1 
ATOM   992  C  CB    . GLU A 1 136 ? -14.014 -9.981  -6.178  1.00 24.70 ? 136  GLU A CB    1 
ATOM   993  C  CG    . GLU A 1 136 ? -15.253 -10.801 -6.288  1.00 27.64 ? 136  GLU A CG    1 
ATOM   994  C  CD    . GLU A 1 136 ? -16.170 -10.497 -5.135  1.00 31.94 ? 136  GLU A CD    1 
ATOM   995  O  OE1   . GLU A 1 136 ? -16.902 -9.469  -5.231  1.00 34.99 ? 136  GLU A OE1   1 
ATOM   996  O  OE2   . GLU A 1 136 ? -16.117 -11.240 -4.128  1.00 28.51 ? 136  GLU A OE2   1 
ATOM   997  N  N     . GLY A 1 137 ? -11.068 -9.081  -6.390  1.00 24.08 ? 137  GLY A N     1 
ATOM   998  C  CA    . GLY A 1 137 ? -9.977  -8.120  -6.224  1.00 24.43 ? 137  GLY A CA    1 
ATOM   999  C  C     . GLY A 1 137 ? -9.267  -7.880  -7.541  1.00 25.44 ? 137  GLY A C     1 
ATOM   1000 O  O     . GLY A 1 137 ? -9.066  -6.736  -7.957  1.00 24.79 ? 137  GLY A O     1 
ATOM   1001 N  N     . ARG A 1 138 ? -8.915  -8.971  -8.217  1.00 25.90 ? 138  ARG A N     1 
ATOM   1002 C  CA    . ARG A 1 138 ? -8.216  -8.893  -9.493  1.00 27.52 ? 138  ARG A CA    1 
ATOM   1003 C  C     . ARG A 1 138 ? -9.055  -8.199  -10.561 1.00 26.41 ? 138  ARG A C     1 
ATOM   1004 O  O     . ARG A 1 138 ? -8.545  -7.374  -11.302 1.00 26.42 ? 138  ARG A O     1 
ATOM   1005 C  CB    . ARG A 1 138 ? -7.817  -10.288 -9.972  1.00 27.22 ? 138  ARG A CB    1 
ATOM   1006 C  CG    . ARG A 1 138 ? -6.606  -10.297 -10.871 1.00 30.05 ? 138  ARG A CG    1 
ATOM   1007 C  CD    . ARG A 1 138 ? -6.089  -11.732 -11.112 1.00 31.98 ? 138  ARG A CD    1 
ATOM   1008 N  NE    . ARG A 1 138 ? -6.118  -12.583 -9.912  1.00 39.43 ? 138  ARG A NE    1 
ATOM   1009 C  CZ    . ARG A 1 138 ? -6.978  -13.585 -9.722  1.00 41.60 ? 138  ARG A CZ    1 
ATOM   1010 N  NH1   . ARG A 1 138 ? -7.885  -13.875 -10.655 1.00 43.64 ? 138  ARG A NH1   1 
ATOM   1011 N  NH2   . ARG A 1 138 ? -6.938  -14.295 -8.598  1.00 43.13 ? 138  ARG A NH2   1 
ATOM   1012 N  N     . GLU A 1 139 ? -10.337 -8.542  -10.630 1.00 26.25 ? 139  GLU A N     1 
ATOM   1013 C  CA    . GLU A 1 139 ? -11.273 -7.891  -11.552 1.00 26.49 ? 139  GLU A CA    1 
ATOM   1014 C  C     . GLU A 1 139 ? -11.318 -6.363  -11.375 1.00 25.60 ? 139  GLU A C     1 
ATOM   1015 O  O     . GLU A 1 139 ? -11.303 -5.608  -12.358 1.00 25.19 ? 139  GLU A O     1 
ATOM   1016 C  CB    . GLU A 1 139 ? -12.681 -8.474  -11.375 1.00 26.39 ? 139  GLU A CB    1 
ATOM   1017 C  CG    . GLU A 1 139 ? -13.749 -7.752  -12.191 1.00 28.48 ? 139  GLU A CG    1 
ATOM   1018 C  CD    . GLU A 1 139 ? -15.153 -8.300  -12.006 1.00 28.83 ? 139  GLU A CD    1 
ATOM   1019 O  OE1   . GLU A 1 139 ? -15.491 -8.794  -10.898 1.00 32.95 ? 139  GLU A OE1   1 
ATOM   1020 O  OE2   . GLU A 1 139 ? -15.934 -8.211  -12.980 1.00 31.11 ? 139  GLU A OE2   1 
ATOM   1021 N  N     . LEU A 1 140 ? -11.402 -5.920  -10.122 1.00 24.54 ? 140  LEU A N     1 
ATOM   1022 C  CA    . LEU A 1 140 ? -11.439 -4.496  -9.820  1.00 24.06 ? 140  LEU A CA    1 
ATOM   1023 C  C     . LEU A 1 140 ? -10.156 -3.823  -10.289 1.00 23.67 ? 140  LEU A C     1 
ATOM   1024 O  O     . LEU A 1 140 ? -10.209 -2.787  -10.955 1.00 22.69 ? 140  LEU A O     1 
ATOM   1025 C  CB    . LEU A 1 140 ? -11.681 -4.246  -8.322  1.00 23.59 ? 140  LEU A CB    1 
ATOM   1026 C  CG    . LEU A 1 140 ? -11.966 -2.778  -7.940  1.00 23.39 ? 140  LEU A CG    1 
ATOM   1027 C  CD1   . LEU A 1 140 ? -12.835 -2.687  -6.681  1.00 21.60 ? 140  LEU A CD1   1 
ATOM   1028 C  CD2   . LEU A 1 140 ? -10.677 -2.022  -7.726  1.00 21.79 ? 140  LEU A CD2   1 
ATOM   1029 N  N     . ALA A 1 141 ? -9.014  -4.425  -9.946  1.00 24.26 ? 141  ALA A N     1 
ATOM   1030 C  CA    . ALA A 1 141 ? -7.706  -3.897  -10.338 1.00 25.31 ? 141  ALA A CA    1 
ATOM   1031 C  C     . ALA A 1 141 ? -7.568  -3.821  -11.855 1.00 26.60 ? 141  ALA A C     1 
ATOM   1032 O  O     . ALA A 1 141 ? -7.106  -2.804  -12.393 1.00 26.52 ? 141  ALA A O     1 
ATOM   1033 C  CB    . ALA A 1 141 ? -6.590  -4.740  -9.746  1.00 25.54 ? 141  ALA A CB    1 
ATOM   1034 N  N     . ASP A 1 142 ? -7.973  -4.893  -12.539 1.00 27.65 ? 142  ASP A N     1 
ATOM   1035 C  CA    . ASP A 1 142 ? -7.959  -4.938  -14.002 1.00 29.13 ? 142  ASP A CA    1 
ATOM   1036 C  C     . ASP A 1 142 ? -8.811  -3.830  -14.610 1.00 29.27 ? 142  ASP A C     1 
ATOM   1037 O  O     . ASP A 1 142 ? -8.384  -3.149  -15.532 1.00 29.68 ? 142  ASP A O     1 
ATOM   1038 C  CB    . ASP A 1 142 ? -8.444  -6.304  -14.515 1.00 29.51 ? 142  ASP A CB    1 
ATOM   1039 C  CG    . ASP A 1 142 ? -7.401  -7.404  -14.343 1.00 31.95 ? 142  ASP A CG    1 
ATOM   1040 O  OD1   . ASP A 1 142 ? -6.248  -7.097  -13.966 1.00 34.37 ? 142  ASP A OD1   1 
ATOM   1041 O  OD2   . ASP A 1 142 ? -7.742  -8.585  -14.580 1.00 35.67 ? 142  ASP A OD2   1 
ATOM   1042 N  N     . SER A 1 143 ? -10.005 -3.639  -14.067 1.00 30.04 ? 143  SER A N     1 
ATOM   1043 C  CA    . SER A 1 143 ? -10.912 -2.602  -14.542 1.00 30.49 ? 143  SER A CA    1 
ATOM   1044 C  C     . SER A 1 143 ? -10.286 -1.205  -14.447 1.00 30.95 ? 143  SER A C     1 
ATOM   1045 O  O     . SER A 1 143 ? -10.547 -0.328  -15.291 1.00 30.48 ? 143  SER A O     1 
ATOM   1046 C  CB    . SER A 1 143 ? -12.216 -2.678  -13.760 1.00 30.39 ? 143  SER A CB    1 
ATOM   1047 O  OG    . SER A 1 143 ? -13.146 -1.703  -14.206 1.00 32.82 ? 143  SER A OG    1 
ATOM   1048 N  N     . HIS A 1 144 ? -9.439  -1.009  -13.430 1.00 30.89 ? 144  HIS A N     1 
ATOM   1049 C  CA    . HIS A 1 144 ? -8.788  0.278   -13.206 1.00 30.71 ? 144  HIS A CA    1 
ATOM   1050 C  C     . HIS A 1 144 ? -7.384  0.350   -13.791 1.00 30.58 ? 144  HIS A C     1 
ATOM   1051 O  O     . HIS A 1 144 ? -6.717  1.382   -13.676 1.00 31.01 ? 144  HIS A O     1 
ATOM   1052 C  CB    . HIS A 1 144 ? -8.778  0.624   -11.712 1.00 30.90 ? 144  HIS A CB    1 
ATOM   1053 C  CG    . HIS A 1 144 ? -10.131 0.955   -11.164 1.00 31.28 ? 144  HIS A CG    1 
ATOM   1054 N  ND1   . HIS A 1 144 ? -10.673 2.219   -11.239 1.00 33.07 ? 144  HIS A ND1   1 
ATOM   1055 C  CD2   . HIS A 1 144 ? -11.054 0.188   -10.538 1.00 31.31 ? 144  HIS A CD2   1 
ATOM   1056 C  CE1   . HIS A 1 144 ? -11.865 2.220   -10.672 1.00 32.64 ? 144  HIS A CE1   1 
ATOM   1057 N  NE2   . HIS A 1 144 ? -12.124 0.999   -10.245 1.00 33.22 ? 144  HIS A NE2   1 
ATOM   1058 N  N     . GLY A 1 145 ? -6.937  -0.742  -14.413 1.00 30.34 ? 145  GLY A N     1 
ATOM   1059 C  CA    . GLY A 1 145 ? -5.606  -0.812  -15.028 1.00 29.93 ? 145  GLY A CA    1 
ATOM   1060 C  C     . GLY A 1 145 ? -4.453  -0.752  -14.033 1.00 29.74 ? 145  GLY A C     1 
ATOM   1061 O  O     . GLY A 1 145 ? -3.379  -0.219  -14.332 1.00 30.00 ? 145  GLY A O     1 
ATOM   1062 N  N     . ILE A 1 146 ? -4.663  -1.305  -12.841 1.00 28.47 ? 146  ILE A N     1 
ATOM   1063 C  CA    . ILE A 1 146 ? -3.615  -1.306  -11.819 1.00 27.48 ? 146  ILE A CA    1 
ATOM   1064 C  C     . ILE A 1 146 ? -3.316  -2.732  -11.375 1.00 26.48 ? 146  ILE A C     1 
ATOM   1065 O  O     . ILE A 1 146 ? -4.072  -3.649  -11.687 1.00 26.63 ? 146  ILE A O     1 
ATOM   1066 C  CB    . ILE A 1 146 ? -3.984  -0.387  -10.622 1.00 27.52 ? 146  ILE A CB    1 
ATOM   1067 C  CG1   . ILE A 1 146 ? -5.206  -0.931  -9.863  1.00 26.89 ? 146  ILE A CG1   1 
ATOM   1068 C  CG2   . ILE A 1 146 ? -4.190  1.061   -11.111 1.00 26.31 ? 146  ILE A CG2   1 
ATOM   1069 C  CD1   . ILE A 1 146 ? -5.655  -0.057  -8.691  1.00 27.96 ? 146  ILE A CD1   1 
ATOM   1070 N  N     . LYS A 1 147 ? -2.206  -2.923  -10.678 1.00 25.63 ? 147  LYS A N     1 
ATOM   1071 C  CA    . LYS A 1 147 ? -1.848  -4.244  -10.174 1.00 25.10 ? 147  LYS A CA    1 
ATOM   1072 C  C     . LYS A 1 147 ? -2.566  -4.557  -8.850  1.00 24.07 ? 147  LYS A C     1 
ATOM   1073 O  O     . LYS A 1 147 ? -3.097  -3.655  -8.189  1.00 22.22 ? 147  LYS A O     1 
ATOM   1074 C  CB    . LYS A 1 147 ? -0.334  -4.375  -10.021 1.00 25.92 ? 147  LYS A CB    1 
ATOM   1075 C  CG    . LYS A 1 147 ? 0.414   -4.457  -11.362 1.00 28.46 ? 147  LYS A CG    1 
ATOM   1076 C  CD    . LYS A 1 147 ? 1.880   -4.728  -11.115 1.00 33.69 ? 147  LYS A CD    1 
ATOM   1077 C  CE    . LYS A 1 147 ? 2.580   -5.175  -12.389 1.00 38.00 ? 147  LYS A CE    1 
ATOM   1078 N  NZ    . LYS A 1 147 ? 2.399   -4.164  -13.485 1.00 41.46 ? 147  LYS A NZ    1 
ATOM   1079 N  N     . PHE A 1 148 ? -2.554  -5.837  -8.483  1.00 22.77 ? 148  PHE A N     1 
ATOM   1080 C  CA    . PHE A 1 148 ? -3.297  -6.353  -7.338  1.00 22.43 ? 148  PHE A CA    1 
ATOM   1081 C  C     . PHE A 1 148 ? -2.432  -7.359  -6.602  1.00 22.31 ? 148  PHE A C     1 
ATOM   1082 O  O     . PHE A 1 148 ? -1.739  -8.174  -7.232  1.00 22.54 ? 148  PHE A O     1 
ATOM   1083 C  CB    . PHE A 1 148 ? -4.593  -7.027  -7.820  1.00 22.15 ? 148  PHE A CB    1 
ATOM   1084 C  CG    . PHE A 1 148 ? -5.356  -7.764  -6.739  1.00 21.84 ? 148  PHE A CG    1 
ATOM   1085 C  CD1   . PHE A 1 148 ? -5.846  -7.090  -5.618  1.00 21.62 ? 148  PHE A CD1   1 
ATOM   1086 C  CD2   . PHE A 1 148 ? -5.594  -9.137  -6.856  1.00 22.61 ? 148  PHE A CD2   1 
ATOM   1087 C  CE1   . PHE A 1 148 ? -6.572  -7.767  -4.623  1.00 21.96 ? 148  PHE A CE1   1 
ATOM   1088 C  CE2   . PHE A 1 148 ? -6.311  -9.828  -5.868  1.00 23.05 ? 148  PHE A CE2   1 
ATOM   1089 C  CZ    . PHE A 1 148 ? -6.801  -9.135  -4.747  1.00 22.63 ? 148  PHE A CZ    1 
ATOM   1090 N  N     . ILE A 1 149 ? -2.465  -7.301  -5.275  1.00 21.55 ? 149  ILE A N     1 
ATOM   1091 C  CA    . ILE A 1 149 ? -1.756  -8.271  -4.454  1.00 21.39 ? 149  ILE A CA    1 
ATOM   1092 C  C     . ILE A 1 149 ? -2.539  -8.496  -3.162  1.00 21.43 ? 149  ILE A C     1 
ATOM   1093 O  O     . ILE A 1 149 ? -3.108  -7.544  -2.594  1.00 20.35 ? 149  ILE A O     1 
ATOM   1094 C  CB    . ILE A 1 149 ? -0.283  -7.833  -4.170  1.00 21.46 ? 149  ILE A CB    1 
ATOM   1095 C  CG1   . ILE A 1 149 ? 0.501   -8.943  -3.458  1.00 22.44 ? 149  ILE A CG1   1 
ATOM   1096 C  CG2   . ILE A 1 149 ? -0.214  -6.546  -3.355  1.00 21.55 ? 149  ILE A CG2   1 
ATOM   1097 C  CD1   . ILE A 1 149 ? 2.013   -8.770  -3.526  1.00 22.12 ? 149  ILE A CD1   1 
ATOM   1098 N  N     . GLU A 1 150 ? -2.592  -9.750  -2.709  1.00 20.28 ? 150  GLU A N     1 
ATOM   1099 C  CA    . GLU A 1 150 ? -3.166  -10.022 -1.400  1.00 20.71 ? 150  GLU A CA    1 
ATOM   1100 C  C     . GLU A 1 150 ? -2.080  -10.233 -0.383  1.00 19.99 ? 150  GLU A C     1 
ATOM   1101 O  O     . GLU A 1 150 ? -1.049  -10.837 -0.680  1.00 19.84 ? 150  GLU A O     1 
ATOM   1102 C  CB    . GLU A 1 150 ? -4.164  -11.188 -1.437  1.00 20.59 ? 150  GLU A CB    1 
ATOM   1103 C  CG    . GLU A 1 150 ? -5.494  -10.785 -2.071  1.00 21.74 ? 150  GLU A CG    1 
ATOM   1104 C  CD    . GLU A 1 150 ? -6.511  -11.927 -2.142  1.00 23.04 ? 150  GLU A CD    1 
ATOM   1105 O  OE1   . GLU A 1 150 ? -6.104  -13.111 -2.200  1.00 26.64 ? 150  GLU A OE1   1 
ATOM   1106 O  OE2   . GLU A 1 150 ? -7.729  -11.641 -2.162  1.00 24.79 ? 150  GLU A OE2   1 
ATOM   1107 N  N     . THR A 1 151 ? -2.317  -9.713  0.819   1.00 19.23 ? 151  THR A N     1 
ATOM   1108 C  CA    . THR A 1 151 ? -1.315  -9.691  1.855   1.00 18.46 ? 151  THR A CA    1 
ATOM   1109 C  C     . THR A 1 151 ? -1.883  -10.149 3.179   1.00 18.62 ? 151  THR A C     1 
ATOM   1110 O  O     . THR A 1 151 ? -3.112  -10.194 3.388   1.00 18.13 ? 151  THR A O     1 
ATOM   1111 C  CB    . THR A 1 151 ? -0.774  -8.261  2.096   1.00 18.46 ? 151  THR A CB    1 
ATOM   1112 O  OG1   . THR A 1 151 ? -1.872  -7.430  2.485   1.00 17.86 ? 151  THR A OG1   1 
ATOM   1113 C  CG2   . THR A 1 151 ? -0.096  -7.689  0.830   1.00 18.12 ? 151  THR A CG2   1 
ATOM   1114 N  N     . SER A 1 152 ? -0.963  -10.477 4.076   1.00 18.35 ? 152  SER A N     1 
ATOM   1115 C  CA    . SER A 1 152 ? -1.268  -10.595 5.481   1.00 19.21 ? 152  SER A CA    1 
ATOM   1116 C  C     . SER A 1 152 ? -0.129  -9.927  6.252   1.00 19.42 ? 152  SER A C     1 
ATOM   1117 O  O     . SER A 1 152 ? 1.014   -10.425 6.265   1.00 19.03 ? 152  SER A O     1 
ATOM   1118 C  CB    . SER A 1 152 ? -1.428  -12.065 5.881   1.00 19.18 ? 152  SER A CB    1 
ATOM   1119 O  OG    . SER A 1 152 ? -1.484  -12.203 7.294   1.00 21.66 ? 152  SER A OG    1 
ATOM   1120 N  N     . ALA A 1 153 ? -0.428  -8.792  6.890   1.00 19.60 ? 153  ALA A N     1 
ATOM   1121 C  CA    . ALA A 1 153 ? 0.513   -8.177  7.826   1.00 20.48 ? 153  ALA A CA    1 
ATOM   1122 C  C     . ALA A 1 153 ? 0.844   -9.132  8.983   1.00 21.28 ? 153  ALA A C     1 
ATOM   1123 O  O     . ALA A 1 153 ? 1.968   -9.134  9.498   1.00 21.22 ? 153  ALA A O     1 
ATOM   1124 C  CB    . ALA A 1 153 ? -0.057  -6.859  8.379   1.00 20.27 ? 153  ALA A CB    1 
ATOM   1125 N  N     . LYS A 1 154 ? -0.154  -9.908  9.401   1.00 21.95 ? 154  LYS A N     1 
ATOM   1126 C  CA    . LYS A 1 154 ? -0.032  -10.831 10.529  1.00 22.99 ? 154  LYS A CA    1 
ATOM   1127 C  C     . LYS A 1 154 ? 1.061   -11.901 10.356  1.00 23.43 ? 154  LYS A C     1 
ATOM   1128 O  O     . LYS A 1 154 ? 1.856   -12.114 11.260  1.00 24.18 ? 154  LYS A O     1 
ATOM   1129 C  CB    . LYS A 1 154 ? -1.385  -11.487 10.855  1.00 22.88 ? 154  LYS A CB    1 
ATOM   1130 C  CG    . LYS A 1 154 ? -1.287  -12.479 12.018  1.00 24.34 ? 154  LYS A CG    1 
ATOM   1131 C  CD    . LYS A 1 154 ? -2.631  -12.764 12.643  1.00 27.46 ? 154  LYS A CD    1 
ATOM   1132 C  CE    . LYS A 1 154 ? -2.450  -13.501 13.947  1.00 29.56 ? 154  LYS A CE    1 
ATOM   1133 N  NZ    . LYS A 1 154 ? -3.768  -13.878 14.493  1.00 32.79 ? 154  LYS A NZ    1 
ATOM   1134 N  N     . ASN A 1 155 ? 1.105   -12.566 9.207   1.00 23.61 ? 155  ASN A N     1 
ATOM   1135 C  CA    . ASN A 1 155 ? 2.126   -13.589 8.989   1.00 24.80 ? 155  ASN A CA    1 
ATOM   1136 C  C     . ASN A 1 155 ? 3.169   -13.208 7.942   1.00 24.81 ? 155  ASN A C     1 
ATOM   1137 O  O     . ASN A 1 155 ? 3.976   -14.047 7.533   1.00 25.13 ? 155  ASN A O     1 
ATOM   1138 C  CB    . ASN A 1 155 ? 1.495   -14.953 8.694   1.00 25.00 ? 155  ASN A CB    1 
ATOM   1139 C  CG    . ASN A 1 155 ? 0.782   -15.003 7.365   1.00 26.45 ? 155  ASN A CG    1 
ATOM   1140 O  OD1   . ASN A 1 155 ? 1.099   -14.247 6.442   1.00 29.07 ? 155  ASN A OD1   1 
ATOM   1141 N  ND2   . ASN A 1 155 ? -0.164  -15.927 7.241   1.00 27.11 ? 155  ASN A ND2   1 
ATOM   1142 N  N     . ALA A 1 156 ? 3.123   -11.939 7.524   1.00 24.23 ? 156  ALA A N     1 
ATOM   1143 C  CA    . ALA A 1 156 ? 4.062   -11.314 6.579   1.00 24.13 ? 156  ALA A CA    1 
ATOM   1144 C  C     . ALA A 1 156 ? 3.833   -11.647 5.093   1.00 23.84 ? 156  ALA A C     1 
ATOM   1145 O  O     . ALA A 1 156 ? 4.509   -11.090 4.217   1.00 24.95 ? 156  ALA A O     1 
ATOM   1146 C  CB    . ALA A 1 156 ? 5.546   -11.555 7.008   1.00 24.14 ? 156  ALA A CB    1 
ATOM   1147 N  N     . TYR A 1 157 ? 2.878   -12.523 4.795   1.00 22.98 ? 157  TYR A N     1 
ATOM   1148 C  CA    . TYR A 1 157 ? 2.651   -12.964 3.416   1.00 22.63 ? 157  TYR A CA    1 
ATOM   1149 C  C     . TYR A 1 157 ? 2.488   -11.786 2.439   1.00 21.87 ? 157  TYR A C     1 
ATOM   1150 O  O     . TYR A 1 157 ? 1.603   -10.945 2.615   1.00 21.20 ? 157  TYR A O     1 
ATOM   1151 C  CB    . TYR A 1 157 ? 1.437   -13.905 3.336   1.00 23.17 ? 157  TYR A CB    1 
ATOM   1152 C  CG    . TYR A 1 157 ? 1.040   -14.310 1.926   1.00 24.69 ? 157  TYR A CG    1 
ATOM   1153 C  CD1   . TYR A 1 157 ? 1.898   -15.065 1.129   1.00 24.68 ? 157  TYR A CD1   1 
ATOM   1154 C  CD2   . TYR A 1 157 ? -0.187  -13.935 1.394   1.00 26.53 ? 157  TYR A CD2   1 
ATOM   1155 C  CE1   . TYR A 1 157 ? 1.550   -15.436 -0.151  1.00 24.38 ? 157  TYR A CE1   1 
ATOM   1156 C  CE2   . TYR A 1 157 ? -0.552  -14.303 0.096   1.00 26.87 ? 157  TYR A CE2   1 
ATOM   1157 C  CZ    . TYR A 1 157 ? 0.323   -15.057 -0.662  1.00 26.51 ? 157  TYR A CZ    1 
ATOM   1158 O  OH    . TYR A 1 157 ? -0.022  -15.429 -1.948  1.00 27.56 ? 157  TYR A OH    1 
ATOM   1159 N  N     . ASN A 1 158 ? 3.361   -11.728 1.431   1.00 20.76 ? 158  ASN A N     1 
ATOM   1160 C  CA    . ASN A 1 158 ? 3.280   -10.736 0.346   1.00 20.45 ? 158  ASN A CA    1 
ATOM   1161 C  C     . ASN A 1 158 ? 3.473   -9.261  0.732   1.00 20.31 ? 158  ASN A C     1 
ATOM   1162 O  O     . ASN A 1 158 ? 3.335   -8.389  -0.120  1.00 20.12 ? 158  ASN A O     1 
ATOM   1163 C  CB    . ASN A 1 158 ? 1.966   -10.893 -0.460  1.00 19.62 ? 158  ASN A CB    1 
ATOM   1164 C  CG    . ASN A 1 158 ? 2.088   -11.894 -1.611  1.00 21.54 ? 158  ASN A CG    1 
ATOM   1165 O  OD1   . ASN A 1 158 ? 3.187   -12.356 -1.933  1.00 20.82 ? 158  ASN A OD1   1 
ATOM   1166 N  ND2   . ASN A 1 158 ? 0.958   -12.206 -2.257  1.00 18.01 ? 158  ASN A ND2   1 
ATOM   1167 N  N     . VAL A 1 159 ? 3.785   -8.990  1.998   1.00 20.64 ? 159  VAL A N     1 
ATOM   1168 C  CA    . VAL A 1 159 ? 3.964   -7.620  2.466   1.00 21.71 ? 159  VAL A CA    1 
ATOM   1169 C  C     . VAL A 1 159 ? 5.176   -6.941  1.788   1.00 22.88 ? 159  VAL A C     1 
ATOM   1170 O  O     . VAL A 1 159 ? 5.044   -5.862  1.210   1.00 22.70 ? 159  VAL A O     1 
ATOM   1171 C  CB    . VAL A 1 159 ? 4.030   -7.528  4.005   1.00 21.22 ? 159  VAL A CB    1 
ATOM   1172 C  CG1   . VAL A 1 159 ? 4.366   -6.100  4.445   1.00 20.83 ? 159  VAL A CG1   1 
ATOM   1173 C  CG2   . VAL A 1 159 ? 2.701   -7.980  4.625   1.00 20.12 ? 159  VAL A CG2   1 
ATOM   1174 N  N     . GLU A 1 160 ? 6.338   -7.589  1.835   1.00 24.07 ? 160  GLU A N     1 
ATOM   1175 C  CA    . GLU A 1 160 ? 7.519   -7.087  1.125   1.00 25.55 ? 160  GLU A CA    1 
ATOM   1176 C  C     . GLU A 1 160 ? 7.275   -6.934  -0.367  1.00 25.04 ? 160  GLU A C     1 
ATOM   1177 O  O     . GLU A 1 160 ? 7.666   -5.919  -0.959  1.00 25.16 ? 160  GLU A O     1 
ATOM   1178 C  CB    . GLU A 1 160 ? 8.726   -8.009  1.360   1.00 26.62 ? 160  GLU A CB    1 
ATOM   1179 C  CG    . GLU A 1 160 ? 9.170   -8.068  2.813   1.00 31.38 ? 160  GLU A CG    1 
ATOM   1180 C  CD    . GLU A 1 160 ? 10.379  -7.208  3.121   1.00 39.13 ? 160  GLU A CD    1 
ATOM   1181 O  OE1   . GLU A 1 160 ? 10.696  -6.285  2.340   1.00 42.55 ? 160  GLU A OE1   1 
ATOM   1182 O  OE2   . GLU A 1 160 ? 11.034  -7.469  4.160   1.00 43.68 ? 160  GLU A OE2   1 
ATOM   1183 N  N     . GLN A 1 161 ? 6.638   -7.937  -0.971  1.00 24.55 ? 161  GLN A N     1 
ATOM   1184 C  CA    . GLN A 1 161 ? 6.309   -7.891  -2.396  1.00 25.30 ? 161  GLN A CA    1 
ATOM   1185 C  C     . GLN A 1 161 ? 5.406   -6.702  -2.763  1.00 24.12 ? 161  GLN A C     1 
ATOM   1186 O  O     . GLN A 1 161 ? 5.611   -6.072  -3.803  1.00 24.03 ? 161  GLN A O     1 
ATOM   1187 C  CB    . GLN A 1 161 ? 5.693   -9.210  -2.903  1.00 24.88 ? 161  GLN A CB    1 
ATOM   1188 C  CG    . GLN A 1 161 ? 5.469   -9.243  -4.437  1.00 26.63 ? 161  GLN A CG    1 
ATOM   1189 C  CD    . GLN A 1 161 ? 4.876   -10.567 -4.966  1.00 29.81 ? 161  GLN A CD    1 
ATOM   1190 O  OE1   . GLN A 1 161 ? 5.034   -11.630 -4.351  1.00 37.78 ? 161  GLN A OE1   1 
ATOM   1191 N  NE2   . GLN A 1 161 ? 4.208   -10.503 -6.125  1.00 33.66 ? 161  GLN A NE2   1 
ATOM   1192 N  N     . ALA A 1 162 ? 4.409   -6.419  -1.925  1.00 23.06 ? 162  ALA A N     1 
ATOM   1193 C  CA    . ALA A 1 162 ? 3.485   -5.310  -2.161  1.00 22.41 ? 162  ALA A CA    1 
ATOM   1194 C  C     . ALA A 1 162 ? 4.256   -3.995  -2.331  1.00 22.12 ? 162  ALA A C     1 
ATOM   1195 O  O     . ALA A 1 162 ? 4.086   -3.308  -3.328  1.00 22.67 ? 162  ALA A O     1 
ATOM   1196 C  CB    . ALA A 1 162 ? 2.481   -5.193  -1.013  1.00 21.73 ? 162  ALA A CB    1 
ATOM   1197 N  N     . PHE A 1 163 ? 5.102   -3.665  -1.361  1.00 21.87 ? 163  PHE A N     1 
ATOM   1198 C  CA    . PHE A 1 163 ? 5.876   -2.425  -1.402  1.00 22.13 ? 163  PHE A CA    1 
ATOM   1199 C  C     . PHE A 1 163 ? 6.931   -2.416  -2.514  1.00 22.46 ? 163  PHE A C     1 
ATOM   1200 O  O     . PHE A 1 163 ? 7.135   -1.381  -3.160  1.00 22.21 ? 163  PHE A O     1 
ATOM   1201 C  CB    . PHE A 1 163 ? 6.504   -2.128  -0.036  1.00 21.76 ? 163  PHE A CB    1 
ATOM   1202 C  CG    . PHE A 1 163 ? 5.504   -1.720  1.026   1.00 22.15 ? 163  PHE A CG    1 
ATOM   1203 C  CD1   . PHE A 1 163 ? 5.128   -0.375  1.175   1.00 22.22 ? 163  PHE A CD1   1 
ATOM   1204 C  CD2   . PHE A 1 163 ? 4.941   -2.666  1.879   1.00 21.71 ? 163  PHE A CD2   1 
ATOM   1205 C  CE1   . PHE A 1 163 ? 4.210   0.006   2.166   1.00 20.04 ? 163  PHE A CE1   1 
ATOM   1206 C  CE2   . PHE A 1 163 ? 4.025   -2.288  2.868   1.00 22.25 ? 163  PHE A CE2   1 
ATOM   1207 C  CZ    . PHE A 1 163 ? 3.659   -0.947  3.004   1.00 21.95 ? 163  PHE A CZ    1 
ATOM   1208 N  N     . HIS A 1 164 ? 7.581   -3.563  -2.754  1.00 22.69 ? 164  HIS A N     1 
ATOM   1209 C  CA    . HIS A 1 164 ? 8.543   -3.677  -3.859  1.00 23.15 ? 164  HIS A CA    1 
ATOM   1210 C  C     . HIS A 1 164 ? 7.886   -3.532  -5.218  1.00 23.16 ? 164  HIS A C     1 
ATOM   1211 O  O     . HIS A 1 164 ? 8.434   -2.876  -6.114  1.00 22.90 ? 164  HIS A O     1 
ATOM   1212 C  CB    . HIS A 1 164 ? 9.342   -4.988  -3.780  1.00 23.95 ? 164  HIS A CB    1 
ATOM   1213 C  CG    . HIS A 1 164 ? 10.471  -4.945  -2.793  1.00 26.00 ? 164  HIS A CG    1 
ATOM   1214 N  ND1   . HIS A 1 164 ? 10.281  -5.082  -1.435  1.00 28.99 ? 164  HIS A ND1   1 
ATOM   1215 C  CD2   . HIS A 1 164 ? 11.805  -4.777  -2.966  1.00 29.01 ? 164  HIS A CD2   1 
ATOM   1216 C  CE1   . HIS A 1 164 ? 11.445  -5.005  -0.814  1.00 28.08 ? 164  HIS A CE1   1 
ATOM   1217 N  NE2   . HIS A 1 164 ? 12.388  -4.819  -1.720  1.00 28.72 ? 164  HIS A NE2   1 
ATOM   1218 N  N     . THR A 1 165 ? 6.711   -4.142  -5.374  1.00 22.68 ? 165  THR A N     1 
ATOM   1219 C  CA    . THR A 1 165 ? 5.908   -3.976  -6.574  1.00 23.11 ? 165  THR A CA    1 
ATOM   1220 C  C     . THR A 1 165 ? 5.572   -2.499  -6.815  1.00 23.14 ? 165  THR A C     1 
ATOM   1221 O  O     . THR A 1 165 ? 5.766   -1.998  -7.919  1.00 23.40 ? 165  THR A O     1 
ATOM   1222 C  CB    . THR A 1 165 ? 4.606   -4.798  -6.506  1.00 23.05 ? 165  THR A CB    1 
ATOM   1223 O  OG1   . THR A 1 165 ? 4.934   -6.193  -6.463  1.00 23.97 ? 165  THR A OG1   1 
ATOM   1224 C  CG2   . THR A 1 165 ? 3.722   -4.528  -7.727  1.00 23.32 ? 165  THR A CG2   1 
ATOM   1225 N  N     . MET A 1 166 ? 5.074   -1.822  -5.784  1.00 23.30 ? 166  MET A N     1 
ATOM   1226 C  CA    . MET A 1 166 ? 4.782   -0.375  -5.855  1.00 23.21 ? 166  MET A CA    1 
ATOM   1227 C  C     . MET A 1 166 ? 6.033   0.392   -6.328  1.00 22.77 ? 166  MET A C     1 
ATOM   1228 O  O     . MET A 1 166 ? 5.979   1.104   -7.331  1.00 22.60 ? 166  MET A O     1 
ATOM   1229 C  CB    . MET A 1 166 ? 4.282   0.130   -4.490  1.00 23.38 ? 166  MET A CB    1 
ATOM   1230 C  CG    . MET A 1 166 ? 3.862   1.617   -4.385  1.00 24.38 ? 166  MET A CG    1 
ATOM   1231 S  SD    . MET A 1 166 ? 2.291   2.043   -5.187  1.00 33.99 ? 166  MET A SD    1 
ATOM   1232 C  CE    . MET A 1 166 ? 2.958   2.344   -6.772  1.00 20.43 ? 166  MET A CE    1 
ATOM   1233 N  N     . ALA A 1 167 ? 7.159   0.211   -5.635  1.00 22.43 ? 167  ALA A N     1 
ATOM   1234 C  CA    . ALA A 1 167 ? 8.427   0.853   -6.027  1.00 22.84 ? 167  ALA A CA    1 
ATOM   1235 C  C     . ALA A 1 167 ? 8.809   0.584   -7.490  1.00 23.29 ? 167  ALA A C     1 
ATOM   1236 O  O     . ALA A 1 167 ? 9.240   1.499   -8.209  1.00 23.32 ? 167  ALA A O     1 
ATOM   1237 C  CB    . ALA A 1 167 ? 9.550   0.420   -5.106  1.00 22.74 ? 167  ALA A CB    1 
ATOM   1238 N  N     . GLY A 1 168 ? 8.636   -0.668  -7.922  1.00 23.26 ? 168  GLY A N     1 
ATOM   1239 C  CA    . GLY A 1 168 ? 8.914   -1.082  -9.297  1.00 23.46 ? 168  GLY A CA    1 
ATOM   1240 C  C     . GLY A 1 168 ? 8.090   -0.339  -10.331 1.00 23.96 ? 168  GLY A C     1 
ATOM   1241 O  O     . GLY A 1 168 ? 8.608   0.057   -11.375 1.00 24.18 ? 168  GLY A O     1 
ATOM   1242 N  N     . GLU A 1 169 ? 6.811   -0.130  -10.034 1.00 24.04 ? 169  GLU A N     1 
ATOM   1243 C  CA    . GLU A 1 169 ? 5.926   0.625   -10.927 1.00 24.50 ? 169  GLU A CA    1 
ATOM   1244 C  C     . GLU A 1 169 ? 6.342   2.087   -11.063 1.00 24.01 ? 169  GLU A C     1 
ATOM   1245 O  O     . GLU A 1 169 ? 6.366   2.634   -12.169 1.00 23.34 ? 169  GLU A O     1 
ATOM   1246 C  CB    . GLU A 1 169 ? 4.460   0.522   -10.475 1.00 24.71 ? 169  GLU A CB    1 
ATOM   1247 C  CG    . GLU A 1 169 ? 3.885   -0.882  -10.612 1.00 28.34 ? 169  GLU A CG    1 
ATOM   1248 C  CD    . GLU A 1 169 ? 4.086   -1.450  -12.004 1.00 32.47 ? 169  GLU A CD    1 
ATOM   1249 O  OE1   . GLU A 1 169 ? 3.386   -0.992  -12.931 1.00 35.21 ? 169  GLU A OE1   1 
ATOM   1250 O  OE2   . GLU A 1 169 ? 4.956   -2.340  -12.174 1.00 35.52 ? 169  GLU A OE2   1 
ATOM   1251 N  N     . ILE A 1 170 ? 6.674   2.709   -9.937  1.00 23.98 ? 170  ILE A N     1 
ATOM   1252 C  CA    . ILE A 1 170 ? 7.184   4.092   -9.947  1.00 24.74 ? 170  ILE A CA    1 
ATOM   1253 C  C     . ILE A 1 170 ? 8.488   4.210   -10.759 1.00 26.08 ? 170  ILE A C     1 
ATOM   1254 O  O     . ILE A 1 170 ? 8.627   5.107   -11.603 1.00 25.89 ? 170  ILE A O     1 
ATOM   1255 C  CB    . ILE A 1 170 ? 7.381   4.642   -8.512  1.00 24.30 ? 170  ILE A CB    1 
ATOM   1256 C  CG1   . ILE A 1 170 ? 6.051   4.580   -7.736  1.00 22.51 ? 170  ILE A CG1   1 
ATOM   1257 C  CG2   . ILE A 1 170 ? 7.985   6.078   -8.549  1.00 23.65 ? 170  ILE A CG2   1 
ATOM   1258 C  CD1   . ILE A 1 170 ? 6.216   4.719   -6.246  1.00 18.73 ? 170  ILE A CD1   1 
ATOM   1259 N  N     . LYS A 1 171 ? 9.426   3.294   -10.521 1.00 27.62 ? 171  LYS A N     1 
ATOM   1260 C  CA    . LYS A 1 171 ? 10.715  3.322   -11.217 1.00 29.81 ? 171  LYS A CA    1 
ATOM   1261 C  C     . LYS A 1 171 ? 10.552  3.258   -12.735 1.00 30.90 ? 171  LYS A C     1 
ATOM   1262 O  O     . LYS A 1 171 ? 11.277  3.939   -13.467 1.00 30.86 ? 171  LYS A O     1 
ATOM   1263 C  CB    . LYS A 1 171 ? 11.653  2.219   -10.717 1.00 29.62 ? 171  LYS A CB    1 
ATOM   1264 C  CG    . LYS A 1 171 ? 13.027  2.228   -11.403 1.00 30.27 ? 171  LYS A CG    1 
ATOM   1265 C  CD    . LYS A 1 171 ? 14.033  1.282   -10.742 1.00 31.56 ? 171  LYS A CD    1 
ATOM   1266 C  CE    . LYS A 1 171 ? 15.167  0.921   -11.719 1.00 36.66 ? 171  LYS A CE    1 
ATOM   1267 N  NZ    . LYS A 1 171 ? 15.610  2.126   -12.531 1.00 40.82 ? 171  LYS A NZ    1 
ATOM   1268 N  N     . LYS A 1 172 ? 9.592   2.460   -13.198 1.00 32.60 ? 172  LYS A N     1 
ATOM   1269 C  CA    . LYS A 1 172 ? 9.299   2.322   -14.627 1.00 34.53 ? 172  LYS A CA    1 
ATOM   1270 C  C     . LYS A 1 172 ? 8.845   3.637   -15.247 1.00 36.03 ? 172  LYS A C     1 
ATOM   1271 O  O     . LYS A 1 172 ? 9.156   3.925   -16.401 1.00 36.40 ? 172  LYS A O     1 
ATOM   1272 C  CB    . LYS A 1 172 ? 8.229   1.250   -14.858 1.00 34.51 ? 172  LYS A CB    1 
ATOM   1273 C  CG    . LYS A 1 172 ? 8.782   -0.156  -14.986 1.00 35.37 ? 172  LYS A CG    1 
ATOM   1274 N  N     . ARG A 1 173 ? 8.101   4.418   -14.466 1.00 37.75 ? 173  ARG A N     1 
ATOM   1275 C  CA    . ARG A 1 173 ? 7.580   5.717   -14.879 1.00 39.68 ? 173  ARG A CA    1 
ATOM   1276 C  C     . ARG A 1 173 ? 8.622   6.843   -14.836 1.00 41.01 ? 173  ARG A C     1 
ATOM   1277 O  O     . ARG A 1 173 ? 8.612   7.732   -15.683 1.00 41.26 ? 173  ARG A O     1 
ATOM   1278 C  CB    . ARG A 1 173 ? 6.365   6.078   -14.013 1.00 39.35 ? 173  ARG A CB    1 
ATOM   1279 C  CG    . ARG A 1 173 ? 6.036   7.551   -13.973 1.00 39.30 ? 173  ARG A CG    1 
ATOM   1280 C  CD    . ARG A 1 173 ? 4.663   7.788   -13.409 1.00 39.36 ? 173  ARG A CD    1 
ATOM   1281 N  NE    . ARG A 1 173 ? 4.621   7.741   -11.950 1.00 37.58 ? 173  ARG A NE    1 
ATOM   1282 C  CZ    . ARG A 1 173 ? 4.800   8.790   -11.149 1.00 38.26 ? 173  ARG A CZ    1 
ATOM   1283 N  NH1   . ARG A 1 173 ? 5.072   9.994   -11.654 1.00 38.33 ? 173  ARG A NH1   1 
ATOM   1284 N  NH2   . ARG A 1 173 ? 4.711   8.635   -9.835  1.00 35.60 ? 173  ARG A NH2   1 
ATOM   1285 N  N     . VAL A 1 174 ? 9.500   6.812   -13.835 1.00 42.83 ? 174  VAL A N     1 
ATOM   1286 C  CA    . VAL A 1 174 ? 10.552  7.826   -13.685 1.00 44.60 ? 174  VAL A CA    1 
ATOM   1287 C  C     . VAL A 1 174 ? 11.864  7.401   -14.367 1.00 45.76 ? 174  VAL A C     1 
ATOM   1288 O  O     . VAL A 1 174 ? 12.867  8.124   -14.320 1.00 46.59 ? 174  VAL A O     1 
ATOM   1289 C  CB    . VAL A 1 174 ? 10.778  8.215   -12.190 1.00 44.68 ? 174  VAL A CB    1 
ATOM   1290 C  CG1   . VAL A 1 174 ? 9.457   8.640   -11.532 1.00 44.35 ? 174  VAL A CG1   1 
ATOM   1291 C  CG2   . VAL A 1 174 ? 11.445  7.074   -11.409 1.00 44.94 ? 174  VAL A CG2   1 
ATOM   1292 N  N     . GLN A 1 175 ? 11.830  6.229   -15.003 1.00 47.16 ? 175  GLN A N     1 
ATOM   1293 C  CA    . GLN A 1 175 ? 12.922  5.668   -15.838 1.00 48.05 ? 175  GLN A CA    1 
ATOM   1294 C  C     . GLN A 1 175 ? 13.770  4.599   -15.131 1.00 48.43 ? 175  GLN A C     1 
ATOM   1295 O  O     . GLN A 1 175 ? 13.619  3.392   -15.390 1.00 49.04 ? 175  GLN A O     1 
ATOM   1296 C  CB    . GLN A 1 175 ? 13.809  6.764   -16.464 1.00 48.27 ? 175  GLN A CB    1 
HETATM 1297 MG MG    . MG  B 2 .   ? -3.814  3.424   11.331  1.00 5.97  ? 1001 MG  A MG    1 
HETATM 1298 MG MG    . MG  C 2 .   ? -19.111 2.425   5.874   0.33 5.45  ? 1002 MG  A MG    1 
HETATM 1299 MG MG    . MG  D 2 .   ? -21.361 -0.510  1.699   1.00 5.33  ? 1003 MG  A MG    1 
HETATM 1300 P  PB    . GDP E 3 .   ? -5.748  0.888   9.884   1.00 16.17 ? 3800 GDP A PB    1 
HETATM 1301 O  O1B   . GDP E 3 .   ? -6.890  1.624   10.553  1.00 12.92 ? 3800 GDP A O1B   1 
HETATM 1302 O  O2B   . GDP E 3 .   ? -6.011  0.781   8.418   1.00 14.60 ? 3800 GDP A O2B   1 
HETATM 1303 O  O3B   . GDP E 3 .   ? -4.463  1.636   10.167  1.00 15.31 ? 3800 GDP A O3B   1 
HETATM 1304 O  O3A   . GDP E 3 .   ? -5.706  -0.603  10.455  1.00 15.79 ? 3800 GDP A O3A   1 
HETATM 1305 P  PA    . GDP E 3 .   ? -4.659  -1.220  11.513  1.00 17.15 ? 3800 GDP A PA    1 
HETATM 1306 O  O1A   . GDP E 3 .   ? -3.283  -1.394  10.941  1.00 16.46 ? 3800 GDP A O1A   1 
HETATM 1307 O  O2A   . GDP E 3 .   ? -4.703  -0.451  12.799  1.00 16.17 ? 3800 GDP A O2A   1 
HETATM 1308 O  "O5'" . GDP E 3 .   ? -5.282  -2.690  11.692  1.00 18.16 ? 3800 GDP A "O5'" 1 
HETATM 1309 C  "C5'" . GDP E 3 .   ? -6.550  -2.876  12.327  1.00 19.30 ? 3800 GDP A "C5'" 1 
HETATM 1310 C  "C4'" . GDP E 3 .   ? -6.579  -4.234  13.023  1.00 19.83 ? 3800 GDP A "C4'" 1 
HETATM 1311 O  "O4'" . GDP E 3 .   ? -6.652  -5.250  12.041  1.00 19.20 ? 3800 GDP A "O4'" 1 
HETATM 1312 C  "C3'" . GDP E 3 .   ? -5.289  -4.551  13.773  1.00 20.91 ? 3800 GDP A "C3'" 1 
HETATM 1313 O  "O3'" . GDP E 3 .   ? -5.318  -4.050  15.100  1.00 24.63 ? 3800 GDP A "O3'" 1 
HETATM 1314 C  "C2'" . GDP E 3 .   ? -5.186  -6.053  13.739  1.00 22.58 ? 3800 GDP A "C2'" 1 
HETATM 1315 O  "O2'" . GDP E 3 .   ? -5.983  -6.607  14.781  1.00 26.84 ? 3800 GDP A "O2'" 1 
HETATM 1316 C  "C1'" . GDP E 3 .   ? -5.917  -6.416  12.460  1.00 20.18 ? 3800 GDP A "C1'" 1 
HETATM 1317 N  N9    . GDP E 3 .   ? -5.040  -6.791  11.330  1.00 20.78 ? 3800 GDP A N9    1 
HETATM 1318 C  C8    . GDP E 3 .   ? -4.285  -5.960  10.568  1.00 19.14 ? 3800 GDP A C8    1 
HETATM 1319 N  N7    . GDP E 3 .   ? -3.669  -6.652  9.589   1.00 19.15 ? 3800 GDP A N7    1 
HETATM 1320 C  C5    . GDP E 3 .   ? -4.041  -7.941  9.703   1.00 19.09 ? 3800 GDP A C5    1 
HETATM 1321 C  C6    . GDP E 3 .   ? -3.745  -9.201  9.001   1.00 19.66 ? 3800 GDP A C6    1 
HETATM 1322 O  O6    . GDP E 3 .   ? -2.974  -9.190  8.015   1.00 19.65 ? 3800 GDP A O6    1 
HETATM 1323 N  N1    . GDP E 3 .   ? -4.351  -10.335 9.436   1.00 19.85 ? 3800 GDP A N1    1 
HETATM 1324 C  C2    . GDP E 3 .   ? -5.178  -10.326 10.507  1.00 20.28 ? 3800 GDP A C2    1 
HETATM 1325 N  N2    . GDP E 3 .   ? -5.755  -11.462 10.932  1.00 19.88 ? 3800 GDP A N2    1 
HETATM 1326 N  N3    . GDP E 3 .   ? -5.478  -9.205  11.200  1.00 20.00 ? 3800 GDP A N3    1 
HETATM 1327 C  C4    . GDP E 3 .   ? -4.953  -8.020  10.843  1.00 19.42 ? 3800 GDP A C4    1 
HETATM 1328 O  O     . HOH F 4 .   ? -20.359 -1.542  6.797   0.33 9.90  ? 3801 HOH A O     1 
HETATM 1329 O  O     . HOH F 4 .   ? -10.725 0.425   1.983   1.00 14.23 ? 3802 HOH A O     1 
HETATM 1330 O  O     . HOH F 4 .   ? -9.917  -10.155 -2.374  1.00 16.09 ? 3803 HOH A O     1 
HETATM 1331 O  O     . HOH F 4 .   ? -14.216 0.956   8.516   1.00 15.83 ? 3804 HOH A O     1 
HETATM 1332 O  O     . HOH F 4 .   ? -12.163 -3.850  8.121   1.00 18.97 ? 3805 HOH A O     1 
HETATM 1333 O  O     . HOH F 4 .   ? -19.470 2.819   3.534   1.00 15.62 ? 3806 HOH A O     1 
HETATM 1334 O  O     . HOH F 4 .   ? -18.664 -7.723  4.946   1.00 21.71 ? 3807 HOH A O     1 
HETATM 1335 O  O     . HOH F 4 .   ? -3.585  4.846   9.473   1.00 18.37 ? 3808 HOH A O     1 
HETATM 1336 O  O     . HOH F 4 .   ? -4.027  2.057   13.149  1.00 21.31 ? 3809 HOH A O     1 
HETATM 1337 O  O     . HOH F 4 .   ? -1.801  -11.981 -4.538  1.00 20.25 ? 3810 HOH A O     1 
HETATM 1338 O  O     . HOH F 4 .   ? -19.382 -4.995  5.121   1.00 21.84 ? 3811 HOH A O     1 
HETATM 1339 O  O     . HOH F 4 .   ? 1.284   -4.432  14.022  1.00 19.87 ? 3812 HOH A O     1 
HETATM 1340 O  O     . HOH F 4 .   ? 6.645   -10.023 3.483   1.00 25.08 ? 3813 HOH A O     1 
HETATM 1341 O  O     . HOH F 4 .   ? -15.510 -0.110  5.497   1.00 14.86 ? 3814 HOH A O     1 
HETATM 1342 O  O     . HOH F 4 .   ? -10.721 -16.321 -3.123  1.00 27.01 ? 3815 HOH A O     1 
HETATM 1343 O  O     . HOH F 4 .   ? -20.608 -2.514  0.893   1.00 13.13 ? 3816 HOH A O     1 
HETATM 1344 O  O     . HOH F 4 .   ? 16.638  10.605  -8.199  1.00 19.18 ? 3817 HOH A O     1 
HETATM 1345 O  O     . HOH F 4 .   ? -17.292 -2.361  7.236   1.00 17.31 ? 3818 HOH A O     1 
HETATM 1346 O  O     . HOH F 4 .   ? -7.738  5.290   8.899   1.00 25.11 ? 3819 HOH A O     1 
HETATM 1347 O  O     . HOH F 4 .   ? 18.907  10.748  3.635   1.00 25.58 ? 3820 HOH A O     1 
HETATM 1348 O  O     . HOH F 4 .   ? -12.755 -1.275  7.379   1.00 16.64 ? 3821 HOH A O     1 
HETATM 1349 O  O     . HOH F 4 .   ? 2.289   -5.159  11.661  1.00 22.71 ? 3822 HOH A O     1 
HETATM 1350 O  O     . HOH F 4 .   ? -9.078  6.133   6.323   1.00 25.61 ? 3823 HOH A O     1 
HETATM 1351 O  O     . HOH F 4 .   ? 0.043   5.926   12.503  1.00 27.66 ? 3824 HOH A O     1 
HETATM 1352 O  O     . HOH F 4 .   ? -0.152  2.646   -11.552 1.00 24.67 ? 3825 HOH A O     1 
HETATM 1353 O  O     . HOH F 4 .   ? 11.694  12.194  -5.028  1.00 19.07 ? 3826 HOH A O     1 
HETATM 1354 O  O     . HOH F 4 .   ? -0.546  15.129  -3.531  1.00 35.15 ? 3827 HOH A O     1 
HETATM 1355 O  O     . HOH F 4 .   ? -14.889 -7.208  -8.470  1.00 25.43 ? 3828 HOH A O     1 
HETATM 1356 O  O     . HOH F 4 .   ? -10.933 -16.285 -6.144  1.00 25.64 ? 3829 HOH A O     1 
HETATM 1357 O  O     . HOH F 4 .   ? -6.800  6.452   4.347   1.00 28.82 ? 3830 HOH A O     1 
HETATM 1358 O  O     . HOH F 4 .   ? -18.393 4.687   5.339   0.33 18.56 ? 3831 HOH A O     1 
HETATM 1359 O  O     . HOH F 4 .   ? 6.529   -10.750 0.209   1.00 24.55 ? 3832 HOH A O     1 
HETATM 1360 O  O     . HOH F 4 .   ? -2.045  -7.810  -10.870 1.00 27.35 ? 3833 HOH A O     1 
HETATM 1361 O  O     . HOH F 4 .   ? -5.942  4.202   11.312  1.00 32.79 ? 3834 HOH A O     1 
HETATM 1362 O  O     . HOH F 4 .   ? -13.343 4.347   7.249   1.00 26.99 ? 3835 HOH A O     1 
HETATM 1363 O  O     . HOH F 4 .   ? 11.844  4.929   9.900   1.00 27.25 ? 3836 HOH A O     1 
HETATM 1364 O  O     . HOH F 4 .   ? -4.318  6.650   5.275   1.00 27.39 ? 3837 HOH A O     1 
HETATM 1365 O  O     . HOH F 4 .   ? 16.517  0.544   5.382   1.00 28.83 ? 3838 HOH A O     1 
HETATM 1366 O  O     . HOH F 4 .   ? -16.163 -11.434 7.508   1.00 30.95 ? 3839 HOH A O     1 
HETATM 1367 O  O     . HOH F 4 .   ? 6.411   -3.477  -10.398 1.00 32.39 ? 3840 HOH A O     1 
HETATM 1368 O  O     . HOH F 4 .   ? 3.950   -3.851  15.394  1.00 26.49 ? 3841 HOH A O     1 
HETATM 1369 O  O     . HOH F 4 .   ? 5.595   -13.531 1.155   1.00 30.30 ? 3842 HOH A O     1 
HETATM 1370 O  O     . HOH F 4 .   ? -9.254  -18.741 9.223   1.00 54.25 ? 3843 HOH A O     1 
HETATM 1371 O  O     . HOH F 4 .   ? 6.241   -8.626  16.381  1.00 32.97 ? 3844 HOH A O     1 
HETATM 1372 O  O     . HOH F 4 .   ? -17.752 -10.147 -2.223  1.00 34.84 ? 3845 HOH A O     1 
HETATM 1373 O  O     . HOH F 4 .   ? -2.590  -3.746  15.599  1.00 34.12 ? 3846 HOH A O     1 
HETATM 1374 O  O     . HOH F 4 .   ? -22.028 -4.108  -2.267  1.00 23.16 ? 3847 HOH A O     1 
HETATM 1375 O  O     . HOH F 4 .   ? -21.448 -4.692  2.344   1.00 35.12 ? 3848 HOH A O     1 
HETATM 1376 O  O     . HOH F 4 .   ? -19.383 7.401   -8.107  1.00 38.67 ? 3849 HOH A O     1 
HETATM 1377 O  O     . HOH F 4 .   ? -9.349  -7.826  11.964  1.00 27.55 ? 3850 HOH A O     1 
HETATM 1378 O  O     . HOH F 4 .   ? -15.329 -14.460 -7.335  1.00 31.89 ? 3851 HOH A O     1 
HETATM 1379 O  O     . HOH F 4 .   ? 15.431  -5.907  -3.098  1.00 36.60 ? 3852 HOH A O     1 
HETATM 1380 O  O     . HOH F 4 .   ? -14.426 5.229   2.850   1.00 28.25 ? 3853 HOH A O     1 
HETATM 1381 O  O     . HOH F 4 .   ? 16.848  3.606   4.978   1.00 38.48 ? 3854 HOH A O     1 
HETATM 1382 O  O     . HOH F 4 .   ? 13.096  0.173   7.937   1.00 40.26 ? 3855 HOH A O     1 
HETATM 1383 O  O     . HOH F 4 .   ? 16.153  10.987  -11.063 1.00 32.34 ? 3856 HOH A O     1 
HETATM 1384 O  O     . HOH F 4 .   ? 21.481  6.959   -10.287 1.00 32.76 ? 3857 HOH A O     1 
HETATM 1385 O  O     . HOH F 4 .   ? -7.190  -3.937  16.870  1.00 39.84 ? 3858 HOH A O     1 
HETATM 1386 O  O     . HOH F 4 .   ? -0.194  -0.956  -10.281 1.00 32.73 ? 3859 HOH A O     1 
HETATM 1387 O  O     . HOH F 4 .   ? 13.068  -10.256 4.070   0.50 36.85 ? 3860 HOH A O     1 
HETATM 1388 O  O     . HOH F 4 .   ? -2.812  5.093   12.583  1.00 35.07 ? 3861 HOH A O     1 
HETATM 1389 O  O     . HOH F 4 .   ? -5.509  9.100   7.082   1.00 39.03 ? 3862 HOH A O     1 
HETATM 1390 O  O     . HOH F 4 .   ? 21.779  10.935  2.564   0.50 54.19 ? 3863 HOH A O     1 
HETATM 1391 O  O     . HOH F 4 .   ? 0.028   12.068  -4.993  1.00 35.74 ? 3864 HOH A O     1 
HETATM 1392 O  O     . HOH F 4 .   ? -15.560 4.930   5.409   1.00 34.22 ? 3865 HOH A O     1 
HETATM 1393 O  O     . HOH F 4 .   ? 7.483   -1.807  15.322  1.00 37.56 ? 3866 HOH A O     1 
HETATM 1394 O  O     . HOH F 4 .   ? -4.086  11.278  -9.994  1.00 36.31 ? 3867 HOH A O     1 
HETATM 1395 O  O     . HOH F 4 .   ? 2.409   -12.565 13.824  1.00 43.91 ? 3868 HOH A O     1 
HETATM 1396 O  O     . HOH F 4 .   ? -4.795  -15.925 11.223  1.00 32.45 ? 3869 HOH A O     1 
HETATM 1397 O  O     . HOH F 4 .   ? 3.689   11.722  -8.735  1.00 53.02 ? 3870 HOH A O     1 
HETATM 1398 O  O     . HOH F 4 .   ? 16.187  9.424   5.829   1.00 38.59 ? 3871 HOH A O     1 
HETATM 1399 O  O     . HOH F 4 .   ? -17.197 -6.886  8.906   1.00 50.58 ? 3872 HOH A O     1 
HETATM 1400 O  O     . HOH F 4 .   ? 19.470  4.841   1.954   1.00 34.30 ? 3873 HOH A O     1 
HETATM 1401 O  O     . HOH F 4 .   ? -0.465  -9.778  19.146  1.00 38.78 ? 3874 HOH A O     1 
HETATM 1402 O  O     . HOH F 4 .   ? 12.700  10.623  -10.789 0.50 41.31 ? 3875 HOH A O     1 
HETATM 1403 O  O     . HOH F 4 .   ? -14.440 -7.539  9.029   1.00 37.37 ? 3876 HOH A O     1 
HETATM 1404 O  O     . HOH F 4 .   ? 8.804   -7.218  6.108   1.00 42.30 ? 3877 HOH A O     1 
HETATM 1405 O  O     . HOH F 4 .   ? -11.925 -18.530 2.178   1.00 41.58 ? 3878 HOH A O     1 
HETATM 1406 O  O     . HOH F 4 .   ? -10.838 -11.847 -11.938 1.00 39.10 ? 3879 HOH A O     1 
HETATM 1407 O  O     . HOH F 4 .   ? -12.381 -6.286  -14.938 1.00 41.64 ? 3880 HOH A O     1 
HETATM 1408 O  O     . HOH F 4 .   ? 10.513  4.958   13.151  1.00 48.87 ? 3881 HOH A O     1 
HETATM 1409 O  O     . HOH F 4 .   ? 6.303   15.028  -4.276  1.00 37.81 ? 3882 HOH A O     1 
HETATM 1410 O  O     . HOH F 4 .   ? -9.914  -9.966  -13.789 1.00 38.53 ? 3883 HOH A O     1 
HETATM 1411 O  O     . HOH F 4 .   ? 1.453   -17.300 -3.600  1.00 41.95 ? 3884 HOH A O     1 
HETATM 1412 O  O     . HOH F 4 .   ? 3.235   15.429  4.092   1.00 53.39 ? 3885 HOH A O     1 
HETATM 1413 O  O     . HOH F 4 .   ? -13.600 4.836   -9.102  1.00 37.33 ? 3886 HOH A O     1 
HETATM 1414 O  O     . HOH F 4 .   ? -15.027 -11.459 -10.386 1.00 37.70 ? 3887 HOH A O     1 
HETATM 1415 O  O     . HOH F 4 .   ? -6.525  -12.003 13.707  1.00 39.83 ? 3888 HOH A O     1 
HETATM 1416 O  O     . HOH F 4 .   ? -18.514 -8.611  -9.752  1.00 37.47 ? 3889 HOH A O     1 
HETATM 1417 O  O     . HOH F 4 .   ? -2.348  7.738   -12.433 1.00 39.78 ? 3890 HOH A O     1 
HETATM 1418 O  O     . HOH F 4 .   ? -4.005  -12.204 -8.325  1.00 42.69 ? 3891 HOH A O     1 
HETATM 1419 O  O     . HOH F 4 .   ? -2.809  16.390  -1.843  1.00 51.83 ? 3892 HOH A O     1 
HETATM 1420 O  O     . HOH F 4 .   ? -15.326 -6.311  -14.846 1.00 36.30 ? 3893 HOH A O     1 
HETATM 1421 O  O     . HOH F 4 .   ? 5.234   14.237  7.533   1.00 36.24 ? 3894 HOH A O     1 
HETATM 1422 O  O     . HOH F 4 .   ? -20.592 -9.300  3.374   1.00 38.91 ? 3895 HOH A O     1 
HETATM 1423 O  O     . HOH F 4 .   ? -22.884 -6.325  -1.150  1.00 36.87 ? 3896 HOH A O     1 
HETATM 1424 O  O     . HOH F 4 .   ? 18.344  0.238   -13.935 1.00 45.57 ? 3897 HOH A O     1 
HETATM 1425 O  O     . HOH F 4 .   ? 4.705   -5.037  17.788  1.00 44.58 ? 3898 HOH A O     1 
HETATM 1426 O  O     . HOH F 4 .   ? -12.981 8.346   0.354   1.00 43.49 ? 3899 HOH A O     1 
HETATM 1427 O  O     . HOH F 4 .   ? 3.247   -8.244  -7.287  1.00 41.79 ? 3900 HOH A O     1 
HETATM 1428 O  O     . HOH F 4 .   ? -1.453  -17.826 9.163   1.00 42.85 ? 3901 HOH A O     1 
HETATM 1429 O  O     . HOH F 4 .   ? 10.768  8.473   10.848  1.00 40.38 ? 3902 HOH A O     1 
HETATM 1430 O  O     . HOH F 4 .   ? 0.417   -12.600 15.824  1.00 42.79 ? 3903 HOH A O     1 
HETATM 1431 O  O     . HOH F 4 .   ? 16.373  -4.952  -0.852  1.00 56.78 ? 3904 HOH A O     1 
HETATM 1432 O  O     . HOH F 4 .   ? -14.625 12.557  -5.743  1.00 44.87 ? 3905 HOH A O     1 
HETATM 1433 O  O     . HOH F 4 .   ? 12.317  0.726   10.657  1.00 50.03 ? 3906 HOH A O     1 
HETATM 1434 O  O     . HOH F 4 .   ? -15.468 -10.702 9.947   1.00 38.86 ? 3907 HOH A O     1 
HETATM 1435 O  O     . HOH F 4 .   ? 8.760   -11.206 8.122   1.00 47.78 ? 3908 HOH A O     1 
HETATM 1436 O  O     . HOH F 4 .   ? -6.185  17.752  3.598   1.00 51.62 ? 3909 HOH A O     1 
HETATM 1437 O  O     . HOH F 4 .   ? -20.076 -9.959  0.587   1.00 40.01 ? 3910 HOH A O     1 
HETATM 1438 O  O     . HOH F 4 .   ? -0.991  3.583   19.712  1.00 44.71 ? 3911 HOH A O     1 
HETATM 1439 O  O     . HOH F 4 .   ? 16.083  8.731   -13.599 1.00 55.21 ? 3912 HOH A O     1 
HETATM 1440 O  O     . HOH F 4 .   ? -12.181 -9.135  -15.444 1.00 50.52 ? 3913 HOH A O     1 
HETATM 1441 O  O     . HOH F 4 .   ? -4.820  17.068  -9.572  1.00 53.21 ? 3914 HOH A O     1 
HETATM 1442 O  O     . HOH F 4 .   ? 1.391   8.884   8.592   1.00 52.26 ? 3915 HOH A O     1 
HETATM 1443 O  O     . HOH F 4 .   ? 3.842   -11.229 15.805  1.00 44.35 ? 3916 HOH A O     1 
HETATM 1444 O  O     . HOH F 4 .   ? 10.039  -4.922  -7.831  1.00 43.47 ? 3917 HOH A O     1 
HETATM 1445 O  O     . HOH F 4 .   ? 0.035   -18.919 -2.252  1.00 48.31 ? 3918 HOH A O     1 
HETATM 1446 O  O     . HOH F 4 .   ? 10.882  -1.277  -12.409 1.00 44.33 ? 3919 HOH A O     1 
HETATM 1447 O  O     . HOH F 4 .   ? -17.058 -7.616  -6.931  1.00 43.36 ? 3920 HOH A O     1 
HETATM 1448 O  O     . HOH F 4 .   ? -7.932  -17.305 -2.575  1.00 46.77 ? 3921 HOH A O     1 
HETATM 1449 O  O     . HOH F 4 .   ? 4.688   1.984   -14.256 1.00 45.75 ? 3922 HOH A O     1 
HETATM 1450 O  O     . HOH F 4 .   ? 6.584   2.813   15.200  1.00 45.91 ? 3923 HOH A O     1 
HETATM 1451 O  O     . HOH F 4 .   ? -1.948  6.519   -14.859 1.00 62.53 ? 3924 HOH A O     1 
HETATM 1452 O  O     . HOH F 4 .   ? -3.316  -14.586 17.421  1.00 56.83 ? 3925 HOH A O     1 
HETATM 1453 O  O     . HOH F 4 .   ? -4.790  -9.998  -13.681 1.00 64.26 ? 3926 HOH A O     1 
HETATM 1454 O  O     . HOH F 4 .   ? -17.405 -15.846 5.091   1.00 49.01 ? 3927 HOH A O     1 
HETATM 1455 O  O     . HOH F 4 .   ? -21.887 -5.462  -4.734  1.00 54.02 ? 3928 HOH A O     1 
HETATM 1456 O  O     . HOH F 4 .   ? -4.362  -6.365  -12.316 1.00 52.61 ? 3929 HOH A O     1 
HETATM 1457 O  O     . HOH F 4 .   ? 21.456  -1.613  -5.333  1.00 43.80 ? 3930 HOH A O     1 
HETATM 1458 O  O     . HOH F 4 .   ? 7.059   -12.539 -2.298  1.00 51.65 ? 3931 HOH A O     1 
HETATM 1459 O  O     . HOH F 4 .   ? -9.119  4.314   -12.255 1.00 46.84 ? 3932 HOH A O     1 
HETATM 1460 O  O     . HOH F 4 .   ? -13.003 -17.354 -2.138  1.00 51.08 ? 3933 HOH A O     1 
HETATM 1461 O  O     . HOH F 4 .   ? 12.061  -4.621  8.001   1.00 48.31 ? 3934 HOH A O     1 
HETATM 1462 O  O     . HOH F 4 .   ? 15.429  -3.506  2.047   1.00 40.48 ? 3935 HOH A O     1 
HETATM 1463 O  O     . HOH F 4 .   ? -7.742  -9.642  13.272  1.00 43.52 ? 3936 HOH A O     1 
HETATM 1464 O  O     . HOH F 4 .   ? 1.665   8.378   11.692  1.00 52.10 ? 3937 HOH A O     1 
HETATM 1465 O  O     . HOH F 4 .   ? 10.818  14.191  2.131   1.00 45.60 ? 3938 HOH A O     1 
HETATM 1466 O  O     . HOH F 4 .   ? -9.506  -17.789 -10.759 1.00 62.66 ? 3939 HOH A O     1 
HETATM 1467 O  O     . HOH F 4 .   ? -18.785 -11.263 -8.308  1.00 51.94 ? 3940 HOH A O     1 
HETATM 1468 O  O     . HOH F 4 .   ? 10.575  2.403   -18.066 1.00 52.90 ? 3941 HOH A O     1 
HETATM 1469 O  O     . HOH F 4 .   ? 19.451  6.849   -11.898 1.00 52.28 ? 3942 HOH A O     1 
HETATM 1470 O  O     . HOH F 4 .   ? 0.119   16.658  -10.776 1.00 52.92 ? 3943 HOH A O     1 
HETATM 1471 O  O     . HOH F 4 .   ? -11.759 -9.538  10.410  1.00 45.50 ? 3944 HOH A O     1 
HETATM 1472 O  O     . HOH F 4 .   ? -14.194 14.131  -3.476  1.00 59.23 ? 3945 HOH A O     1 
HETATM 1473 O  O     . HOH F 4 .   ? 1.115   0.082   -12.350 1.00 51.75 ? 3946 HOH A O     1 
HETATM 1474 O  O     . HOH F 4 .   ? -22.093 -8.995  -1.095  1.00 49.51 ? 3947 HOH A O     1 
HETATM 1475 O  O     . HOH F 4 .   ? 3.572   4.243   -14.619 1.00 45.13 ? 3948 HOH A O     1 
HETATM 1476 O  O     . HOH F 4 .   ? -9.503  16.742  3.464   1.00 49.26 ? 3949 HOH A O     1 
HETATM 1477 O  O     . HOH F 4 .   ? 2.851   15.431  8.243   1.00 51.15 ? 3950 HOH A O     1 
HETATM 1478 O  O     . HOH F 4 .   ? -8.333  17.476  1.110   1.00 58.08 ? 3951 HOH A O     1 
HETATM 1479 O  O     . HOH F 4 .   ? 5.349   -11.974 13.808  1.00 52.47 ? 3952 HOH A O     1 
HETATM 1480 O  O     . HOH F 4 .   ? 0.817   -13.667 -4.800  1.00 43.56 ? 3953 HOH A O     1 
HETATM 1481 O  O     . HOH F 4 .   ? 4.237   -5.634  -15.184 1.00 49.53 ? 3954 HOH A O     1 
HETATM 1482 O  O     . HOH F 4 .   ? -5.801  17.559  -1.224  1.00 48.09 ? 3955 HOH A O     1 
HETATM 1483 O  O     . HOH F 4 .   ? -18.061 -13.626 -3.647  1.00 48.07 ? 3956 HOH A O     1 
HETATM 1484 O  O     . HOH F 4 .   ? -10.136 10.925  5.126   1.00 50.84 ? 3957 HOH A O     1 
HETATM 1485 O  O     . HOH F 4 .   ? 4.834   -14.467 -1.251  1.00 45.92 ? 3958 HOH A O     1 
HETATM 1486 O  O     . HOH F 4 .   ? -12.488 6.220   -11.069 1.00 52.31 ? 3959 HOH A O     1 
HETATM 1487 O  O     . HOH F 4 .   ? -8.836  3.170   -15.324 1.00 51.08 ? 3960 HOH A O     1 
HETATM 1488 O  O     . HOH F 4 .   ? -1.991  -8.866  21.054  1.00 48.31 ? 3963 HOH A O     1 
HETATM 1489 O  O     . HOH F 4 .   ? -6.181  -4.446  -16.992 1.00 52.41 ? 3964 HOH A O     1 
HETATM 1490 O  O     . HOH F 4 .   ? 7.154   15.353  2.259   1.00 53.44 ? 3965 HOH A O     1 
HETATM 1491 O  O     . HOH F 4 .   ? -0.443  -0.943  -14.329 1.00 48.12 ? 3966 HOH A O     1 
HETATM 1492 O  O     . HOH F 4 .   ? 0.501   16.524  8.267   1.00 58.12 ? 3967 HOH A O     1 
HETATM 1493 O  O     . HOH F 4 .   ? -1.291  -16.135 11.277  1.00 53.33 ? 3969 HOH A O     1 
HETATM 1494 O  O     . HOH F 4 .   ? 1.394   -15.656 12.477  1.00 51.54 ? 3971 HOH A O     1 
HETATM 1495 O  O     . HOH F 4 .   ? -5.129  13.778  -11.137 1.00 53.11 ? 3972 HOH A O     1 
HETATM 1496 O  O     . HOH F 4 .   ? 26.235  4.521   -0.267  1.00 54.84 ? 3973 HOH A O     1 
HETATM 1497 O  O     . HOH F 4 .   ? -5.712  5.507   14.294  1.00 60.02 ? 3974 HOH A O     1 
HETATM 1498 O  O     . HOH F 4 .   ? -0.420  -3.760  -14.704 1.00 63.09 ? 3975 HOH A O     1 
HETATM 1499 O  O     . HOH F 4 .   ? -4.643  16.858  -12.523 1.00 73.36 ? 3976 HOH A O     1 
HETATM 1500 O  O     . HOH F 4 .   ? 21.120  4.532   5.769   1.00 54.65 ? 3979 HOH A O     1 
HETATM 1501 O  O     . HOH F 4 .   ? 23.719  2.371   -8.162  1.00 56.01 ? 3980 HOH A O     1 
HETATM 1502 O  O     . HOH F 4 .   ? -7.680  -17.789 10.979  1.00 53.82 ? 3981 HOH A O     1 
HETATM 1503 O  O     . HOH F 4 .   ? 23.522  3.901   -10.794 1.00 52.44 ? 3982 HOH A O     1 
HETATM 1504 O  O     . HOH F 4 .   ? -17.076 -10.544 -14.321 1.00 51.35 ? 3983 HOH A O     1 
HETATM 1505 O  O     . HOH F 4 .   ? -10.519 -16.897 9.970   1.00 36.94 ? 3984 HOH A O     1 
HETATM 1506 O  O     . HOH F 4 .   ? 11.453  -8.349  14.548  1.00 47.34 ? 3985 HOH A O     1 
HETATM 1507 O  O     . HOH F 4 .   ? 24.328  2.570   -1.603  1.00 55.46 ? 3986 HOH A O     1 
HETATM 1508 O  O     . HOH F 4 .   ? -20.935 -7.133  -6.662  1.00 47.92 ? 3987 HOH A O     1 
HETATM 1509 O  O     . HOH F 4 .   ? 4.749   -15.783 9.684   1.00 48.34 ? 3988 HOH A O     1 
# 
loop_
_pdbx_poly_seq_scheme.asym_id 
_pdbx_poly_seq_scheme.entity_id 
_pdbx_poly_seq_scheme.seq_id 
_pdbx_poly_seq_scheme.mon_id 
_pdbx_poly_seq_scheme.ndb_seq_num 
_pdbx_poly_seq_scheme.pdb_seq_num 
_pdbx_poly_seq_scheme.auth_seq_num 
_pdbx_poly_seq_scheme.pdb_mon_id 
_pdbx_poly_seq_scheme.auth_mon_id 
_pdbx_poly_seq_scheme.pdb_strand_id 
_pdbx_poly_seq_scheme.pdb_ins_code 
_pdbx_poly_seq_scheme.hetero 
A 1 1   GLY 1   1   ?   ?   ?   A . n 
A 1 2   MET 2   2   ?   ?   ?   A . n 
A 1 3   ASN 3   3   3   ASN ASN A . n 
A 1 4   PRO 4   4   4   PRO PRO A . n 
A 1 5   GLU 5   5   5   GLU GLU A . n 
A 1 6   TYR 6   6   6   TYR TYR A . n 
A 1 7   ASP 7   7   7   ASP ASP A . n 
A 1 8   TYR 8   8   8   TYR TYR A . n 
A 1 9   LEU 9   9   9   LEU LEU A . n 
A 1 10  PHE 10  10  10  PHE PHE A . n 
A 1 11  LYS 11  11  11  LYS LYS A . n 
A 1 12  LEU 12  12  12  LEU LEU A . n 
A 1 13  LEU 13  13  13  LEU LEU A . n 
A 1 14  LEU 14  14  14  LEU LEU A . n 
A 1 15  ILE 15  15  15  ILE ILE A . n 
A 1 16  GLY 16  16  16  GLY GLY A . n 
A 1 17  ASP 17  17  17  ASP ASP A . n 
A 1 18  SER 18  18  18  SER SER A . n 
A 1 19  GLY 19  19  19  GLY GLY A . n 
A 1 20  VAL 20  20  20  VAL VAL A . n 
A 1 21  GLY 21  21  21  GLY GLY A . n 
A 1 22  LYS 22  22  22  LYS LYS A . n 
A 1 23  SER 23  23  23  SER SER A . n 
A 1 24  CYS 24  24  24  CYS CYS A . n 
A 1 25  LEU 25  25  25  LEU LEU A . n 
A 1 26  LEU 26  26  26  LEU LEU A . n 
A 1 27  LEU 27  27  27  LEU LEU A . n 
A 1 28  ARG 28  28  28  ARG ARG A . n 
A 1 29  PHE 29  29  29  PHE PHE A . n 
A 1 30  ALA 30  30  30  ALA ALA A . n 
A 1 31  ASP 31  31  31  ASP ASP A . n 
A 1 32  ASP 32  32  32  ASP ASP A . n 
A 1 33  THR 33  33  33  THR THR A . n 
A 1 34  TYR 34  34  34  TYR TYR A . n 
A 1 35  THR 35  35  35  THR THR A . n 
A 1 36  ASP 36  36  36  ASP ASP A . n 
A 1 37  SER 37  37  37  SER SER A . n 
A 1 38  TYR 38  38  38  TYR TYR A . n 
A 1 39  ILE 39  39  39  ILE ILE A . n 
A 1 40  SER 40  40  40  SER SER A . n 
A 1 41  THR 41  41  41  THR THR A . n 
A 1 42  ILE 42  42  42  ILE ILE A . n 
A 1 43  GLY 43  43  43  GLY GLY A . n 
A 1 44  VAL 44  44  44  VAL VAL A . n 
A 1 45  ASP 45  45  45  ASP ASP A . n 
A 1 46  PHE 46  46  46  PHE PHE A . n 
A 1 47  LYS 47  47  47  LYS LYS A . n 
A 1 48  ILE 48  48  48  ILE ILE A . n 
A 1 49  ARG 49  49  49  ARG ARG A . n 
A 1 50  THR 50  50  50  THR THR A . n 
A 1 51  ILE 51  51  51  ILE ILE A . n 
A 1 52  SER 52  52  52  SER SER A . n 
A 1 53  LEU 53  53  53  LEU LEU A . n 
A 1 54  GLU 54  54  54  GLU GLU A . n 
A 1 55  ASN 55  55  55  ASN ASN A . n 
A 1 56  LYS 56  56  56  LYS LYS A . n 
A 1 57  THR 57  57  57  THR THR A . n 
A 1 58  VAL 58  58  58  VAL VAL A . n 
A 1 59  LYS 59  59  59  LYS LYS A . n 
A 1 60  LEU 60  60  60  LEU LEU A . n 
A 1 61  GLN 61  61  61  GLN GLN A . n 
A 1 62  ILE 62  62  62  ILE ILE A . n 
A 1 63  TRP 63  63  63  TRP TRP A . n 
A 1 64  ASP 64  64  64  ASP ASP A . n 
A 1 65  THR 65  65  65  THR THR A . n 
A 1 66  ALA 66  66  66  ALA ALA A . n 
A 1 67  GLY 67  67  67  GLY GLY A . n 
A 1 68  GLN 68  68  ?   ?   ?   A . n 
A 1 69  GLU 69  69  ?   ?   ?   A . n 
A 1 70  ARG 70  70  ?   ?   ?   A . n 
A 1 71  PHE 71  71  ?   ?   ?   A . n 
A 1 72  ARG 72  72  ?   ?   ?   A . n 
A 1 73  THR 73  73  ?   ?   ?   A . n 
A 1 74  ILE 74  74  ?   ?   ?   A . n 
A 1 75  THR 75  75  ?   ?   ?   A . n 
A 1 76  SER 76  76  ?   ?   ?   A . n 
A 1 77  SER 77  77  77  SER SER A . n 
A 1 78  TYR 78  78  78  TYR TYR A . n 
A 1 79  TYR 79  79  79  TYR TYR A . n 
A 1 80  ARG 80  80  80  ARG ARG A . n 
A 1 81  GLY 81  81  81  GLY GLY A . n 
A 1 82  ALA 82  82  82  ALA ALA A . n 
A 1 83  HIS 83  83  83  HIS HIS A . n 
A 1 84  GLY 84  84  84  GLY GLY A . n 
A 1 85  ILE 85  85  85  ILE ILE A . n 
A 1 86  ILE 86  86  86  ILE ILE A . n 
A 1 87  ILE 87  87  87  ILE ILE A . n 
A 1 88  VAL 88  88  88  VAL VAL A . n 
A 1 89  TYR 89  89  89  TYR TYR A . n 
A 1 90  ASP 90  90  90  ASP ASP A . n 
A 1 91  VAL 91  91  91  VAL VAL A . n 
A 1 92  THR 92  92  92  THR THR A . n 
A 1 93  ASP 93  93  93  ASP ASP A . n 
A 1 94  ARG 94  94  94  ARG ARG A . n 
A 1 95  ASP 95  95  95  ASP ASP A . n 
A 1 96  SER 96  96  96  SER SER A . n 
A 1 97  PHE 97  97  97  PHE PHE A . n 
A 1 98  ASP 98  98  98  ASP ASP A . n 
A 1 99  ASN 99  99  99  ASN ASN A . n 
A 1 100 VAL 100 100 100 VAL VAL A . n 
A 1 101 LYS 101 101 101 LYS LYS A . n 
A 1 102 GLN 102 102 102 GLN GLN A . n 
A 1 103 TRP 103 103 103 TRP TRP A . n 
A 1 104 ILE 104 104 104 ILE ILE A . n 
A 1 105 GLN 105 105 105 GLN GLN A . n 
A 1 106 GLU 106 106 106 GLU GLU A . n 
A 1 107 ILE 107 107 107 ILE ILE A . n 
A 1 108 ASP 108 108 108 ASP ASP A . n 
A 1 109 ARG 109 109 109 ARG ARG A . n 
A 1 110 TYR 110 110 110 TYR TYR A . n 
A 1 111 ALA 111 111 111 ALA ALA A . n 
A 1 112 MET 112 112 112 MET MET A . n 
A 1 113 GLU 113 113 113 GLU GLU A . n 
A 1 114 ASN 114 114 114 ASN ASN A . n 
A 1 115 VAL 115 115 115 VAL VAL A . n 
A 1 116 ASN 116 116 116 ASN ASN A . n 
A 1 117 LYS 117 117 117 LYS LYS A . n 
A 1 118 LEU 118 118 118 LEU LEU A . n 
A 1 119 LEU 119 119 119 LEU LEU A . n 
A 1 120 VAL 120 120 120 VAL VAL A . n 
A 1 121 GLY 121 121 121 GLY GLY A . n 
A 1 122 ASN 122 122 122 ASN ASN A . n 
A 1 123 LYS 123 123 123 LYS LYS A . n 
A 1 124 CYS 124 124 124 CYS CYS A . n 
A 1 125 ASP 125 125 125 ASP ASP A . n 
A 1 126 LEU 126 126 126 LEU LEU A . n 
A 1 127 VAL 127 127 127 VAL VAL A . n 
A 1 128 SER 128 128 128 SER SER A . n 
A 1 129 LYS 129 129 129 LYS LYS A . n 
A 1 130 ARG 130 130 130 ARG ARG A . n 
A 1 131 VAL 131 131 131 VAL VAL A . n 
A 1 132 VAL 132 132 132 VAL VAL A . n 
A 1 133 THR 133 133 133 THR THR A . n 
A 1 134 SER 134 134 134 SER SER A . n 
A 1 135 ASP 135 135 135 ASP ASP A . n 
A 1 136 GLU 136 136 136 GLU GLU A . n 
A 1 137 GLY 137 137 137 GLY GLY A . n 
A 1 138 ARG 138 138 138 ARG ARG A . n 
A 1 139 GLU 139 139 139 GLU GLU A . n 
A 1 140 LEU 140 140 140 LEU LEU A . n 
A 1 141 ALA 141 141 141 ALA ALA A . n 
A 1 142 ASP 142 142 142 ASP ASP A . n 
A 1 143 SER 143 143 143 SER SER A . n 
A 1 144 HIS 144 144 144 HIS HIS A . n 
A 1 145 GLY 145 145 145 GLY GLY A . n 
A 1 146 ILE 146 146 146 ILE ILE A . n 
A 1 147 LYS 147 147 147 LYS LYS A . n 
A 1 148 PHE 148 148 148 PHE PHE A . n 
A 1 149 ILE 149 149 149 ILE ILE A . n 
A 1 150 GLU 150 150 150 GLU GLU A . n 
A 1 151 THR 151 151 151 THR THR A . n 
A 1 152 SER 152 152 152 SER SER A . n 
A 1 153 ALA 153 153 153 ALA ALA A . n 
A 1 154 LYS 154 154 154 LYS LYS A . n 
A 1 155 ASN 155 155 155 ASN ASN A . n 
A 1 156 ALA 156 156 156 ALA ALA A . n 
A 1 157 TYR 157 157 157 TYR TYR A . n 
A 1 158 ASN 158 158 158 ASN ASN A . n 
A 1 159 VAL 159 159 159 VAL VAL A . n 
A 1 160 GLU 160 160 160 GLU GLU A . n 
A 1 161 GLN 161 161 161 GLN GLN A . n 
A 1 162 ALA 162 162 162 ALA ALA A . n 
A 1 163 PHE 163 163 163 PHE PHE A . n 
A 1 164 HIS 164 164 164 HIS HIS A . n 
A 1 165 THR 165 165 165 THR THR A . n 
A 1 166 MET 166 166 166 MET MET A . n 
A 1 167 ALA 167 167 167 ALA ALA A . n 
A 1 168 GLY 168 168 168 GLY GLY A . n 
A 1 169 GLU 169 169 169 GLU GLU A . n 
A 1 170 ILE 170 170 170 ILE ILE A . n 
A 1 171 LYS 171 171 171 LYS LYS A . n 
A 1 172 LYS 172 172 172 LYS LYS A . n 
A 1 173 ARG 173 173 173 ARG ARG A . n 
A 1 174 VAL 174 174 174 VAL VAL A . n 
A 1 175 GLN 175 175 175 GLN GLN A . n 
# 
_pdbx_SG_project.id                    1 
_pdbx_SG_project.project_name          ? 
_pdbx_SG_project.full_name_of_center   'Structural Genomics Consortium' 
_pdbx_SG_project.initial_of_center     SGC 
# 
loop_
_pdbx_nonpoly_scheme.asym_id 
_pdbx_nonpoly_scheme.entity_id 
_pdbx_nonpoly_scheme.mon_id 
_pdbx_nonpoly_scheme.ndb_seq_num 
_pdbx_nonpoly_scheme.pdb_seq_num 
_pdbx_nonpoly_scheme.auth_seq_num 
_pdbx_nonpoly_scheme.pdb_mon_id 
_pdbx_nonpoly_scheme.auth_mon_id 
_pdbx_nonpoly_scheme.pdb_strand_id 
_pdbx_nonpoly_scheme.pdb_ins_code 
B 2 MG  1   1001 1001 MG  MG  A . 
C 2 MG  1   1002 1002 MG  MG  A . 
D 2 MG  1   1003 1003 MG  MG  A . 
E 3 GDP 1   3800 3800 GDP GDP A . 
F 4 HOH 1   3801 3801 HOH HOH A . 
F 4 HOH 2   3802 3802 HOH HOH A . 
F 4 HOH 3   3803 3803 HOH HOH A . 
F 4 HOH 4   3804 3804 HOH HOH A . 
F 4 HOH 5   3805 3805 HOH HOH A . 
F 4 HOH 6   3806 3806 HOH HOH A . 
F 4 HOH 7   3807 3807 HOH HOH A . 
F 4 HOH 8   3808 3808 HOH HOH A . 
F 4 HOH 9   3809 3809 HOH HOH A . 
F 4 HOH 10  3810 3810 HOH HOH A . 
F 4 HOH 11  3811 3811 HOH HOH A . 
F 4 HOH 12  3812 3812 HOH HOH A . 
F 4 HOH 13  3813 3813 HOH HOH A . 
F 4 HOH 14  3814 3814 HOH HOH A . 
F 4 HOH 15  3815 3815 HOH HOH A . 
F 4 HOH 16  3816 3816 HOH HOH A . 
F 4 HOH 17  3817 3817 HOH HOH A . 
F 4 HOH 18  3818 3818 HOH HOH A . 
F 4 HOH 19  3819 3819 HOH HOH A . 
F 4 HOH 20  3820 3820 HOH HOH A . 
F 4 HOH 21  3821 3821 HOH HOH A . 
F 4 HOH 22  3822 3822 HOH HOH A . 
F 4 HOH 23  3823 3823 HOH HOH A . 
F 4 HOH 24  3824 3824 HOH HOH A . 
F 4 HOH 25  3825 3825 HOH HOH A . 
F 4 HOH 26  3826 3826 HOH HOH A . 
F 4 HOH 27  3827 3827 HOH HOH A . 
F 4 HOH 28  3828 3828 HOH HOH A . 
F 4 HOH 29  3829 3829 HOH HOH A . 
F 4 HOH 30  3830 3830 HOH HOH A . 
F 4 HOH 31  3831 3831 HOH HOH A . 
F 4 HOH 32  3832 3832 HOH HOH A . 
F 4 HOH 33  3833 3833 HOH HOH A . 
F 4 HOH 34  3834 3834 HOH HOH A . 
F 4 HOH 35  3835 3835 HOH HOH A . 
F 4 HOH 36  3836 3836 HOH HOH A . 
F 4 HOH 37  3837 3837 HOH HOH A . 
F 4 HOH 38  3838 3838 HOH HOH A . 
F 4 HOH 39  3839 3839 HOH HOH A . 
F 4 HOH 40  3840 3840 HOH HOH A . 
F 4 HOH 41  3841 3841 HOH HOH A . 
F 4 HOH 42  3842 3842 HOH HOH A . 
F 4 HOH 43  3843 3843 HOH HOH A . 
F 4 HOH 44  3844 3844 HOH HOH A . 
F 4 HOH 45  3845 3845 HOH HOH A . 
F 4 HOH 46  3846 3846 HOH HOH A . 
F 4 HOH 47  3847 3847 HOH HOH A . 
F 4 HOH 48  3848 3848 HOH HOH A . 
F 4 HOH 49  3849 3849 HOH HOH A . 
F 4 HOH 50  3850 3850 HOH HOH A . 
F 4 HOH 51  3851 3851 HOH HOH A . 
F 4 HOH 52  3852 3852 HOH HOH A . 
F 4 HOH 53  3853 3853 HOH HOH A . 
F 4 HOH 54  3854 3854 HOH HOH A . 
F 4 HOH 55  3855 3855 HOH HOH A . 
F 4 HOH 56  3856 3856 HOH HOH A . 
F 4 HOH 57  3857 3857 HOH HOH A . 
F 4 HOH 58  3858 3858 HOH HOH A . 
F 4 HOH 59  3859 3859 HOH HOH A . 
F 4 HOH 60  3860 3860 HOH HOH A . 
F 4 HOH 61  3861 3861 HOH HOH A . 
F 4 HOH 62  3862 3862 HOH HOH A . 
F 4 HOH 63  3863 3863 HOH HOH A . 
F 4 HOH 64  3864 3864 HOH HOH A . 
F 4 HOH 65  3865 3865 HOH HOH A . 
F 4 HOH 66  3866 3866 HOH HOH A . 
F 4 HOH 67  3867 3867 HOH HOH A . 
F 4 HOH 68  3868 3868 HOH HOH A . 
F 4 HOH 69  3869 3869 HOH HOH A . 
F 4 HOH 70  3870 3870 HOH HOH A . 
F 4 HOH 71  3871 3871 HOH HOH A . 
F 4 HOH 72  3872 3872 HOH HOH A . 
F 4 HOH 73  3873 3873 HOH HOH A . 
F 4 HOH 74  3874 3874 HOH HOH A . 
F 4 HOH 75  3875 3875 HOH HOH A . 
F 4 HOH 76  3876 3876 HOH HOH A . 
F 4 HOH 77  3877 3877 HOH HOH A . 
F 4 HOH 78  3878 3878 HOH HOH A . 
F 4 HOH 79  3879 3879 HOH HOH A . 
F 4 HOH 80  3880 3880 HOH HOH A . 
F 4 HOH 81  3881 3881 HOH HOH A . 
F 4 HOH 82  3882 3882 HOH HOH A . 
F 4 HOH 83  3883 3883 HOH HOH A . 
F 4 HOH 84  3884 3884 HOH HOH A . 
F 4 HOH 85  3885 3885 HOH HOH A . 
F 4 HOH 86  3886 3886 HOH HOH A . 
F 4 HOH 87  3887 3887 HOH HOH A . 
F 4 HOH 88  3888 3888 HOH HOH A . 
F 4 HOH 89  3889 3889 HOH HOH A . 
F 4 HOH 90  3890 3890 HOH HOH A . 
F 4 HOH 91  3891 3891 HOH HOH A . 
F 4 HOH 92  3892 3892 HOH HOH A . 
F 4 HOH 93  3893 3893 HOH HOH A . 
F 4 HOH 94  3894 3894 HOH HOH A . 
F 4 HOH 95  3895 3895 HOH HOH A . 
F 4 HOH 96  3896 3896 HOH HOH A . 
F 4 HOH 97  3897 3897 HOH HOH A . 
F 4 HOH 98  3898 3898 HOH HOH A . 
F 4 HOH 99  3899 3899 HOH HOH A . 
F 4 HOH 100 3900 3900 HOH HOH A . 
F 4 HOH 101 3901 3901 HOH HOH A . 
F 4 HOH 102 3902 3902 HOH HOH A . 
F 4 HOH 103 3903 3903 HOH HOH A . 
F 4 HOH 104 3904 3904 HOH HOH A . 
F 4 HOH 105 3905 3905 HOH HOH A . 
F 4 HOH 106 3906 3906 HOH HOH A . 
F 4 HOH 107 3907 3907 HOH HOH A . 
F 4 HOH 108 3908 3908 HOH HOH A . 
F 4 HOH 109 3909 3909 HOH HOH A . 
F 4 HOH 110 3910 3910 HOH HOH A . 
F 4 HOH 111 3911 3911 HOH HOH A . 
F 4 HOH 112 3912 3912 HOH HOH A . 
F 4 HOH 113 3913 3913 HOH HOH A . 
F 4 HOH 114 3914 3914 HOH HOH A . 
F 4 HOH 115 3915 3915 HOH HOH A . 
F 4 HOH 116 3916 3916 HOH HOH A . 
F 4 HOH 117 3917 3917 HOH HOH A . 
F 4 HOH 118 3918 3918 HOH HOH A . 
F 4 HOH 119 3919 3919 HOH HOH A . 
F 4 HOH 120 3920 3920 HOH HOH A . 
F 4 HOH 121 3921 3921 HOH HOH A . 
F 4 HOH 122 3922 3922 HOH HOH A . 
F 4 HOH 123 3923 3923 HOH HOH A . 
F 4 HOH 124 3924 3924 HOH HOH A . 
F 4 HOH 125 3925 3925 HOH HOH A . 
F 4 HOH 126 3926 3926 HOH HOH A . 
F 4 HOH 127 3927 3927 HOH HOH A . 
F 4 HOH 128 3928 3928 HOH HOH A . 
F 4 HOH 129 3929 3929 HOH HOH A . 
F 4 HOH 130 3930 3930 HOH HOH A . 
F 4 HOH 131 3931 3931 HOH HOH A . 
F 4 HOH 132 3932 3932 HOH HOH A . 
F 4 HOH 133 3933 3933 HOH HOH A . 
F 4 HOH 134 3934 3934 HOH HOH A . 
F 4 HOH 135 3935 3935 HOH HOH A . 
F 4 HOH 136 3936 3936 HOH HOH A . 
F 4 HOH 137 3937 3937 HOH HOH A . 
F 4 HOH 138 3938 3938 HOH HOH A . 
F 4 HOH 139 3939 3939 HOH HOH A . 
F 4 HOH 140 3940 3940 HOH HOH A . 
F 4 HOH 141 3941 3941 HOH HOH A . 
F 4 HOH 142 3942 3942 HOH HOH A . 
F 4 HOH 143 3943 3943 HOH HOH A . 
F 4 HOH 144 3944 3944 HOH HOH A . 
F 4 HOH 145 3945 3945 HOH HOH A . 
F 4 HOH 146 3946 3946 HOH HOH A . 
F 4 HOH 147 3947 3947 HOH HOH A . 
F 4 HOH 148 3948 3948 HOH HOH A . 
F 4 HOH 149 3949 3949 HOH HOH A . 
F 4 HOH 150 3950 3950 HOH HOH A . 
F 4 HOH 151 3951 3951 HOH HOH A . 
F 4 HOH 152 3952 3952 HOH HOH A . 
F 4 HOH 153 3953 3953 HOH HOH A . 
F 4 HOH 154 3954 3954 HOH HOH A . 
F 4 HOH 155 3955 3955 HOH HOH A . 
F 4 HOH 156 3956 3956 HOH HOH A . 
F 4 HOH 157 3957 3957 HOH HOH A . 
F 4 HOH 158 3958 3958 HOH HOH A . 
F 4 HOH 159 3959 3959 HOH HOH A . 
F 4 HOH 160 3960 3960 HOH HOH A . 
F 4 HOH 161 3963 3963 HOH HOH A . 
F 4 HOH 162 3964 3964 HOH HOH A . 
F 4 HOH 163 3965 3965 HOH HOH A . 
F 4 HOH 164 3966 3966 HOH HOH A . 
F 4 HOH 165 3967 3967 HOH HOH A . 
F 4 HOH 166 3969 3969 HOH HOH A . 
F 4 HOH 167 3971 3971 HOH HOH A . 
F 4 HOH 168 3972 3972 HOH HOH A . 
F 4 HOH 169 3973 3973 HOH HOH A . 
F 4 HOH 170 3974 3974 HOH HOH A . 
F 4 HOH 171 3975 3975 HOH HOH A . 
F 4 HOH 172 3976 3976 HOH HOH A . 
F 4 HOH 173 3979 3979 HOH HOH A . 
F 4 HOH 174 3980 3980 HOH HOH A . 
F 4 HOH 175 3981 3981 HOH HOH A . 
F 4 HOH 176 3982 3982 HOH HOH A . 
F 4 HOH 177 3983 3983 HOH HOH A . 
F 4 HOH 178 3984 3984 HOH HOH A . 
F 4 HOH 179 3985 3985 HOH HOH A . 
F 4 HOH 180 3986 3986 HOH HOH A . 
F 4 HOH 181 3987 3987 HOH HOH A . 
F 4 HOH 182 3988 3988 HOH HOH A . 
# 
_pdbx_struct_assembly.id                   1 
_pdbx_struct_assembly.details              software_defined_assembly 
_pdbx_struct_assembly.method_details       PISA 
_pdbx_struct_assembly.oligomeric_details   monomeric 
_pdbx_struct_assembly.oligomeric_count     1 
# 
_pdbx_struct_assembly_gen.assembly_id       1 
_pdbx_struct_assembly_gen.oper_expression   1 
_pdbx_struct_assembly_gen.asym_id_list      A,B,C,D,E,F 
# 
_pdbx_struct_oper_list.id                   1 
_pdbx_struct_oper_list.type                 'identity operation' 
_pdbx_struct_oper_list.name                 1_555 
_pdbx_struct_oper_list.symmetry_operation   x,y,z 
_pdbx_struct_oper_list.matrix[1][1]         1.0000000000 
_pdbx_struct_oper_list.matrix[1][2]         0.0000000000 
_pdbx_struct_oper_list.matrix[1][3]         0.0000000000 
_pdbx_struct_oper_list.vector[1]            0.0000000000 
_pdbx_struct_oper_list.matrix[2][1]         0.0000000000 
_pdbx_struct_oper_list.matrix[2][2]         1.0000000000 
_pdbx_struct_oper_list.matrix[2][3]         0.0000000000 
_pdbx_struct_oper_list.vector[2]            0.0000000000 
_pdbx_struct_oper_list.matrix[3][1]         0.0000000000 
_pdbx_struct_oper_list.matrix[3][2]         0.0000000000 
_pdbx_struct_oper_list.matrix[3][3]         1.0000000000 
_pdbx_struct_oper_list.vector[3]            0.0000000000 
# 
loop_
_pdbx_struct_special_symmetry.id 
_pdbx_struct_special_symmetry.PDB_model_num 
_pdbx_struct_special_symmetry.auth_asym_id 
_pdbx_struct_special_symmetry.auth_comp_id 
_pdbx_struct_special_symmetry.auth_seq_id 
_pdbx_struct_special_symmetry.PDB_ins_code 
_pdbx_struct_special_symmetry.label_asym_id 
_pdbx_struct_special_symmetry.label_comp_id 
_pdbx_struct_special_symmetry.label_seq_id 
1 1 A MG  1002 ? C MG  . 
2 1 A HOH 3801 ? F HOH . 
3 1 A HOH 3831 ? F HOH . 
4 1 A HOH 3860 ? F HOH . 
5 1 A HOH 3863 ? F HOH . 
# 
loop_
_pdbx_struct_conn_angle.id 
_pdbx_struct_conn_angle.ptnr1_label_atom_id 
_pdbx_struct_conn_angle.ptnr1_label_alt_id 
_pdbx_struct_conn_angle.ptnr1_label_asym_id 
_pdbx_struct_conn_angle.ptnr1_label_comp_id 
_pdbx_struct_conn_angle.ptnr1_label_seq_id 
_pdbx_struct_conn_angle.ptnr1_auth_atom_id 
_pdbx_struct_conn_angle.ptnr1_auth_asym_id 
_pdbx_struct_conn_angle.ptnr1_auth_comp_id 
_pdbx_struct_conn_angle.ptnr1_auth_seq_id 
_pdbx_struct_conn_angle.ptnr1_PDB_ins_code 
_pdbx_struct_conn_angle.ptnr1_symmetry 
_pdbx_struct_conn_angle.ptnr2_label_atom_id 
_pdbx_struct_conn_angle.ptnr2_label_alt_id 
_pdbx_struct_conn_angle.ptnr2_label_asym_id 
_pdbx_struct_conn_angle.ptnr2_label_comp_id 
_pdbx_struct_conn_angle.ptnr2_label_seq_id 
_pdbx_struct_conn_angle.ptnr2_auth_atom_id 
_pdbx_struct_conn_angle.ptnr2_auth_asym_id 
_pdbx_struct_conn_angle.ptnr2_auth_comp_id 
_pdbx_struct_conn_angle.ptnr2_auth_seq_id 
_pdbx_struct_conn_angle.ptnr2_PDB_ins_code 
_pdbx_struct_conn_angle.ptnr2_symmetry 
_pdbx_struct_conn_angle.ptnr3_label_atom_id 
_pdbx_struct_conn_angle.ptnr3_label_alt_id 
_pdbx_struct_conn_angle.ptnr3_label_asym_id 
_pdbx_struct_conn_angle.ptnr3_label_comp_id 
_pdbx_struct_conn_angle.ptnr3_label_seq_id 
_pdbx_struct_conn_angle.ptnr3_auth_atom_id 
_pdbx_struct_conn_angle.ptnr3_auth_asym_id 
_pdbx_struct_conn_angle.ptnr3_auth_comp_id 
_pdbx_struct_conn_angle.ptnr3_auth_seq_id 
_pdbx_struct_conn_angle.ptnr3_PDB_ins_code 
_pdbx_struct_conn_angle.ptnr3_symmetry 
_pdbx_struct_conn_angle.value 
_pdbx_struct_conn_angle.value_esd 
1  OG  ? A SER 23 ? A SER 23   ? 1_555 MG ? B MG . ? A MG 1001 ? 1_555 O3B ? E GDP . ? A GDP 3800 ? 1_555 88.0  ? 
2  OG  ? A SER 23 ? A SER 23   ? 1_555 MG ? B MG . ? A MG 1001 ? 1_555 O   ? F HOH . ? A HOH 3808 ? 1_555 92.3  ? 
3  O3B ? E GDP .  ? A GDP 3800 ? 1_555 MG ? B MG . ? A MG 1001 ? 1_555 O   ? F HOH . ? A HOH 3808 ? 1_555 95.8  ? 
4  OG  ? A SER 23 ? A SER 23   ? 1_555 MG ? B MG . ? A MG 1001 ? 1_555 O   ? F HOH . ? A HOH 3809 ? 1_555 87.6  ? 
5  O3B ? E GDP .  ? A GDP 3800 ? 1_555 MG ? B MG . ? A MG 1001 ? 1_555 O   ? F HOH . ? A HOH 3809 ? 1_555 84.7  ? 
6  O   ? F HOH .  ? A HOH 3808 ? 1_555 MG ? B MG . ? A MG 1001 ? 1_555 O   ? F HOH . ? A HOH 3809 ? 1_555 179.5 ? 
7  OG  ? A SER 23 ? A SER 23   ? 1_555 MG ? B MG . ? A MG 1001 ? 1_555 O   ? F HOH . ? A HOH 3834 ? 1_555 174.6 ? 
8  O3B ? E GDP .  ? A GDP 3800 ? 1_555 MG ? B MG . ? A MG 1001 ? 1_555 O   ? F HOH . ? A HOH 3834 ? 1_555 89.9  ? 
9  O   ? F HOH .  ? A HOH 3808 ? 1_555 MG ? B MG . ? A MG 1001 ? 1_555 O   ? F HOH . ? A HOH 3834 ? 1_555 82.9  ? 
10 O   ? F HOH .  ? A HOH 3809 ? 1_555 MG ? B MG . ? A MG 1001 ? 1_555 O   ? F HOH . ? A HOH 3834 ? 1_555 97.1  ? 
11 OG  ? A SER 23 ? A SER 23   ? 1_555 MG ? B MG . ? A MG 1001 ? 1_555 O   ? F HOH . ? A HOH 3861 ? 1_555 82.9  ? 
12 O3B ? E GDP .  ? A GDP 3800 ? 1_555 MG ? B MG . ? A MG 1001 ? 1_555 O   ? F HOH . ? A HOH 3861 ? 1_555 170.6 ? 
13 O   ? F HOH .  ? A HOH 3808 ? 1_555 MG ? B MG . ? A MG 1001 ? 1_555 O   ? F HOH . ? A HOH 3861 ? 1_555 87.1  ? 
14 O   ? F HOH .  ? A HOH 3809 ? 1_555 MG ? B MG . ? A MG 1001 ? 1_555 O   ? F HOH . ? A HOH 3861 ? 1_555 92.4  ? 
15 O   ? F HOH .  ? A HOH 3834 ? 1_555 MG ? B MG . ? A MG 1001 ? 1_555 O   ? F HOH . ? A HOH 3861 ? 1_555 99.4  ? 
16 OD2 ? A ASP 95 ? A ASP 95   ? 1_555 MG ? C MG . ? A MG 1002 ? 1_555 O   ? F HOH . ? A HOH 3806 ? 1_555 76.6  ? 
17 OD2 ? A ASP 95 ? A ASP 95   ? 1_555 MG ? C MG . ? A MG 1002 ? 1_555 O   ? F HOH . ? A HOH 3831 ? 1_555 124.2 ? 
18 O   ? F HOH .  ? A HOH 3806 ? 1_555 MG ? C MG . ? A MG 1002 ? 1_555 O   ? F HOH . ? A HOH 3831 ? 1_555 71.2  ? 
19 OD1 ? A ASP 95 ? A ASP 95   ? 1_555 MG ? D MG . ? A MG 1003 ? 1_555 O   ? F HOH . ? A HOH 3816 ? 1_555 98.4  ? 
# 
loop_
_pdbx_audit_revision_history.ordinal 
_pdbx_audit_revision_history.data_content_type 
_pdbx_audit_revision_history.major_revision 
_pdbx_audit_revision_history.minor_revision 
_pdbx_audit_revision_history.revision_date 
1 'Structure model' 1 0 2007-10-23 
2 'Structure model' 1 1 2011-07-13 
3 'Structure model' 1 2 2023-08-30 
# 
_pdbx_audit_revision_details.ordinal             1 
_pdbx_audit_revision_details.revision_ordinal    1 
_pdbx_audit_revision_details.data_content_type   'Structure model' 
_pdbx_audit_revision_details.provider            repository 
_pdbx_audit_revision_details.type                'Initial release' 
_pdbx_audit_revision_details.description         ? 
_pdbx_audit_revision_details.details             ? 
# 
loop_
_pdbx_audit_revision_group.ordinal 
_pdbx_audit_revision_group.revision_ordinal 
_pdbx_audit_revision_group.data_content_type 
_pdbx_audit_revision_group.group 
1 2 'Structure model' 'Version format compliance' 
2 3 'Structure model' 'Data collection'           
3 3 'Structure model' 'Database references'       
4 3 'Structure model' 'Derived calculations'      
5 3 'Structure model' 'Refinement description'    
# 
loop_
_pdbx_audit_revision_category.ordinal 
_pdbx_audit_revision_category.revision_ordinal 
_pdbx_audit_revision_category.data_content_type 
_pdbx_audit_revision_category.category 
1 3 'Structure model' chem_comp_atom                
2 3 'Structure model' chem_comp_bond                
3 3 'Structure model' database_2                    
4 3 'Structure model' pdbx_initial_refinement_model 
5 3 'Structure model' pdbx_struct_conn_angle        
6 3 'Structure model' struct_conn                   
7 3 'Structure model' struct_ref_seq_dif            
8 3 'Structure model' struct_site                   
# 
loop_
_pdbx_audit_revision_item.ordinal 
_pdbx_audit_revision_item.revision_ordinal 
_pdbx_audit_revision_item.data_content_type 
_pdbx_audit_revision_item.item 
1  3 'Structure model' '_database_2.pdbx_DOI'                        
2  3 'Structure model' '_database_2.pdbx_database_accession'         
3  3 'Structure model' '_pdbx_struct_conn_angle.ptnr1_auth_comp_id'  
4  3 'Structure model' '_pdbx_struct_conn_angle.ptnr1_auth_seq_id'   
5  3 'Structure model' '_pdbx_struct_conn_angle.ptnr1_label_asym_id' 
6  3 'Structure model' '_pdbx_struct_conn_angle.ptnr1_label_atom_id' 
7  3 'Structure model' '_pdbx_struct_conn_angle.ptnr1_label_comp_id' 
8  3 'Structure model' '_pdbx_struct_conn_angle.ptnr1_label_seq_id'  
9  3 'Structure model' '_pdbx_struct_conn_angle.ptnr2_auth_seq_id'   
10 3 'Structure model' '_pdbx_struct_conn_angle.ptnr2_label_asym_id' 
11 3 'Structure model' '_pdbx_struct_conn_angle.ptnr3_auth_comp_id'  
12 3 'Structure model' '_pdbx_struct_conn_angle.ptnr3_auth_seq_id'   
13 3 'Structure model' '_pdbx_struct_conn_angle.ptnr3_label_asym_id' 
14 3 'Structure model' '_pdbx_struct_conn_angle.ptnr3_label_atom_id' 
15 3 'Structure model' '_pdbx_struct_conn_angle.ptnr3_label_comp_id' 
16 3 'Structure model' '_pdbx_struct_conn_angle.value'               
17 3 'Structure model' '_struct_conn.pdbx_dist_value'                
18 3 'Structure model' '_struct_conn.ptnr1_label_atom_id'            
19 3 'Structure model' '_struct_conn.ptnr2_auth_comp_id'             
20 3 'Structure model' '_struct_conn.ptnr2_auth_seq_id'              
21 3 'Structure model' '_struct_conn.ptnr2_label_asym_id'            
22 3 'Structure model' '_struct_conn.ptnr2_label_atom_id'            
23 3 'Structure model' '_struct_conn.ptnr2_label_comp_id'            
24 3 'Structure model' '_struct_ref_seq_dif.details'                 
25 3 'Structure model' '_struct_site.pdbx_auth_asym_id'              
26 3 'Structure model' '_struct_site.pdbx_auth_comp_id'              
27 3 'Structure model' '_struct_site.pdbx_auth_seq_id'               
# 
loop_
_software.name 
_software.classification 
_software.version 
_software.citation_id 
_software.pdbx_ordinal 
REFMAC   refinement        5.2.0019 ? 1 
HKL-3000 'data collection' .        ? 2 
HKL-3000 'data reduction'  .        ? 3 
HKL-3000 'data scaling'    .        ? 4 
PHASER   phasing           .        ? 5 
# 
loop_
_pdbx_validate_torsion.id 
_pdbx_validate_torsion.PDB_model_num 
_pdbx_validate_torsion.auth_comp_id 
_pdbx_validate_torsion.auth_asym_id 
_pdbx_validate_torsion.auth_seq_id 
_pdbx_validate_torsion.PDB_ins_code 
_pdbx_validate_torsion.label_alt_id 
_pdbx_validate_torsion.phi 
_pdbx_validate_torsion.psi 
1 1 GLU A 54  ? ? 53.77 -97.43 
2 1 ALA A 156 ? ? 78.12 -4.11  
# 
loop_
_pdbx_unobs_or_zero_occ_atoms.id 
_pdbx_unobs_or_zero_occ_atoms.PDB_model_num 
_pdbx_unobs_or_zero_occ_atoms.polymer_flag 
_pdbx_unobs_or_zero_occ_atoms.occupancy_flag 
_pdbx_unobs_or_zero_occ_atoms.auth_asym_id 
_pdbx_unobs_or_zero_occ_atoms.auth_comp_id 
_pdbx_unobs_or_zero_occ_atoms.auth_seq_id 
_pdbx_unobs_or_zero_occ_atoms.PDB_ins_code 
_pdbx_unobs_or_zero_occ_atoms.auth_atom_id 
_pdbx_unobs_or_zero_occ_atoms.label_alt_id 
_pdbx_unobs_or_zero_occ_atoms.label_asym_id 
_pdbx_unobs_or_zero_occ_atoms.label_comp_id 
_pdbx_unobs_or_zero_occ_atoms.label_seq_id 
_pdbx_unobs_or_zero_occ_atoms.label_atom_id 
1  1 Y 1 A ILE 15  ? CD1 ? A ILE 15  CD1 
2  1 Y 1 A GLU 54  ? CG  ? A GLU 54  CG  
3  1 Y 1 A GLU 54  ? CD  ? A GLU 54  CD  
4  1 Y 1 A GLU 54  ? OE1 ? A GLU 54  OE1 
5  1 Y 1 A GLU 54  ? OE2 ? A GLU 54  OE2 
6  1 Y 1 A GLU 113 ? CG  ? A GLU 113 CG  
7  1 Y 1 A GLU 113 ? CD  ? A GLU 113 CD  
8  1 Y 1 A GLU 113 ? OE1 ? A GLU 113 OE1 
9  1 Y 1 A GLU 113 ? OE2 ? A GLU 113 OE2 
10 1 Y 1 A LYS 129 ? CE  ? A LYS 129 CE  
11 1 Y 1 A LYS 129 ? NZ  ? A LYS 129 NZ  
12 1 Y 1 A LYS 172 ? CD  ? A LYS 172 CD  
13 1 Y 1 A LYS 172 ? CE  ? A LYS 172 CE  
14 1 Y 1 A LYS 172 ? NZ  ? A LYS 172 NZ  
15 1 Y 1 A GLN 175 ? CG  ? A GLN 175 CG  
16 1 Y 1 A GLN 175 ? CD  ? A GLN 175 CD  
17 1 Y 1 A GLN 175 ? OE1 ? A GLN 175 OE1 
18 1 Y 1 A GLN 175 ? NE2 ? A GLN 175 NE2 
# 
loop_
_pdbx_unobs_or_zero_occ_residues.id 
_pdbx_unobs_or_zero_occ_residues.PDB_model_num 
_pdbx_unobs_or_zero_occ_residues.polymer_flag 
_pdbx_unobs_or_zero_occ_residues.occupancy_flag 
_pdbx_unobs_or_zero_occ_residues.auth_asym_id 
_pdbx_unobs_or_zero_occ_residues.auth_comp_id 
_pdbx_unobs_or_zero_occ_residues.auth_seq_id 
_pdbx_unobs_or_zero_occ_residues.PDB_ins_code 
_pdbx_unobs_or_zero_occ_residues.label_asym_id 
_pdbx_unobs_or_zero_occ_residues.label_comp_id 
_pdbx_unobs_or_zero_occ_residues.label_seq_id 
1  1 Y 1 A GLY 1  ? A GLY 1  
2  1 Y 1 A MET 2  ? A MET 2  
3  1 Y 1 A GLN 68 ? A GLN 68 
4  1 Y 1 A GLU 69 ? A GLU 69 
5  1 Y 1 A ARG 70 ? A ARG 70 
6  1 Y 1 A PHE 71 ? A PHE 71 
7  1 Y 1 A ARG 72 ? A ARG 72 
8  1 Y 1 A THR 73 ? A THR 73 
9  1 Y 1 A ILE 74 ? A ILE 74 
10 1 Y 1 A THR 75 ? A THR 75 
11 1 Y 1 A SER 76 ? A SER 76 
# 
loop_
_chem_comp_atom.comp_id 
_chem_comp_atom.atom_id 
_chem_comp_atom.type_symbol 
_chem_comp_atom.pdbx_aromatic_flag 
_chem_comp_atom.pdbx_stereo_config 
_chem_comp_atom.pdbx_ordinal 
ALA N      N  N N 1   
ALA CA     C  N S 2   
ALA C      C  N N 3   
ALA O      O  N N 4   
ALA CB     C  N N 5   
ALA OXT    O  N N 6   
ALA H      H  N N 7   
ALA H2     H  N N 8   
ALA HA     H  N N 9   
ALA HB1    H  N N 10  
ALA HB2    H  N N 11  
ALA HB3    H  N N 12  
ALA HXT    H  N N 13  
ARG N      N  N N 14  
ARG CA     C  N S 15  
ARG C      C  N N 16  
ARG O      O  N N 17  
ARG CB     C  N N 18  
ARG CG     C  N N 19  
ARG CD     C  N N 20  
ARG NE     N  N N 21  
ARG CZ     C  N N 22  
ARG NH1    N  N N 23  
ARG NH2    N  N N 24  
ARG OXT    O  N N 25  
ARG H      H  N N 26  
ARG H2     H  N N 27  
ARG HA     H  N N 28  
ARG HB2    H  N N 29  
ARG HB3    H  N N 30  
ARG HG2    H  N N 31  
ARG HG3    H  N N 32  
ARG HD2    H  N N 33  
ARG HD3    H  N N 34  
ARG HE     H  N N 35  
ARG HH11   H  N N 36  
ARG HH12   H  N N 37  
ARG HH21   H  N N 38  
ARG HH22   H  N N 39  
ARG HXT    H  N N 40  
ASN N      N  N N 41  
ASN CA     C  N S 42  
ASN C      C  N N 43  
ASN O      O  N N 44  
ASN CB     C  N N 45  
ASN CG     C  N N 46  
ASN OD1    O  N N 47  
ASN ND2    N  N N 48  
ASN OXT    O  N N 49  
ASN H      H  N N 50  
ASN H2     H  N N 51  
ASN HA     H  N N 52  
ASN HB2    H  N N 53  
ASN HB3    H  N N 54  
ASN HD21   H  N N 55  
ASN HD22   H  N N 56  
ASN HXT    H  N N 57  
ASP N      N  N N 58  
ASP CA     C  N S 59  
ASP C      C  N N 60  
ASP O      O  N N 61  
ASP CB     C  N N 62  
ASP CG     C  N N 63  
ASP OD1    O  N N 64  
ASP OD2    O  N N 65  
ASP OXT    O  N N 66  
ASP H      H  N N 67  
ASP H2     H  N N 68  
ASP HA     H  N N 69  
ASP HB2    H  N N 70  
ASP HB3    H  N N 71  
ASP HD2    H  N N 72  
ASP HXT    H  N N 73  
CYS N      N  N N 74  
CYS CA     C  N R 75  
CYS C      C  N N 76  
CYS O      O  N N 77  
CYS CB     C  N N 78  
CYS SG     S  N N 79  
CYS OXT    O  N N 80  
CYS H      H  N N 81  
CYS H2     H  N N 82  
CYS HA     H  N N 83  
CYS HB2    H  N N 84  
CYS HB3    H  N N 85  
CYS HG     H  N N 86  
CYS HXT    H  N N 87  
GDP PB     P  N N 88  
GDP O1B    O  N N 89  
GDP O2B    O  N N 90  
GDP O3B    O  N N 91  
GDP O3A    O  N N 92  
GDP PA     P  N N 93  
GDP O1A    O  N N 94  
GDP O2A    O  N N 95  
GDP "O5'"  O  N N 96  
GDP "C5'"  C  N N 97  
GDP "C4'"  C  N R 98  
GDP "O4'"  O  N N 99  
GDP "C3'"  C  N S 100 
GDP "O3'"  O  N N 101 
GDP "C2'"  C  N R 102 
GDP "O2'"  O  N N 103 
GDP "C1'"  C  N R 104 
GDP N9     N  Y N 105 
GDP C8     C  Y N 106 
GDP N7     N  Y N 107 
GDP C5     C  Y N 108 
GDP C6     C  N N 109 
GDP O6     O  N N 110 
GDP N1     N  N N 111 
GDP C2     C  N N 112 
GDP N2     N  N N 113 
GDP N3     N  N N 114 
GDP C4     C  Y N 115 
GDP HOB2   H  N N 116 
GDP HOB3   H  N N 117 
GDP HOA2   H  N N 118 
GDP "H5'"  H  N N 119 
GDP "H5''" H  N N 120 
GDP "H4'"  H  N N 121 
GDP "H3'"  H  N N 122 
GDP "HO3'" H  N N 123 
GDP "H2'"  H  N N 124 
GDP "HO2'" H  N N 125 
GDP "H1'"  H  N N 126 
GDP H8     H  N N 127 
GDP HN1    H  N N 128 
GDP HN21   H  N N 129 
GDP HN22   H  N N 130 
GLN N      N  N N 131 
GLN CA     C  N S 132 
GLN C      C  N N 133 
GLN O      O  N N 134 
GLN CB     C  N N 135 
GLN CG     C  N N 136 
GLN CD     C  N N 137 
GLN OE1    O  N N 138 
GLN NE2    N  N N 139 
GLN OXT    O  N N 140 
GLN H      H  N N 141 
GLN H2     H  N N 142 
GLN HA     H  N N 143 
GLN HB2    H  N N 144 
GLN HB3    H  N N 145 
GLN HG2    H  N N 146 
GLN HG3    H  N N 147 
GLN HE21   H  N N 148 
GLN HE22   H  N N 149 
GLN HXT    H  N N 150 
GLU N      N  N N 151 
GLU CA     C  N S 152 
GLU C      C  N N 153 
GLU O      O  N N 154 
GLU CB     C  N N 155 
GLU CG     C  N N 156 
GLU CD     C  N N 157 
GLU OE1    O  N N 158 
GLU OE2    O  N N 159 
GLU OXT    O  N N 160 
GLU H      H  N N 161 
GLU H2     H  N N 162 
GLU HA     H  N N 163 
GLU HB2    H  N N 164 
GLU HB3    H  N N 165 
GLU HG2    H  N N 166 
GLU HG3    H  N N 167 
GLU HE2    H  N N 168 
GLU HXT    H  N N 169 
GLY N      N  N N 170 
GLY CA     C  N N 171 
GLY C      C  N N 172 
GLY O      O  N N 173 
GLY OXT    O  N N 174 
GLY H      H  N N 175 
GLY H2     H  N N 176 
GLY HA2    H  N N 177 
GLY HA3    H  N N 178 
GLY HXT    H  N N 179 
HIS N      N  N N 180 
HIS CA     C  N S 181 
HIS C      C  N N 182 
HIS O      O  N N 183 
HIS CB     C  N N 184 
HIS CG     C  Y N 185 
HIS ND1    N  Y N 186 
HIS CD2    C  Y N 187 
HIS CE1    C  Y N 188 
HIS NE2    N  Y N 189 
HIS OXT    O  N N 190 
HIS H      H  N N 191 
HIS H2     H  N N 192 
HIS HA     H  N N 193 
HIS HB2    H  N N 194 
HIS HB3    H  N N 195 
HIS HD1    H  N N 196 
HIS HD2    H  N N 197 
HIS HE1    H  N N 198 
HIS HE2    H  N N 199 
HIS HXT    H  N N 200 
HOH O      O  N N 201 
HOH H1     H  N N 202 
HOH H2     H  N N 203 
ILE N      N  N N 204 
ILE CA     C  N S 205 
ILE C      C  N N 206 
ILE O      O  N N 207 
ILE CB     C  N S 208 
ILE CG1    C  N N 209 
ILE CG2    C  N N 210 
ILE CD1    C  N N 211 
ILE OXT    O  N N 212 
ILE H      H  N N 213 
ILE H2     H  N N 214 
ILE HA     H  N N 215 
ILE HB     H  N N 216 
ILE HG12   H  N N 217 
ILE HG13   H  N N 218 
ILE HG21   H  N N 219 
ILE HG22   H  N N 220 
ILE HG23   H  N N 221 
ILE HD11   H  N N 222 
ILE HD12   H  N N 223 
ILE HD13   H  N N 224 
ILE HXT    H  N N 225 
LEU N      N  N N 226 
LEU CA     C  N S 227 
LEU C      C  N N 228 
LEU O      O  N N 229 
LEU CB     C  N N 230 
LEU CG     C  N N 231 
LEU CD1    C  N N 232 
LEU CD2    C  N N 233 
LEU OXT    O  N N 234 
LEU H      H  N N 235 
LEU H2     H  N N 236 
LEU HA     H  N N 237 
LEU HB2    H  N N 238 
LEU HB3    H  N N 239 
LEU HG     H  N N 240 
LEU HD11   H  N N 241 
LEU HD12   H  N N 242 
LEU HD13   H  N N 243 
LEU HD21   H  N N 244 
LEU HD22   H  N N 245 
LEU HD23   H  N N 246 
LEU HXT    H  N N 247 
LYS N      N  N N 248 
LYS CA     C  N S 249 
LYS C      C  N N 250 
LYS O      O  N N 251 
LYS CB     C  N N 252 
LYS CG     C  N N 253 
LYS CD     C  N N 254 
LYS CE     C  N N 255 
LYS NZ     N  N N 256 
LYS OXT    O  N N 257 
LYS H      H  N N 258 
LYS H2     H  N N 259 
LYS HA     H  N N 260 
LYS HB2    H  N N 261 
LYS HB3    H  N N 262 
LYS HG2    H  N N 263 
LYS HG3    H  N N 264 
LYS HD2    H  N N 265 
LYS HD3    H  N N 266 
LYS HE2    H  N N 267 
LYS HE3    H  N N 268 
LYS HZ1    H  N N 269 
LYS HZ2    H  N N 270 
LYS HZ3    H  N N 271 
LYS HXT    H  N N 272 
MET N      N  N N 273 
MET CA     C  N S 274 
MET C      C  N N 275 
MET O      O  N N 276 
MET CB     C  N N 277 
MET CG     C  N N 278 
MET SD     S  N N 279 
MET CE     C  N N 280 
MET OXT    O  N N 281 
MET H      H  N N 282 
MET H2     H  N N 283 
MET HA     H  N N 284 
MET HB2    H  N N 285 
MET HB3    H  N N 286 
MET HG2    H  N N 287 
MET HG3    H  N N 288 
MET HE1    H  N N 289 
MET HE2    H  N N 290 
MET HE3    H  N N 291 
MET HXT    H  N N 292 
MG  MG     MG N N 293 
PHE N      N  N N 294 
PHE CA     C  N S 295 
PHE C      C  N N 296 
PHE O      O  N N 297 
PHE CB     C  N N 298 
PHE CG     C  Y N 299 
PHE CD1    C  Y N 300 
PHE CD2    C  Y N 301 
PHE CE1    C  Y N 302 
PHE CE2    C  Y N 303 
PHE CZ     C  Y N 304 
PHE OXT    O  N N 305 
PHE H      H  N N 306 
PHE H2     H  N N 307 
PHE HA     H  N N 308 
PHE HB2    H  N N 309 
PHE HB3    H  N N 310 
PHE HD1    H  N N 311 
PHE HD2    H  N N 312 
PHE HE1    H  N N 313 
PHE HE2    H  N N 314 
PHE HZ     H  N N 315 
PHE HXT    H  N N 316 
PRO N      N  N N 317 
PRO CA     C  N S 318 
PRO C      C  N N 319 
PRO O      O  N N 320 
PRO CB     C  N N 321 
PRO CG     C  N N 322 
PRO CD     C  N N 323 
PRO OXT    O  N N 324 
PRO H      H  N N 325 
PRO HA     H  N N 326 
PRO HB2    H  N N 327 
PRO HB3    H  N N 328 
PRO HG2    H  N N 329 
PRO HG3    H  N N 330 
PRO HD2    H  N N 331 
PRO HD3    H  N N 332 
PRO HXT    H  N N 333 
SER N      N  N N 334 
SER CA     C  N S 335 
SER C      C  N N 336 
SER O      O  N N 337 
SER CB     C  N N 338 
SER OG     O  N N 339 
SER OXT    O  N N 340 
SER H      H  N N 341 
SER H2     H  N N 342 
SER HA     H  N N 343 
SER HB2    H  N N 344 
SER HB3    H  N N 345 
SER HG     H  N N 346 
SER HXT    H  N N 347 
THR N      N  N N 348 
THR CA     C  N S 349 
THR C      C  N N 350 
THR O      O  N N 351 
THR CB     C  N R 352 
THR OG1    O  N N 353 
THR CG2    C  N N 354 
THR OXT    O  N N 355 
THR H      H  N N 356 
THR H2     H  N N 357 
THR HA     H  N N 358 
THR HB     H  N N 359 
THR HG1    H  N N 360 
THR HG21   H  N N 361 
THR HG22   H  N N 362 
THR HG23   H  N N 363 
THR HXT    H  N N 364 
TRP N      N  N N 365 
TRP CA     C  N S 366 
TRP C      C  N N 367 
TRP O      O  N N 368 
TRP CB     C  N N 369 
TRP CG     C  Y N 370 
TRP CD1    C  Y N 371 
TRP CD2    C  Y N 372 
TRP NE1    N  Y N 373 
TRP CE2    C  Y N 374 
TRP CE3    C  Y N 375 
TRP CZ2    C  Y N 376 
TRP CZ3    C  Y N 377 
TRP CH2    C  Y N 378 
TRP OXT    O  N N 379 
TRP H      H  N N 380 
TRP H2     H  N N 381 
TRP HA     H  N N 382 
TRP HB2    H  N N 383 
TRP HB3    H  N N 384 
TRP HD1    H  N N 385 
TRP HE1    H  N N 386 
TRP HE3    H  N N 387 
TRP HZ2    H  N N 388 
TRP HZ3    H  N N 389 
TRP HH2    H  N N 390 
TRP HXT    H  N N 391 
TYR N      N  N N 392 
TYR CA     C  N S 393 
TYR C      C  N N 394 
TYR O      O  N N 395 
TYR CB     C  N N 396 
TYR CG     C  Y N 397 
TYR CD1    C  Y N 398 
TYR CD2    C  Y N 399 
TYR CE1    C  Y N 400 
TYR CE2    C  Y N 401 
TYR CZ     C  Y N 402 
TYR OH     O  N N 403 
TYR OXT    O  N N 404 
TYR H      H  N N 405 
TYR H2     H  N N 406 
TYR HA     H  N N 407 
TYR HB2    H  N N 408 
TYR HB3    H  N N 409 
TYR HD1    H  N N 410 
TYR HD2    H  N N 411 
TYR HE1    H  N N 412 
TYR HE2    H  N N 413 
TYR HH     H  N N 414 
TYR HXT    H  N N 415 
VAL N      N  N N 416 
VAL CA     C  N S 417 
VAL C      C  N N 418 
VAL O      O  N N 419 
VAL CB     C  N N 420 
VAL CG1    C  N N 421 
VAL CG2    C  N N 422 
VAL OXT    O  N N 423 
VAL H      H  N N 424 
VAL H2     H  N N 425 
VAL HA     H  N N 426 
VAL HB     H  N N 427 
VAL HG11   H  N N 428 
VAL HG12   H  N N 429 
VAL HG13   H  N N 430 
VAL HG21   H  N N 431 
VAL HG22   H  N N 432 
VAL HG23   H  N N 433 
VAL HXT    H  N N 434 
# 
loop_
_chem_comp_bond.comp_id 
_chem_comp_bond.atom_id_1 
_chem_comp_bond.atom_id_2 
_chem_comp_bond.value_order 
_chem_comp_bond.pdbx_aromatic_flag 
_chem_comp_bond.pdbx_stereo_config 
_chem_comp_bond.pdbx_ordinal 
ALA N     CA     sing N N 1   
ALA N     H      sing N N 2   
ALA N     H2     sing N N 3   
ALA CA    C      sing N N 4   
ALA CA    CB     sing N N 5   
ALA CA    HA     sing N N 6   
ALA C     O      doub N N 7   
ALA C     OXT    sing N N 8   
ALA CB    HB1    sing N N 9   
ALA CB    HB2    sing N N 10  
ALA CB    HB3    sing N N 11  
ALA OXT   HXT    sing N N 12  
ARG N     CA     sing N N 13  
ARG N     H      sing N N 14  
ARG N     H2     sing N N 15  
ARG CA    C      sing N N 16  
ARG CA    CB     sing N N 17  
ARG CA    HA     sing N N 18  
ARG C     O      doub N N 19  
ARG C     OXT    sing N N 20  
ARG CB    CG     sing N N 21  
ARG CB    HB2    sing N N 22  
ARG CB    HB3    sing N N 23  
ARG CG    CD     sing N N 24  
ARG CG    HG2    sing N N 25  
ARG CG    HG3    sing N N 26  
ARG CD    NE     sing N N 27  
ARG CD    HD2    sing N N 28  
ARG CD    HD3    sing N N 29  
ARG NE    CZ     sing N N 30  
ARG NE    HE     sing N N 31  
ARG CZ    NH1    sing N N 32  
ARG CZ    NH2    doub N N 33  
ARG NH1   HH11   sing N N 34  
ARG NH1   HH12   sing N N 35  
ARG NH2   HH21   sing N N 36  
ARG NH2   HH22   sing N N 37  
ARG OXT   HXT    sing N N 38  
ASN N     CA     sing N N 39  
ASN N     H      sing N N 40  
ASN N     H2     sing N N 41  
ASN CA    C      sing N N 42  
ASN CA    CB     sing N N 43  
ASN CA    HA     sing N N 44  
ASN C     O      doub N N 45  
ASN C     OXT    sing N N 46  
ASN CB    CG     sing N N 47  
ASN CB    HB2    sing N N 48  
ASN CB    HB3    sing N N 49  
ASN CG    OD1    doub N N 50  
ASN CG    ND2    sing N N 51  
ASN ND2   HD21   sing N N 52  
ASN ND2   HD22   sing N N 53  
ASN OXT   HXT    sing N N 54  
ASP N     CA     sing N N 55  
ASP N     H      sing N N 56  
ASP N     H2     sing N N 57  
ASP CA    C      sing N N 58  
ASP CA    CB     sing N N 59  
ASP CA    HA     sing N N 60  
ASP C     O      doub N N 61  
ASP C     OXT    sing N N 62  
ASP CB    CG     sing N N 63  
ASP CB    HB2    sing N N 64  
ASP CB    HB3    sing N N 65  
ASP CG    OD1    doub N N 66  
ASP CG    OD2    sing N N 67  
ASP OD2   HD2    sing N N 68  
ASP OXT   HXT    sing N N 69  
CYS N     CA     sing N N 70  
CYS N     H      sing N N 71  
CYS N     H2     sing N N 72  
CYS CA    C      sing N N 73  
CYS CA    CB     sing N N 74  
CYS CA    HA     sing N N 75  
CYS C     O      doub N N 76  
CYS C     OXT    sing N N 77  
CYS CB    SG     sing N N 78  
CYS CB    HB2    sing N N 79  
CYS CB    HB3    sing N N 80  
CYS SG    HG     sing N N 81  
CYS OXT   HXT    sing N N 82  
GDP PB    O1B    doub N N 83  
GDP PB    O2B    sing N N 84  
GDP PB    O3B    sing N N 85  
GDP PB    O3A    sing N N 86  
GDP O2B   HOB2   sing N N 87  
GDP O3B   HOB3   sing N N 88  
GDP O3A   PA     sing N N 89  
GDP PA    O1A    doub N N 90  
GDP PA    O2A    sing N N 91  
GDP PA    "O5'"  sing N N 92  
GDP O2A   HOA2   sing N N 93  
GDP "O5'" "C5'"  sing N N 94  
GDP "C5'" "C4'"  sing N N 95  
GDP "C5'" "H5'"  sing N N 96  
GDP "C5'" "H5''" sing N N 97  
GDP "C4'" "O4'"  sing N N 98  
GDP "C4'" "C3'"  sing N N 99  
GDP "C4'" "H4'"  sing N N 100 
GDP "O4'" "C1'"  sing N N 101 
GDP "C3'" "O3'"  sing N N 102 
GDP "C3'" "C2'"  sing N N 103 
GDP "C3'" "H3'"  sing N N 104 
GDP "O3'" "HO3'" sing N N 105 
GDP "C2'" "O2'"  sing N N 106 
GDP "C2'" "C1'"  sing N N 107 
GDP "C2'" "H2'"  sing N N 108 
GDP "O2'" "HO2'" sing N N 109 
GDP "C1'" N9     sing N N 110 
GDP "C1'" "H1'"  sing N N 111 
GDP N9    C8     sing Y N 112 
GDP N9    C4     sing Y N 113 
GDP C8    N7     doub Y N 114 
GDP C8    H8     sing N N 115 
GDP N7    C5     sing Y N 116 
GDP C5    C6     sing N N 117 
GDP C5    C4     doub Y N 118 
GDP C6    O6     doub N N 119 
GDP C6    N1     sing N N 120 
GDP N1    C2     sing N N 121 
GDP N1    HN1    sing N N 122 
GDP C2    N2     sing N N 123 
GDP C2    N3     doub N N 124 
GDP N2    HN21   sing N N 125 
GDP N2    HN22   sing N N 126 
GDP N3    C4     sing N N 127 
GLN N     CA     sing N N 128 
GLN N     H      sing N N 129 
GLN N     H2     sing N N 130 
GLN CA    C      sing N N 131 
GLN CA    CB     sing N N 132 
GLN CA    HA     sing N N 133 
GLN C     O      doub N N 134 
GLN C     OXT    sing N N 135 
GLN CB    CG     sing N N 136 
GLN CB    HB2    sing N N 137 
GLN CB    HB3    sing N N 138 
GLN CG    CD     sing N N 139 
GLN CG    HG2    sing N N 140 
GLN CG    HG3    sing N N 141 
GLN CD    OE1    doub N N 142 
GLN CD    NE2    sing N N 143 
GLN NE2   HE21   sing N N 144 
GLN NE2   HE22   sing N N 145 
GLN OXT   HXT    sing N N 146 
GLU N     CA     sing N N 147 
GLU N     H      sing N N 148 
GLU N     H2     sing N N 149 
GLU CA    C      sing N N 150 
GLU CA    CB     sing N N 151 
GLU CA    HA     sing N N 152 
GLU C     O      doub N N 153 
GLU C     OXT    sing N N 154 
GLU CB    CG     sing N N 155 
GLU CB    HB2    sing N N 156 
GLU CB    HB3    sing N N 157 
GLU CG    CD     sing N N 158 
GLU CG    HG2    sing N N 159 
GLU CG    HG3    sing N N 160 
GLU CD    OE1    doub N N 161 
GLU CD    OE2    sing N N 162 
GLU OE2   HE2    sing N N 163 
GLU OXT   HXT    sing N N 164 
GLY N     CA     sing N N 165 
GLY N     H      sing N N 166 
GLY N     H2     sing N N 167 
GLY CA    C      sing N N 168 
GLY CA    HA2    sing N N 169 
GLY CA    HA3    sing N N 170 
GLY C     O      doub N N 171 
GLY C     OXT    sing N N 172 
GLY OXT   HXT    sing N N 173 
HIS N     CA     sing N N 174 
HIS N     H      sing N N 175 
HIS N     H2     sing N N 176 
HIS CA    C      sing N N 177 
HIS CA    CB     sing N N 178 
HIS CA    HA     sing N N 179 
HIS C     O      doub N N 180 
HIS C     OXT    sing N N 181 
HIS CB    CG     sing N N 182 
HIS CB    HB2    sing N N 183 
HIS CB    HB3    sing N N 184 
HIS CG    ND1    sing Y N 185 
HIS CG    CD2    doub Y N 186 
HIS ND1   CE1    doub Y N 187 
HIS ND1   HD1    sing N N 188 
HIS CD2   NE2    sing Y N 189 
HIS CD2   HD2    sing N N 190 
HIS CE1   NE2    sing Y N 191 
HIS CE1   HE1    sing N N 192 
HIS NE2   HE2    sing N N 193 
HIS OXT   HXT    sing N N 194 
HOH O     H1     sing N N 195 
HOH O     H2     sing N N 196 
ILE N     CA     sing N N 197 
ILE N     H      sing N N 198 
ILE N     H2     sing N N 199 
ILE CA    C      sing N N 200 
ILE CA    CB     sing N N 201 
ILE CA    HA     sing N N 202 
ILE C     O      doub N N 203 
ILE C     OXT    sing N N 204 
ILE CB    CG1    sing N N 205 
ILE CB    CG2    sing N N 206 
ILE CB    HB     sing N N 207 
ILE CG1   CD1    sing N N 208 
ILE CG1   HG12   sing N N 209 
ILE CG1   HG13   sing N N 210 
ILE CG2   HG21   sing N N 211 
ILE CG2   HG22   sing N N 212 
ILE CG2   HG23   sing N N 213 
ILE CD1   HD11   sing N N 214 
ILE CD1   HD12   sing N N 215 
ILE CD1   HD13   sing N N 216 
ILE OXT   HXT    sing N N 217 
LEU N     CA     sing N N 218 
LEU N     H      sing N N 219 
LEU N     H2     sing N N 220 
LEU CA    C      sing N N 221 
LEU CA    CB     sing N N 222 
LEU CA    HA     sing N N 223 
LEU C     O      doub N N 224 
LEU C     OXT    sing N N 225 
LEU CB    CG     sing N N 226 
LEU CB    HB2    sing N N 227 
LEU CB    HB3    sing N N 228 
LEU CG    CD1    sing N N 229 
LEU CG    CD2    sing N N 230 
LEU CG    HG     sing N N 231 
LEU CD1   HD11   sing N N 232 
LEU CD1   HD12   sing N N 233 
LEU CD1   HD13   sing N N 234 
LEU CD2   HD21   sing N N 235 
LEU CD2   HD22   sing N N 236 
LEU CD2   HD23   sing N N 237 
LEU OXT   HXT    sing N N 238 
LYS N     CA     sing N N 239 
LYS N     H      sing N N 240 
LYS N     H2     sing N N 241 
LYS CA    C      sing N N 242 
LYS CA    CB     sing N N 243 
LYS CA    HA     sing N N 244 
LYS C     O      doub N N 245 
LYS C     OXT    sing N N 246 
LYS CB    CG     sing N N 247 
LYS CB    HB2    sing N N 248 
LYS CB    HB3    sing N N 249 
LYS CG    CD     sing N N 250 
LYS CG    HG2    sing N N 251 
LYS CG    HG3    sing N N 252 
LYS CD    CE     sing N N 253 
LYS CD    HD2    sing N N 254 
LYS CD    HD3    sing N N 255 
LYS CE    NZ     sing N N 256 
LYS CE    HE2    sing N N 257 
LYS CE    HE3    sing N N 258 
LYS NZ    HZ1    sing N N 259 
LYS NZ    HZ2    sing N N 260 
LYS NZ    HZ3    sing N N 261 
LYS OXT   HXT    sing N N 262 
MET N     CA     sing N N 263 
MET N     H      sing N N 264 
MET N     H2     sing N N 265 
MET CA    C      sing N N 266 
MET CA    CB     sing N N 267 
MET CA    HA     sing N N 268 
MET C     O      doub N N 269 
MET C     OXT    sing N N 270 
MET CB    CG     sing N N 271 
MET CB    HB2    sing N N 272 
MET CB    HB3    sing N N 273 
MET CG    SD     sing N N 274 
MET CG    HG2    sing N N 275 
MET CG    HG3    sing N N 276 
MET SD    CE     sing N N 277 
MET CE    HE1    sing N N 278 
MET CE    HE2    sing N N 279 
MET CE    HE3    sing N N 280 
MET OXT   HXT    sing N N 281 
PHE N     CA     sing N N 282 
PHE N     H      sing N N 283 
PHE N     H2     sing N N 284 
PHE CA    C      sing N N 285 
PHE CA    CB     sing N N 286 
PHE CA    HA     sing N N 287 
PHE C     O      doub N N 288 
PHE C     OXT    sing N N 289 
PHE CB    CG     sing N N 290 
PHE CB    HB2    sing N N 291 
PHE CB    HB3    sing N N 292 
PHE CG    CD1    doub Y N 293 
PHE CG    CD2    sing Y N 294 
PHE CD1   CE1    sing Y N 295 
PHE CD1   HD1    sing N N 296 
PHE CD2   CE2    doub Y N 297 
PHE CD2   HD2    sing N N 298 
PHE CE1   CZ     doub Y N 299 
PHE CE1   HE1    sing N N 300 
PHE CE2   CZ     sing Y N 301 
PHE CE2   HE2    sing N N 302 
PHE CZ    HZ     sing N N 303 
PHE OXT   HXT    sing N N 304 
PRO N     CA     sing N N 305 
PRO N     CD     sing N N 306 
PRO N     H      sing N N 307 
PRO CA    C      sing N N 308 
PRO CA    CB     sing N N 309 
PRO CA    HA     sing N N 310 
PRO C     O      doub N N 311 
PRO C     OXT    sing N N 312 
PRO CB    CG     sing N N 313 
PRO CB    HB2    sing N N 314 
PRO CB    HB3    sing N N 315 
PRO CG    CD     sing N N 316 
PRO CG    HG2    sing N N 317 
PRO CG    HG3    sing N N 318 
PRO CD    HD2    sing N N 319 
PRO CD    HD3    sing N N 320 
PRO OXT   HXT    sing N N 321 
SER N     CA     sing N N 322 
SER N     H      sing N N 323 
SER N     H2     sing N N 324 
SER CA    C      sing N N 325 
SER CA    CB     sing N N 326 
SER CA    HA     sing N N 327 
SER C     O      doub N N 328 
SER C     OXT    sing N N 329 
SER CB    OG     sing N N 330 
SER CB    HB2    sing N N 331 
SER CB    HB3    sing N N 332 
SER OG    HG     sing N N 333 
SER OXT   HXT    sing N N 334 
THR N     CA     sing N N 335 
THR N     H      sing N N 336 
THR N     H2     sing N N 337 
THR CA    C      sing N N 338 
THR CA    CB     sing N N 339 
THR CA    HA     sing N N 340 
THR C     O      doub N N 341 
THR C     OXT    sing N N 342 
THR CB    OG1    sing N N 343 
THR CB    CG2    sing N N 344 
THR CB    HB     sing N N 345 
THR OG1   HG1    sing N N 346 
THR CG2   HG21   sing N N 347 
THR CG2   HG22   sing N N 348 
THR CG2   HG23   sing N N 349 
THR OXT   HXT    sing N N 350 
TRP N     CA     sing N N 351 
TRP N     H      sing N N 352 
TRP N     H2     sing N N 353 
TRP CA    C      sing N N 354 
TRP CA    CB     sing N N 355 
TRP CA    HA     sing N N 356 
TRP C     O      doub N N 357 
TRP C     OXT    sing N N 358 
TRP CB    CG     sing N N 359 
TRP CB    HB2    sing N N 360 
TRP CB    HB3    sing N N 361 
TRP CG    CD1    doub Y N 362 
TRP CG    CD2    sing Y N 363 
TRP CD1   NE1    sing Y N 364 
TRP CD1   HD1    sing N N 365 
TRP CD2   CE2    doub Y N 366 
TRP CD2   CE3    sing Y N 367 
TRP NE1   CE2    sing Y N 368 
TRP NE1   HE1    sing N N 369 
TRP CE2   CZ2    sing Y N 370 
TRP CE3   CZ3    doub Y N 371 
TRP CE3   HE3    sing N N 372 
TRP CZ2   CH2    doub Y N 373 
TRP CZ2   HZ2    sing N N 374 
TRP CZ3   CH2    sing Y N 375 
TRP CZ3   HZ3    sing N N 376 
TRP CH2   HH2    sing N N 377 
TRP OXT   HXT    sing N N 378 
TYR N     CA     sing N N 379 
TYR N     H      sing N N 380 
TYR N     H2     sing N N 381 
TYR CA    C      sing N N 382 
TYR CA    CB     sing N N 383 
TYR CA    HA     sing N N 384 
TYR C     O      doub N N 385 
TYR C     OXT    sing N N 386 
TYR CB    CG     sing N N 387 
TYR CB    HB2    sing N N 388 
TYR CB    HB3    sing N N 389 
TYR CG    CD1    doub Y N 390 
TYR CG    CD2    sing Y N 391 
TYR CD1   CE1    sing Y N 392 
TYR CD1   HD1    sing N N 393 
TYR CD2   CE2    doub Y N 394 
TYR CD2   HD2    sing N N 395 
TYR CE1   CZ     doub Y N 396 
TYR CE1   HE1    sing N N 397 
TYR CE2   CZ     sing Y N 398 
TYR CE2   HE2    sing N N 399 
TYR CZ    OH     sing N N 400 
TYR OH    HH     sing N N 401 
TYR OXT   HXT    sing N N 402 
VAL N     CA     sing N N 403 
VAL N     H      sing N N 404 
VAL N     H2     sing N N 405 
VAL CA    C      sing N N 406 
VAL CA    CB     sing N N 407 
VAL CA    HA     sing N N 408 
VAL C     O      doub N N 409 
VAL C     OXT    sing N N 410 
VAL CB    CG1    sing N N 411 
VAL CB    CG2    sing N N 412 
VAL CB    HB     sing N N 413 
VAL CG1   HG11   sing N N 414 
VAL CG1   HG12   sing N N 415 
VAL CG1   HG13   sing N N 416 
VAL CG2   HG21   sing N N 417 
VAL CG2   HG22   sing N N 418 
VAL CG2   HG23   sing N N 419 
VAL OXT   HXT    sing N N 420 
# 
loop_
_pdbx_entity_nonpoly.entity_id 
_pdbx_entity_nonpoly.name 
_pdbx_entity_nonpoly.comp_id 
2 'MAGNESIUM ION'            MG  
3 "GUANOSINE-5'-DIPHOSPHATE" GDP 
4 water                      HOH 
# 
_pdbx_initial_refinement_model.id               1 
_pdbx_initial_refinement_model.entity_id_list   ? 
_pdbx_initial_refinement_model.type             'experimental model' 
_pdbx_initial_refinement_model.source_name      PDB 
_pdbx_initial_refinement_model.accession_code   2F9L 
_pdbx_initial_refinement_model.details          'PDB entry 2F9L' 
# 
